data_6Y96
#
_entry.id   6Y96
#
_entity_poly.entity_id   1
_entity_poly.type   'polypeptide(L)'
_entity_poly.pdbx_seq_one_letter_code
;GAKGDLVSFRIDESGRAACVNAVRQKKRATVDSIKGQFGFLNFEVEDGKKLFFHMSEVQGNTVALHPGDTVEFSVVTNQR
NGKSSACNVLKIND
;
_entity_poly.pdbx_strand_id   A
#
# COMPACT_ATOMS: atom_id res chain seq x y z
N GLY A 1 -4.45 11.78 -25.50
CA GLY A 1 -4.25 11.79 -24.06
C GLY A 1 -4.21 10.40 -23.48
N ALA A 2 -3.85 10.28 -22.23
CA ALA A 2 -3.78 8.99 -21.57
C ALA A 2 -5.08 8.65 -20.88
N LYS A 3 -5.67 7.53 -21.27
CA LYS A 3 -6.87 7.04 -20.60
C LYS A 3 -6.50 5.98 -19.59
N GLY A 4 -6.76 6.26 -18.32
CA GLY A 4 -6.43 5.31 -17.27
C GLY A 4 -7.48 4.23 -17.12
N ASP A 5 -7.76 3.53 -18.22
CA ASP A 5 -8.76 2.48 -18.22
C ASP A 5 -8.23 1.23 -17.55
N LEU A 6 -9.12 0.47 -16.94
CA LEU A 6 -8.74 -0.73 -16.22
C LEU A 6 -9.25 -1.97 -16.94
N VAL A 7 -8.73 -3.12 -16.54
CA VAL A 7 -9.21 -4.39 -17.07
C VAL A 7 -9.72 -5.26 -15.93
N SER A 8 -10.94 -5.77 -16.09
CA SER A 8 -11.61 -6.53 -15.03
C SER A 8 -11.08 -7.96 -14.96
N PHE A 9 -9.81 -8.13 -15.26
CA PHE A 9 -9.19 -9.44 -15.30
C PHE A 9 -8.30 -9.67 -14.07
N ARG A 10 -7.44 -8.71 -13.75
CA ARG A 10 -6.49 -8.89 -12.66
C ARG A 10 -6.28 -7.59 -11.90
N ILE A 11 -6.70 -7.57 -10.64
CA ILE A 11 -6.43 -6.46 -9.74
C ILE A 11 -5.85 -7.02 -8.44
N ASP A 12 -5.01 -6.24 -7.76
CA ASP A 12 -4.33 -6.72 -6.55
C ASP A 12 -5.29 -6.98 -5.40
N GLU A 13 -6.32 -6.15 -5.27
CA GLU A 13 -7.26 -6.27 -4.15
C GLU A 13 -8.09 -7.56 -4.24
N SER A 14 -7.97 -8.25 -5.37
CA SER A 14 -8.62 -9.53 -5.56
C SER A 14 -7.83 -10.63 -4.86
N GLY A 15 -6.73 -10.25 -4.23
CA GLY A 15 -5.91 -11.21 -3.53
C GLY A 15 -4.90 -11.85 -4.43
N ARG A 16 -4.08 -11.03 -5.06
CA ARG A 16 -3.06 -11.54 -5.96
C ARG A 16 -1.87 -12.08 -5.20
N ALA A 17 -1.85 -13.39 -5.04
CA ALA A 17 -0.72 -14.08 -4.43
C ALA A 17 0.34 -14.43 -5.48
N ALA A 18 -0.09 -14.49 -6.74
CA ALA A 18 0.79 -14.91 -7.83
C ALA A 18 1.87 -13.87 -8.10
N CYS A 19 1.54 -12.62 -7.82
CA CYS A 19 2.52 -11.55 -7.90
C CYS A 19 2.37 -10.66 -6.68
N VAL A 20 3.48 -10.39 -6.02
CA VAL A 20 3.47 -9.61 -4.79
C VAL A 20 4.89 -9.25 -4.40
N ASN A 21 5.06 -8.15 -3.69
CA ASN A 21 6.39 -7.71 -3.26
C ASN A 21 6.82 -8.42 -2.00
N ALA A 22 5.94 -8.46 -1.00
CA ALA A 22 6.25 -9.10 0.27
C ALA A 22 5.68 -10.52 0.31
N VAL A 23 6.31 -11.41 1.06
CA VAL A 23 5.87 -12.81 1.17
C VAL A 23 4.46 -12.89 1.77
N ARG A 24 3.46 -12.95 0.88
CA ARG A 24 2.02 -12.99 1.23
C ARG A 24 1.66 -12.01 2.36
N GLN A 25 2.44 -10.95 2.50
CA GLN A 25 2.30 -10.06 3.64
C GLN A 25 1.58 -8.77 3.26
N LYS A 26 0.42 -8.91 2.63
CA LYS A 26 -0.42 -7.76 2.37
C LYS A 26 -1.19 -7.39 3.64
N LYS A 27 -0.88 -6.23 4.18
CA LYS A 27 -1.55 -5.73 5.37
C LYS A 27 -2.61 -4.72 4.98
N ARG A 28 -3.60 -4.55 5.85
CA ARG A 28 -4.62 -3.56 5.63
C ARG A 28 -4.74 -2.64 6.83
N ALA A 29 -4.70 -1.35 6.56
CA ALA A 29 -4.77 -0.33 7.59
C ALA A 29 -5.25 0.98 6.98
N THR A 30 -5.38 1.99 7.80
CA THR A 30 -5.86 3.27 7.34
C THR A 30 -4.71 4.25 7.23
N VAL A 31 -4.75 5.11 6.22
CA VAL A 31 -3.73 6.13 6.05
C VAL A 31 -3.76 7.09 7.24
N ASP A 32 -2.65 7.14 7.93
CA ASP A 32 -2.51 7.98 9.10
C ASP A 32 -2.30 9.43 8.67
N SER A 33 -1.43 9.61 7.66
CA SER A 33 -1.10 10.93 7.14
C SER A 33 -0.48 10.82 5.75
N ILE A 34 -0.42 11.93 5.03
CA ILE A 34 0.23 11.98 3.74
C ILE A 34 0.98 13.30 3.58
N LYS A 35 2.24 13.21 3.19
CA LYS A 35 3.11 14.35 3.04
C LYS A 35 3.71 14.40 1.64
N GLY A 36 3.19 15.30 0.81
CA GLY A 36 3.68 15.44 -0.55
C GLY A 36 3.51 14.17 -1.36
N GLN A 37 4.63 13.50 -1.63
CA GLN A 37 4.61 12.27 -2.43
C GLN A 37 4.69 11.05 -1.54
N PHE A 38 4.55 11.24 -0.24
CA PHE A 38 4.74 10.15 0.69
C PHE A 38 3.57 10.02 1.63
N GLY A 39 3.21 8.80 1.91
CA GLY A 39 2.10 8.56 2.79
C GLY A 39 2.52 7.71 3.95
N PHE A 40 1.76 7.79 5.03
CA PHE A 40 2.03 7.02 6.21
C PHE A 40 0.75 6.37 6.68
N LEU A 41 0.84 5.12 7.07
CA LEU A 41 -0.34 4.37 7.50
C LEU A 41 -0.28 4.13 8.98
N ASN A 42 -1.43 3.95 9.61
CA ASN A 42 -1.47 3.69 11.03
C ASN A 42 -1.03 2.26 11.32
N PHE A 43 0.26 2.05 11.17
CA PHE A 43 0.88 0.76 11.41
C PHE A 43 2.29 0.98 11.94
N GLU A 44 2.43 0.92 13.25
CA GLU A 44 3.72 1.14 13.90
C GLU A 44 4.51 -0.17 13.94
N VAL A 45 5.58 -0.23 13.15
CA VAL A 45 6.36 -1.45 13.01
C VAL A 45 7.29 -1.68 14.20
N GLU A 46 7.86 -0.60 14.73
CA GLU A 46 8.81 -0.68 15.82
C GLU A 46 8.83 0.63 16.60
N ASP A 47 8.58 0.56 17.91
CA ASP A 47 8.75 1.72 18.80
C ASP A 47 7.84 2.89 18.40
N GLY A 48 6.89 2.61 17.53
CA GLY A 48 6.03 3.67 17.02
C GLY A 48 6.44 4.16 15.64
N LYS A 49 7.19 3.33 14.91
CA LYS A 49 7.61 3.67 13.56
C LYS A 49 6.40 3.64 12.63
N LYS A 50 6.00 4.80 12.17
CA LYS A 50 4.86 4.90 11.27
C LYS A 50 5.24 4.35 9.90
N LEU A 51 4.42 3.45 9.38
CA LEU A 51 4.67 2.86 8.07
C LEU A 51 4.56 3.90 6.97
N PHE A 52 5.63 4.06 6.19
CA PHE A 52 5.63 5.02 5.11
C PHE A 52 5.50 4.32 3.76
N PHE A 53 5.06 5.07 2.77
CA PHE A 53 4.99 4.58 1.41
C PHE A 53 5.13 5.76 0.45
N HIS A 54 5.60 5.50 -0.75
CA HIS A 54 5.70 6.54 -1.76
C HIS A 54 4.47 6.49 -2.67
N MET A 55 4.09 7.62 -3.24
CA MET A 55 2.92 7.72 -4.10
C MET A 55 3.05 6.90 -5.37
N SER A 56 4.20 6.26 -5.58
CA SER A 56 4.39 5.42 -6.75
C SER A 56 3.80 4.04 -6.48
N GLU A 57 3.73 3.66 -5.21
CA GLU A 57 3.13 2.40 -4.82
C GLU A 57 1.61 2.53 -4.70
N VAL A 58 1.14 3.77 -4.83
CA VAL A 58 -0.27 4.10 -4.68
C VAL A 58 -1.12 3.59 -5.85
N GLN A 59 -2.39 3.33 -5.54
CA GLN A 59 -3.34 2.77 -6.48
C GLN A 59 -3.63 3.71 -7.65
N GLY A 60 -2.96 3.46 -8.78
CA GLY A 60 -3.25 4.18 -10.01
C GLY A 60 -2.76 5.61 -9.99
N ASN A 61 -3.58 6.50 -9.44
CA ASN A 61 -3.26 7.91 -9.44
C ASN A 61 -2.85 8.36 -8.04
N THR A 62 -1.88 9.25 -7.99
CA THR A 62 -1.33 9.72 -6.72
C THR A 62 -2.36 10.54 -5.95
N VAL A 63 -3.33 11.07 -6.66
CA VAL A 63 -4.39 11.88 -6.05
C VAL A 63 -5.61 11.00 -5.73
N ALA A 64 -5.50 9.71 -6.01
CA ALA A 64 -6.64 8.80 -5.81
C ALA A 64 -6.59 8.17 -4.42
N LEU A 65 -5.47 8.30 -3.74
CA LEU A 65 -5.33 7.76 -2.40
C LEU A 65 -5.25 8.91 -1.39
N HIS A 66 -6.13 8.90 -0.41
CA HIS A 66 -6.26 10.03 0.52
C HIS A 66 -5.93 9.60 1.95
N PRO A 67 -5.41 10.53 2.77
CA PRO A 67 -5.18 10.28 4.20
C PRO A 67 -6.48 10.08 4.96
N GLY A 68 -6.51 9.07 5.82
CA GLY A 68 -7.72 8.77 6.57
C GLY A 68 -8.58 7.75 5.87
N ASP A 69 -8.15 7.32 4.70
CA ASP A 69 -8.88 6.29 3.95
C ASP A 69 -8.26 4.93 4.23
N THR A 70 -9.06 3.89 4.08
CA THR A 70 -8.58 2.54 4.28
C THR A 70 -7.82 2.08 3.05
N VAL A 71 -6.68 1.44 3.26
CA VAL A 71 -5.85 0.99 2.16
C VAL A 71 -5.34 -0.41 2.41
N GLU A 72 -4.91 -1.04 1.34
CA GLU A 72 -4.23 -2.32 1.43
C GLU A 72 -2.80 -2.12 0.97
N PHE A 73 -1.87 -2.74 1.65
CA PHE A 73 -0.45 -2.53 1.36
C PHE A 73 0.32 -3.78 1.67
N SER A 74 1.62 -3.75 1.45
CA SER A 74 2.47 -4.88 1.73
C SER A 74 3.64 -4.42 2.55
N VAL A 75 3.71 -4.91 3.78
CA VAL A 75 4.74 -4.47 4.70
C VAL A 75 6.03 -5.26 4.50
N VAL A 76 6.98 -4.64 3.83
CA VAL A 76 8.28 -5.25 3.62
C VAL A 76 9.32 -4.58 4.50
N THR A 77 9.96 -5.36 5.35
CA THR A 77 10.95 -4.85 6.28
C THR A 77 12.28 -4.63 5.59
N ASN A 78 12.82 -3.43 5.75
CA ASN A 78 14.13 -3.09 5.24
C ASN A 78 15.19 -3.86 5.99
N GLN A 79 15.70 -4.91 5.38
CA GLN A 79 16.71 -5.76 6.05
C GLN A 79 18.00 -4.98 6.32
N ARG A 80 18.07 -3.77 5.78
CA ARG A 80 19.23 -2.93 5.96
C ARG A 80 19.05 -1.99 7.17
N ASN A 81 17.84 -1.46 7.34
CA ASN A 81 17.61 -0.42 8.35
C ASN A 81 16.68 -0.89 9.47
N GLY A 82 15.89 -1.93 9.22
CA GLY A 82 15.03 -2.48 10.26
C GLY A 82 13.60 -1.97 10.20
N LYS A 83 13.41 -0.84 9.54
CA LYS A 83 12.07 -0.27 9.38
C LYS A 83 11.39 -0.97 8.22
N SER A 84 10.13 -0.67 7.98
CA SER A 84 9.43 -1.30 6.88
C SER A 84 8.76 -0.25 6.01
N SER A 85 8.15 -0.70 4.92
CA SER A 85 7.50 0.20 3.99
C SER A 85 6.27 -0.46 3.38
N ALA A 86 5.32 0.34 2.92
CA ALA A 86 4.12 -0.15 2.28
C ALA A 86 4.32 -0.20 0.78
N CYS A 87 4.23 -1.38 0.22
CA CYS A 87 4.36 -1.56 -1.21
C CYS A 87 3.06 -2.09 -1.76
N ASN A 88 2.69 -1.66 -2.96
CA ASN A 88 1.43 -2.08 -3.58
C ASN A 88 0.26 -1.58 -2.73
N VAL A 89 0.09 -0.26 -2.73
CA VAL A 89 -0.97 0.38 -1.95
C VAL A 89 -2.27 0.45 -2.75
N LEU A 90 -3.29 -0.22 -2.26
CA LEU A 90 -4.58 -0.26 -2.90
C LEU A 90 -5.62 0.51 -2.10
N LYS A 91 -6.58 1.09 -2.79
CA LYS A 91 -7.68 1.79 -2.12
C LYS A 91 -8.68 0.79 -1.57
N ILE A 92 -8.99 0.89 -0.29
CA ILE A 92 -9.96 0.00 0.32
C ILE A 92 -11.16 0.80 0.83
N ASN A 93 -12.36 0.26 0.64
CA ASN A 93 -13.58 0.95 1.08
C ASN A 93 -14.13 0.29 2.34
N ASP A 94 -14.35 1.09 3.37
CA ASP A 94 -14.93 0.62 4.61
C ASP A 94 -15.72 1.73 5.29
N GLY A 1 -4.29 -5.48 -26.76
CA GLY A 1 -3.24 -4.85 -27.51
C GLY A 1 -2.29 -4.07 -26.63
N ALA A 2 -2.82 -3.09 -25.92
CA ALA A 2 -2.02 -2.26 -25.03
C ALA A 2 -2.28 -2.63 -23.58
N LYS A 3 -1.23 -3.02 -22.87
CA LYS A 3 -1.36 -3.47 -21.50
C LYS A 3 -0.86 -2.42 -20.53
N GLY A 4 -1.77 -1.57 -20.08
CA GLY A 4 -1.44 -0.59 -19.05
C GLY A 4 -1.92 -1.05 -17.69
N ASP A 5 -2.99 -1.86 -17.72
CA ASP A 5 -3.54 -2.52 -16.52
C ASP A 5 -4.26 -1.56 -15.59
N LEU A 6 -4.26 -0.28 -15.92
CA LEU A 6 -4.99 0.70 -15.13
C LEU A 6 -6.44 0.77 -15.60
N VAL A 7 -7.24 -0.17 -15.13
CA VAL A 7 -8.65 -0.22 -15.49
C VAL A 7 -9.48 -0.62 -14.28
N SER A 8 -10.70 -0.08 -14.19
CA SER A 8 -11.56 -0.31 -13.04
C SER A 8 -12.27 -1.67 -13.14
N PHE A 9 -11.57 -2.67 -13.67
CA PHE A 9 -12.15 -3.98 -13.89
C PHE A 9 -11.33 -5.08 -13.21
N ARG A 10 -10.15 -4.73 -12.71
CA ARG A 10 -9.28 -5.74 -12.15
C ARG A 10 -9.04 -5.55 -10.66
N ILE A 11 -8.64 -6.64 -10.02
CA ILE A 11 -8.54 -6.68 -8.57
C ILE A 11 -7.18 -7.22 -8.13
N ASP A 12 -6.48 -6.46 -7.29
CA ASP A 12 -5.19 -6.88 -6.75
C ASP A 12 -5.37 -7.59 -5.42
N GLU A 13 -6.23 -7.04 -4.58
CA GLU A 13 -6.44 -7.54 -3.22
C GLU A 13 -6.91 -9.00 -3.20
N SER A 14 -7.33 -9.51 -4.36
CA SER A 14 -7.76 -10.89 -4.47
C SER A 14 -6.60 -11.84 -4.16
N GLY A 15 -5.37 -11.36 -4.41
CA GLY A 15 -4.19 -12.15 -4.10
C GLY A 15 -3.98 -13.29 -5.08
N ARG A 16 -3.86 -12.94 -6.35
CA ARG A 16 -3.62 -13.95 -7.37
C ARG A 16 -2.13 -14.19 -7.55
N ALA A 17 -1.74 -15.46 -7.59
CA ALA A 17 -0.33 -15.86 -7.69
C ALA A 17 0.40 -15.24 -8.88
N ALA A 18 -0.37 -14.70 -9.84
CA ALA A 18 0.22 -14.09 -11.03
C ALA A 18 0.98 -12.82 -10.66
N CYS A 19 0.72 -12.30 -9.46
CA CYS A 19 1.50 -11.21 -8.92
C CYS A 19 1.57 -11.38 -7.39
N VAL A 20 2.76 -11.29 -6.85
CA VAL A 20 2.95 -11.52 -5.43
C VAL A 20 4.08 -10.65 -4.90
N ASN A 21 3.90 -10.12 -3.70
CA ASN A 21 4.85 -9.17 -3.13
C ASN A 21 4.99 -9.36 -1.62
N ALA A 22 6.16 -8.97 -1.10
CA ALA A 22 6.46 -9.01 0.34
C ALA A 22 6.29 -10.42 0.90
N VAL A 23 6.39 -11.42 0.03
CA VAL A 23 6.10 -12.80 0.37
C VAL A 23 4.67 -12.91 0.89
N ARG A 24 3.70 -12.69 0.00
CA ARG A 24 2.26 -12.78 0.27
C ARG A 24 1.85 -12.04 1.55
N GLN A 25 2.57 -10.98 1.89
CA GLN A 25 2.30 -10.27 3.13
C GLN A 25 1.64 -8.92 2.86
N LYS A 26 0.35 -8.97 2.53
CA LYS A 26 -0.42 -7.75 2.27
C LYS A 26 -1.24 -7.37 3.49
N LYS A 27 -0.91 -6.23 4.08
CA LYS A 27 -1.61 -5.75 5.26
C LYS A 27 -2.66 -4.70 4.92
N ARG A 28 -3.71 -4.63 5.74
CA ARG A 28 -4.77 -3.63 5.58
C ARG A 28 -4.77 -2.67 6.77
N ALA A 29 -4.73 -1.37 6.49
CA ALA A 29 -4.77 -0.36 7.53
C ALA A 29 -5.26 0.97 6.96
N THR A 30 -5.36 1.97 7.82
CA THR A 30 -5.83 3.27 7.40
C THR A 30 -4.65 4.24 7.28
N VAL A 31 -4.75 5.18 6.34
CA VAL A 31 -3.72 6.19 6.16
C VAL A 31 -3.68 7.15 7.34
N ASP A 32 -2.52 7.21 7.96
CA ASP A 32 -2.30 8.09 9.11
C ASP A 32 -2.18 9.53 8.65
N SER A 33 -1.48 9.73 7.54
CA SER A 33 -1.28 11.05 6.96
C SER A 33 -0.62 10.90 5.60
N ILE A 34 -0.57 11.99 4.86
CA ILE A 34 0.10 12.02 3.57
C ILE A 34 0.91 13.30 3.45
N LYS A 35 2.18 13.13 3.16
CA LYS A 35 3.11 14.24 3.10
C LYS A 35 3.72 14.34 1.72
N GLY A 36 3.03 15.04 0.82
CA GLY A 36 3.53 15.22 -0.53
C GLY A 36 3.41 13.96 -1.36
N GLN A 37 4.55 13.38 -1.75
CA GLN A 37 4.56 12.18 -2.55
C GLN A 37 4.67 10.95 -1.66
N PHE A 38 4.47 11.14 -0.37
CA PHE A 38 4.66 10.06 0.58
C PHE A 38 3.47 9.97 1.52
N GLY A 39 3.08 8.76 1.81
CA GLY A 39 1.99 8.55 2.73
C GLY A 39 2.40 7.71 3.90
N PHE A 40 1.65 7.79 4.98
CA PHE A 40 1.94 7.01 6.16
C PHE A 40 0.66 6.33 6.63
N LEU A 41 0.79 5.18 7.24
CA LEU A 41 -0.37 4.41 7.66
C LEU A 41 -0.29 4.12 9.15
N ASN A 42 -1.43 3.86 9.76
CA ASN A 42 -1.46 3.54 11.18
C ASN A 42 -1.00 2.10 11.39
N PHE A 43 0.31 1.91 11.24
CA PHE A 43 0.92 0.62 11.39
C PHE A 43 2.34 0.81 11.94
N GLU A 44 2.49 0.64 13.25
CA GLU A 44 3.77 0.83 13.91
C GLU A 44 4.59 -0.46 13.87
N VAL A 45 5.57 -0.49 12.98
CA VAL A 45 6.33 -1.70 12.74
C VAL A 45 7.41 -1.95 13.78
N GLU A 46 7.96 -0.88 14.36
CA GLU A 46 9.06 -0.98 15.28
C GLU A 46 9.18 0.30 16.12
N ASP A 47 8.87 0.20 17.41
CA ASP A 47 9.08 1.30 18.36
C ASP A 47 8.38 2.58 17.90
N GLY A 48 7.20 2.44 17.32
CA GLY A 48 6.44 3.60 16.91
C GLY A 48 6.82 4.08 15.51
N LYS A 49 7.42 3.21 14.73
CA LYS A 49 7.75 3.54 13.35
C LYS A 49 6.49 3.55 12.52
N LYS A 50 6.07 4.74 12.10
CA LYS A 50 4.90 4.87 11.25
C LYS A 50 5.25 4.37 9.87
N LEU A 51 4.44 3.44 9.37
CA LEU A 51 4.67 2.87 8.05
C LEU A 51 4.54 3.94 6.98
N PHE A 52 5.55 4.04 6.12
CA PHE A 52 5.53 5.01 5.05
C PHE A 52 5.43 4.31 3.70
N PHE A 53 4.93 5.05 2.72
CA PHE A 53 4.87 4.55 1.36
C PHE A 53 5.08 5.70 0.39
N HIS A 54 5.67 5.41 -0.75
CA HIS A 54 5.82 6.39 -1.81
C HIS A 54 4.61 6.31 -2.73
N MET A 55 4.19 7.46 -3.26
CA MET A 55 3.01 7.53 -4.14
C MET A 55 3.13 6.65 -5.37
N SER A 56 4.33 6.13 -5.62
CA SER A 56 4.55 5.20 -6.71
C SER A 56 3.82 3.87 -6.44
N GLU A 57 3.63 3.57 -5.16
CA GLU A 57 2.93 2.35 -4.74
C GLU A 57 1.43 2.58 -4.72
N VAL A 58 1.04 3.84 -4.77
CA VAL A 58 -0.35 4.25 -4.64
C VAL A 58 -1.21 3.75 -5.82
N GLN A 59 -2.48 3.48 -5.51
CA GLN A 59 -3.45 2.95 -6.46
C GLN A 59 -3.69 3.93 -7.61
N GLY A 60 -3.08 3.63 -8.75
CA GLY A 60 -3.34 4.40 -9.96
C GLY A 60 -2.83 5.82 -9.91
N ASN A 61 -3.68 6.73 -9.47
CA ASN A 61 -3.35 8.15 -9.45
C ASN A 61 -2.98 8.56 -8.03
N THR A 62 -2.14 9.58 -7.93
CA THR A 62 -1.59 10.00 -6.67
C THR A 62 -2.60 10.81 -5.87
N VAL A 63 -3.64 11.26 -6.55
CA VAL A 63 -4.68 12.06 -5.94
C VAL A 63 -5.90 11.20 -5.63
N ALA A 64 -5.78 9.91 -5.91
CA ALA A 64 -6.89 8.98 -5.70
C ALA A 64 -6.84 8.35 -4.31
N LEU A 65 -5.64 8.30 -3.74
CA LEU A 65 -5.46 7.73 -2.41
C LEU A 65 -5.42 8.86 -1.37
N HIS A 66 -6.27 8.78 -0.37
CA HIS A 66 -6.44 9.88 0.57
C HIS A 66 -6.05 9.48 1.99
N PRO A 67 -5.62 10.46 2.81
CA PRO A 67 -5.34 10.25 4.24
C PRO A 67 -6.63 10.01 5.03
N GLY A 68 -6.57 9.10 5.99
CA GLY A 68 -7.75 8.78 6.78
C GLY A 68 -8.61 7.72 6.09
N ASP A 69 -8.22 7.36 4.88
CA ASP A 69 -8.96 6.36 4.12
C ASP A 69 -8.35 5.00 4.35
N THR A 70 -9.10 3.95 4.08
CA THR A 70 -8.61 2.60 4.27
C THR A 70 -7.84 2.17 3.03
N VAL A 71 -6.67 1.62 3.23
CA VAL A 71 -5.83 1.21 2.12
C VAL A 71 -5.25 -0.17 2.40
N GLU A 72 -4.72 -0.77 1.36
CA GLU A 72 -4.03 -2.03 1.52
C GLU A 72 -2.60 -1.85 1.03
N PHE A 73 -1.69 -2.54 1.66
CA PHE A 73 -0.29 -2.37 1.38
C PHE A 73 0.45 -3.66 1.68
N SER A 74 1.74 -3.64 1.46
CA SER A 74 2.55 -4.81 1.70
C SER A 74 3.72 -4.43 2.59
N VAL A 75 3.84 -5.10 3.72
CA VAL A 75 4.81 -4.71 4.72
C VAL A 75 6.14 -5.46 4.54
N VAL A 76 7.09 -4.79 3.91
CA VAL A 76 8.42 -5.34 3.71
C VAL A 76 9.44 -4.58 4.55
N THR A 77 10.17 -5.29 5.39
CA THR A 77 11.14 -4.68 6.27
C THR A 77 12.38 -4.24 5.49
N ASN A 78 12.77 -2.98 5.68
CA ASN A 78 13.95 -2.44 5.03
C ASN A 78 15.19 -3.09 5.62
N GLN A 79 15.95 -3.80 4.79
CA GLN A 79 17.14 -4.48 5.27
C GLN A 79 18.24 -3.47 5.59
N ARG A 80 18.08 -2.26 5.11
CA ARG A 80 19.03 -1.18 5.37
C ARG A 80 18.59 -0.34 6.56
N ASN A 81 17.30 -0.04 6.62
CA ASN A 81 16.78 0.91 7.61
C ASN A 81 16.27 0.21 8.86
N GLY A 82 15.81 -1.02 8.70
CA GLY A 82 15.28 -1.76 9.83
C GLY A 82 13.78 -1.62 9.98
N LYS A 83 13.23 -0.53 9.47
CA LYS A 83 11.80 -0.33 9.51
C LYS A 83 11.19 -0.80 8.20
N SER A 84 9.92 -1.14 8.22
CA SER A 84 9.27 -1.65 7.02
C SER A 84 8.70 -0.52 6.18
N SER A 85 8.17 -0.87 5.02
CA SER A 85 7.58 0.08 4.10
C SER A 85 6.33 -0.53 3.47
N ALA A 86 5.40 0.32 3.07
CA ALA A 86 4.20 -0.12 2.40
C ALA A 86 4.42 -0.14 0.89
N CYS A 87 4.28 -1.31 0.31
CA CYS A 87 4.41 -1.49 -1.12
C CYS A 87 3.08 -1.97 -1.69
N ASN A 88 2.82 -1.60 -2.94
CA ASN A 88 1.59 -1.99 -3.63
C ASN A 88 0.35 -1.54 -2.83
N VAL A 89 0.15 -0.23 -2.78
CA VAL A 89 -0.95 0.38 -2.03
C VAL A 89 -2.23 0.42 -2.85
N LEU A 90 -3.28 -0.19 -2.32
CA LEU A 90 -4.58 -0.19 -2.95
C LEU A 90 -5.57 0.64 -2.15
N LYS A 91 -6.50 1.27 -2.84
CA LYS A 91 -7.57 2.01 -2.18
C LYS A 91 -8.64 1.03 -1.71
N ILE A 92 -8.83 0.96 -0.41
CA ILE A 92 -9.79 0.04 0.15
C ILE A 92 -11.08 0.76 0.51
N ASN A 93 -12.17 0.32 -0.08
CA ASN A 93 -13.47 0.92 0.17
C ASN A 93 -14.15 0.25 1.33
N ASP A 94 -14.57 1.06 2.29
CA ASP A 94 -15.35 0.58 3.43
C ASP A 94 -16.66 -0.03 2.98
N GLY A 1 -22.92 -15.77 14.94
CA GLY A 1 -22.99 -14.55 15.71
C GLY A 1 -22.56 -13.34 14.90
N ALA A 2 -22.11 -13.59 13.68
CA ALA A 2 -21.62 -12.52 12.82
C ALA A 2 -22.26 -12.63 11.44
N LYS A 3 -22.37 -11.50 10.76
CA LYS A 3 -22.95 -11.45 9.43
C LYS A 3 -22.12 -10.52 8.53
N GLY A 4 -22.39 -10.57 7.24
CA GLY A 4 -21.67 -9.74 6.30
C GLY A 4 -21.60 -10.35 4.93
N ASP A 5 -22.63 -10.11 4.14
CA ASP A 5 -22.67 -10.61 2.78
C ASP A 5 -22.17 -9.55 1.82
N LEU A 6 -20.87 -9.51 1.63
CA LEU A 6 -20.27 -8.57 0.68
C LEU A 6 -20.20 -9.22 -0.68
N VAL A 7 -20.88 -8.64 -1.65
CA VAL A 7 -20.92 -9.19 -3.00
C VAL A 7 -19.62 -8.88 -3.74
N SER A 8 -18.55 -9.53 -3.33
CA SER A 8 -17.27 -9.36 -3.98
C SER A 8 -17.09 -10.41 -5.07
N PHE A 9 -17.61 -10.09 -6.26
CA PHE A 9 -17.52 -11.00 -7.39
C PHE A 9 -16.25 -10.75 -8.19
N ARG A 10 -15.73 -9.54 -8.10
CA ARG A 10 -14.47 -9.22 -8.75
C ARG A 10 -13.83 -8.00 -8.08
N ILE A 11 -12.77 -8.26 -7.32
CA ILE A 11 -12.04 -7.21 -6.61
C ILE A 11 -10.55 -7.50 -6.66
N ASP A 12 -9.80 -6.59 -7.29
CA ASP A 12 -8.36 -6.75 -7.44
C ASP A 12 -7.67 -6.79 -6.08
N GLU A 13 -8.14 -5.93 -5.21
CA GLU A 13 -7.59 -5.79 -3.86
C GLU A 13 -8.14 -6.85 -2.91
N SER A 14 -8.75 -7.89 -3.46
CA SER A 14 -9.27 -8.98 -2.65
C SER A 14 -8.14 -9.89 -2.18
N GLY A 15 -7.00 -9.81 -2.85
CA GLY A 15 -5.88 -10.65 -2.51
C GLY A 15 -5.51 -11.60 -3.62
N ARG A 16 -5.19 -11.06 -4.78
CA ARG A 16 -4.76 -11.88 -5.91
C ARG A 16 -3.32 -12.35 -5.71
N ALA A 17 -3.16 -13.65 -5.55
CA ALA A 17 -1.86 -14.24 -5.21
C ALA A 17 -0.94 -14.31 -6.42
N ALA A 18 -1.51 -14.17 -7.61
CA ALA A 18 -0.73 -14.28 -8.84
C ALA A 18 0.25 -13.13 -9.00
N CYS A 19 -0.06 -12.02 -8.36
CA CYS A 19 0.86 -10.87 -8.36
C CYS A 19 0.86 -10.24 -6.97
N VAL A 20 2.05 -10.01 -6.42
CA VAL A 20 2.17 -9.50 -5.06
C VAL A 20 3.62 -9.09 -4.78
N ASN A 21 3.82 -8.32 -3.71
CA ASN A 21 5.16 -7.89 -3.32
C ASN A 21 5.35 -8.18 -1.84
N ALA A 22 6.50 -7.78 -1.29
CA ALA A 22 6.82 -8.00 0.14
C ALA A 22 6.78 -9.47 0.52
N VAL A 23 6.97 -10.33 -0.47
CA VAL A 23 6.91 -11.78 -0.29
C VAL A 23 5.51 -12.21 0.19
N ARG A 24 4.56 -12.12 -0.74
CA ARG A 24 3.17 -12.58 -0.55
C ARG A 24 2.54 -12.15 0.78
N GLN A 25 2.93 -10.98 1.28
CA GLN A 25 2.41 -10.49 2.55
C GLN A 25 1.76 -9.13 2.38
N LYS A 26 0.45 -9.06 2.55
CA LYS A 26 -0.26 -7.80 2.50
C LYS A 26 -0.95 -7.49 3.82
N LYS A 27 -0.84 -6.24 4.23
CA LYS A 27 -1.52 -5.73 5.41
C LYS A 27 -2.58 -4.71 5.02
N ARG A 28 -3.63 -4.61 5.81
CA ARG A 28 -4.65 -3.59 5.58
C ARG A 28 -4.77 -2.67 6.78
N ALA A 29 -4.67 -1.38 6.53
CA ALA A 29 -4.74 -0.37 7.58
C ALA A 29 -5.23 0.95 7.00
N THR A 30 -5.35 1.96 7.83
CA THR A 30 -5.83 3.25 7.38
C THR A 30 -4.66 4.22 7.20
N VAL A 31 -4.74 5.08 6.20
CA VAL A 31 -3.73 6.10 5.99
C VAL A 31 -3.74 7.10 7.14
N ASP A 32 -2.66 7.11 7.90
CA ASP A 32 -2.52 8.04 9.01
C ASP A 32 -2.41 9.46 8.48
N SER A 33 -1.51 9.65 7.51
CA SER A 33 -1.21 10.95 6.98
C SER A 33 -0.57 10.82 5.61
N ILE A 34 -0.54 11.92 4.88
CA ILE A 34 0.15 11.97 3.61
C ILE A 34 0.91 13.28 3.50
N LYS A 35 2.20 13.17 3.24
CA LYS A 35 3.09 14.31 3.16
C LYS A 35 3.69 14.42 1.77
N GLY A 36 3.01 15.15 0.90
CA GLY A 36 3.50 15.33 -0.45
C GLY A 36 3.40 14.06 -1.28
N GLN A 37 4.55 13.49 -1.63
CA GLN A 37 4.59 12.28 -2.44
C GLN A 37 4.74 11.04 -1.56
N PHE A 38 4.55 11.22 -0.26
CA PHE A 38 4.72 10.13 0.67
C PHE A 38 3.54 10.02 1.58
N GLY A 39 3.19 8.80 1.89
CA GLY A 39 2.08 8.55 2.77
C GLY A 39 2.50 7.72 3.95
N PHE A 40 1.77 7.83 5.04
CA PHE A 40 2.04 7.05 6.23
C PHE A 40 0.76 6.40 6.68
N LEU A 41 0.86 5.16 7.11
CA LEU A 41 -0.31 4.41 7.53
C LEU A 41 -0.26 4.17 9.03
N ASN A 42 -1.41 3.95 9.62
CA ASN A 42 -1.48 3.67 11.05
C ASN A 42 -0.99 2.25 11.30
N PHE A 43 0.31 2.06 11.19
CA PHE A 43 0.91 0.76 11.38
C PHE A 43 2.32 0.95 11.93
N GLU A 44 2.46 0.81 13.24
CA GLU A 44 3.75 0.91 13.91
C GLU A 44 4.54 -0.36 13.68
N VAL A 45 5.48 -0.29 12.75
CA VAL A 45 6.25 -1.47 12.35
C VAL A 45 7.28 -1.83 13.40
N GLU A 46 7.77 -0.84 14.11
CA GLU A 46 8.78 -1.04 15.10
C GLU A 46 8.76 0.08 16.13
N ASP A 47 8.34 -0.25 17.35
CA ASP A 47 8.43 0.67 18.49
C ASP A 47 7.76 2.02 18.21
N GLY A 48 6.75 2.01 17.36
CA GLY A 48 6.04 3.24 17.06
C GLY A 48 6.40 3.82 15.70
N LYS A 49 7.26 3.12 14.96
CA LYS A 49 7.67 3.55 13.63
C LYS A 49 6.47 3.54 12.68
N LYS A 50 6.03 4.70 12.25
CA LYS A 50 4.93 4.82 11.30
C LYS A 50 5.33 4.22 9.96
N LEU A 51 4.41 3.49 9.33
CA LEU A 51 4.67 2.93 8.03
C LEU A 51 4.61 4.00 6.96
N PHE A 52 5.66 4.11 6.18
CA PHE A 52 5.68 5.08 5.09
C PHE A 52 5.55 4.36 3.75
N PHE A 53 5.09 5.10 2.76
CA PHE A 53 5.04 4.60 1.41
C PHE A 53 5.17 5.76 0.43
N HIS A 54 5.60 5.47 -0.78
CA HIS A 54 5.73 6.50 -1.79
C HIS A 54 4.50 6.46 -2.71
N MET A 55 4.13 7.61 -3.27
CA MET A 55 2.94 7.73 -4.11
C MET A 55 3.02 6.86 -5.37
N SER A 56 4.16 6.24 -5.62
CA SER A 56 4.31 5.36 -6.76
C SER A 56 3.74 3.98 -6.47
N GLU A 57 3.69 3.59 -5.19
CA GLU A 57 3.08 2.33 -4.80
C GLU A 57 1.57 2.47 -4.72
N VAL A 58 1.12 3.72 -4.69
CA VAL A 58 -0.29 4.07 -4.63
C VAL A 58 -1.06 3.58 -5.86
N GLN A 59 -2.35 3.31 -5.66
CA GLN A 59 -3.22 2.71 -6.66
C GLN A 59 -3.42 3.63 -7.88
N GLY A 60 -2.53 3.49 -8.85
CA GLY A 60 -2.72 4.14 -10.13
C GLY A 60 -2.43 5.63 -10.10
N ASN A 61 -3.26 6.37 -9.38
CA ASN A 61 -3.15 7.81 -9.31
C ASN A 61 -2.98 8.27 -7.88
N THR A 62 -2.18 9.29 -7.71
CA THR A 62 -1.80 9.77 -6.39
C THR A 62 -2.97 10.47 -5.72
N VAL A 63 -3.87 11.01 -6.52
CA VAL A 63 -5.07 11.67 -6.01
C VAL A 63 -6.24 10.69 -6.00
N ALA A 64 -5.91 9.41 -5.97
CA ALA A 64 -6.92 8.36 -5.83
C ALA A 64 -6.89 7.81 -4.42
N LEU A 65 -5.79 8.11 -3.73
CA LEU A 65 -5.57 7.63 -2.38
C LEU A 65 -5.44 8.82 -1.43
N HIS A 66 -6.27 8.83 -0.40
CA HIS A 66 -6.34 9.99 0.51
C HIS A 66 -6.05 9.57 1.95
N PRO A 67 -5.54 10.52 2.78
CA PRO A 67 -5.31 10.27 4.21
C PRO A 67 -6.61 10.11 4.97
N GLY A 68 -6.70 9.03 5.74
CA GLY A 68 -7.91 8.72 6.49
C GLY A 68 -8.72 7.64 5.82
N ASP A 69 -8.39 7.35 4.58
CA ASP A 69 -9.02 6.24 3.85
C ASP A 69 -8.35 4.92 4.22
N THR A 70 -9.10 3.84 4.08
CA THR A 70 -8.55 2.52 4.31
C THR A 70 -7.75 2.10 3.09
N VAL A 71 -6.63 1.42 3.31
CA VAL A 71 -5.81 0.96 2.21
C VAL A 71 -5.26 -0.43 2.46
N GLU A 72 -4.85 -1.05 1.38
CA GLU A 72 -4.15 -2.30 1.44
C GLU A 72 -2.74 -2.09 0.95
N PHE A 73 -1.80 -2.69 1.65
CA PHE A 73 -0.38 -2.47 1.37
C PHE A 73 0.38 -3.73 1.71
N SER A 74 1.67 -3.71 1.50
CA SER A 74 2.48 -4.87 1.77
C SER A 74 3.59 -4.49 2.71
N VAL A 75 3.78 -5.29 3.75
CA VAL A 75 4.75 -4.97 4.78
C VAL A 75 6.08 -5.68 4.52
N VAL A 76 7.02 -4.96 3.95
CA VAL A 76 8.33 -5.52 3.67
C VAL A 76 9.41 -4.82 4.51
N THR A 77 10.05 -5.59 5.37
CA THR A 77 11.09 -5.07 6.23
C THR A 77 12.33 -4.73 5.40
N ASN A 78 12.80 -3.49 5.53
CA ASN A 78 14.03 -3.08 4.86
C ASN A 78 15.20 -3.85 5.45
N GLN A 79 15.82 -4.70 4.63
CA GLN A 79 16.89 -5.57 5.10
C GLN A 79 18.05 -4.76 5.69
N ARG A 80 18.26 -3.56 5.16
CA ARG A 80 19.37 -2.72 5.60
C ARG A 80 18.93 -1.73 6.67
N ASN A 81 17.72 -1.21 6.53
CA ASN A 81 17.25 -0.11 7.39
C ASN A 81 16.52 -0.62 8.62
N GLY A 82 15.98 -1.83 8.54
CA GLY A 82 15.28 -2.42 9.67
C GLY A 82 13.82 -2.02 9.77
N LYS A 83 13.47 -0.87 9.19
CA LYS A 83 12.08 -0.42 9.18
C LYS A 83 11.37 -0.98 7.95
N SER A 84 10.09 -1.20 8.06
CA SER A 84 9.32 -1.74 6.96
C SER A 84 8.86 -0.63 6.03
N SER A 85 8.19 -1.01 4.94
CA SER A 85 7.67 -0.06 3.97
C SER A 85 6.41 -0.64 3.32
N ALA A 86 5.49 0.21 2.90
CA ALA A 86 4.26 -0.23 2.27
C ALA A 86 4.41 -0.28 0.76
N CYS A 87 4.20 -1.46 0.19
CA CYS A 87 4.26 -1.63 -1.24
C CYS A 87 2.91 -2.07 -1.78
N ASN A 88 2.59 -1.59 -2.98
CA ASN A 88 1.28 -1.83 -3.58
C ASN A 88 0.17 -1.31 -2.68
N VAL A 89 0.05 0.00 -2.63
CA VAL A 89 -0.94 0.64 -1.78
C VAL A 89 -2.23 0.88 -2.54
N LEU A 90 -3.23 0.07 -2.25
CA LEU A 90 -4.51 0.14 -2.93
C LEU A 90 -5.56 0.76 -2.02
N LYS A 91 -6.51 1.44 -2.64
CA LYS A 91 -7.50 2.17 -1.88
C LYS A 91 -8.67 1.27 -1.51
N ILE A 92 -8.69 0.85 -0.25
CA ILE A 92 -9.72 -0.02 0.25
C ILE A 92 -10.94 0.80 0.69
N ASN A 93 -12.06 0.56 0.05
CA ASN A 93 -13.27 1.31 0.35
C ASN A 93 -14.02 0.69 1.52
N ASP A 94 -14.03 1.39 2.63
CA ASP A 94 -14.82 1.00 3.79
C ASP A 94 -15.42 2.23 4.45
N GLY A 1 -14.41 4.84 -34.44
CA GLY A 1 -13.76 6.06 -34.00
C GLY A 1 -14.19 6.48 -32.61
N ALA A 2 -14.60 5.52 -31.82
CA ALA A 2 -15.03 5.78 -30.46
C ALA A 2 -13.86 5.67 -29.50
N LYS A 3 -13.75 6.64 -28.59
CA LYS A 3 -12.72 6.62 -27.56
C LYS A 3 -13.35 6.33 -26.21
N GLY A 4 -12.90 5.27 -25.57
CA GLY A 4 -13.44 4.92 -24.26
C GLY A 4 -13.58 3.42 -24.07
N ASP A 5 -12.83 2.66 -24.84
CA ASP A 5 -12.82 1.20 -24.70
C ASP A 5 -11.79 0.81 -23.65
N LEU A 6 -12.18 0.90 -22.38
CA LEU A 6 -11.27 0.63 -21.28
C LEU A 6 -11.28 -0.85 -20.92
N VAL A 7 -10.20 -1.54 -21.26
CA VAL A 7 -10.12 -2.97 -21.03
C VAL A 7 -9.49 -3.26 -19.68
N SER A 8 -10.28 -3.17 -18.63
CA SER A 8 -9.83 -3.50 -17.29
C SER A 8 -10.35 -4.88 -16.92
N PHE A 9 -9.63 -5.91 -17.34
CA PHE A 9 -10.05 -7.29 -17.15
C PHE A 9 -9.64 -7.82 -15.78
N ARG A 10 -9.16 -6.93 -14.93
CA ARG A 10 -8.58 -7.35 -13.67
C ARG A 10 -8.85 -6.34 -12.56
N ILE A 11 -9.06 -6.86 -11.36
CA ILE A 11 -9.12 -6.04 -10.16
C ILE A 11 -7.88 -6.34 -9.34
N ASP A 12 -7.08 -5.32 -9.08
CA ASP A 12 -5.75 -5.51 -8.51
C ASP A 12 -5.78 -6.13 -7.11
N GLU A 13 -6.85 -5.85 -6.36
CA GLU A 13 -6.97 -6.37 -5.00
C GLU A 13 -7.45 -7.83 -4.99
N SER A 14 -7.47 -8.46 -6.17
CA SER A 14 -7.95 -9.83 -6.28
C SER A 14 -6.95 -10.82 -5.70
N GLY A 15 -5.74 -10.34 -5.40
CA GLY A 15 -4.73 -11.20 -4.80
C GLY A 15 -3.76 -11.77 -5.81
N ARG A 16 -3.08 -10.89 -6.54
CA ARG A 16 -2.10 -11.32 -7.53
C ARG A 16 -0.94 -12.07 -6.86
N ALA A 17 -0.99 -13.40 -6.95
CA ALA A 17 0.05 -14.23 -6.37
C ALA A 17 1.20 -14.41 -7.37
N ALA A 18 0.90 -14.21 -8.64
CA ALA A 18 1.89 -14.40 -9.70
C ALA A 18 2.94 -13.30 -9.70
N CYS A 19 2.61 -12.15 -9.11
CA CYS A 19 3.54 -11.04 -9.03
C CYS A 19 3.15 -10.08 -7.91
N VAL A 20 4.12 -9.70 -7.11
CA VAL A 20 3.90 -8.80 -5.99
C VAL A 20 5.25 -8.33 -5.44
N ASN A 21 5.30 -7.13 -4.86
CA ASN A 21 6.54 -6.58 -4.33
C ASN A 21 6.66 -6.86 -2.83
N ALA A 22 6.36 -8.10 -2.47
CA ALA A 22 6.40 -8.55 -1.09
C ALA A 22 6.22 -10.06 -1.04
N VAL A 23 6.63 -10.68 0.04
CA VAL A 23 6.51 -12.12 0.16
C VAL A 23 5.16 -12.49 0.78
N ARG A 24 4.13 -12.51 -0.08
CA ARG A 24 2.75 -12.86 0.29
C ARG A 24 2.29 -12.21 1.60
N GLN A 25 2.84 -11.04 1.90
CA GLN A 25 2.52 -10.34 3.14
C GLN A 25 1.81 -9.03 2.84
N LYS A 26 0.48 -9.08 2.78
CA LYS A 26 -0.33 -7.89 2.56
C LYS A 26 -1.09 -7.53 3.82
N LYS A 27 -0.89 -6.31 4.28
CA LYS A 27 -1.59 -5.79 5.43
C LYS A 27 -2.61 -4.73 5.03
N ARG A 28 -3.64 -4.59 5.82
CA ARG A 28 -4.64 -3.55 5.59
C ARG A 28 -4.77 -2.65 6.80
N ALA A 29 -4.66 -1.35 6.56
CA ALA A 29 -4.74 -0.35 7.60
C ALA A 29 -5.24 0.96 7.00
N THR A 30 -5.38 1.97 7.83
CA THR A 30 -5.86 3.25 7.36
C THR A 30 -4.69 4.21 7.19
N VAL A 31 -4.78 5.08 6.18
CA VAL A 31 -3.76 6.10 5.97
C VAL A 31 -3.75 7.07 7.14
N ASP A 32 -2.64 7.05 7.87
CA ASP A 32 -2.45 7.88 9.04
C ASP A 32 -2.35 9.34 8.61
N SER A 33 -1.56 9.59 7.57
CA SER A 33 -1.33 10.93 7.04
C SER A 33 -0.63 10.83 5.69
N ILE A 34 -0.60 11.94 4.96
CA ILE A 34 0.11 12.01 3.70
C ILE A 34 0.86 13.33 3.60
N LYS A 35 2.14 13.24 3.29
CA LYS A 35 3.00 14.41 3.17
C LYS A 35 3.49 14.54 1.73
N GLY A 36 2.71 15.24 0.91
CA GLY A 36 3.08 15.43 -0.48
C GLY A 36 3.02 14.13 -1.28
N GLN A 37 4.20 13.61 -1.62
CA GLN A 37 4.30 12.38 -2.42
C GLN A 37 4.48 11.16 -1.54
N PHE A 38 4.41 11.35 -0.24
CA PHE A 38 4.65 10.25 0.68
C PHE A 38 3.49 10.10 1.62
N GLY A 39 3.15 8.86 1.90
CA GLY A 39 2.05 8.59 2.79
C GLY A 39 2.49 7.75 3.95
N PHE A 40 1.73 7.81 5.02
CA PHE A 40 2.01 7.02 6.20
C PHE A 40 0.74 6.34 6.63
N LEU A 41 0.85 5.11 7.07
CA LEU A 41 -0.30 4.35 7.54
C LEU A 41 -0.12 4.07 9.01
N ASN A 42 -1.21 3.95 9.74
CA ASN A 42 -1.13 3.70 11.17
C ASN A 42 -0.74 2.25 11.42
N PHE A 43 0.53 1.96 11.15
CA PHE A 43 1.08 0.63 11.30
C PHE A 43 2.50 0.75 11.83
N GLU A 44 2.66 0.60 13.12
CA GLU A 44 3.96 0.71 13.75
C GLU A 44 4.64 -0.65 13.79
N VAL A 45 5.65 -0.81 12.94
CA VAL A 45 6.34 -2.08 12.80
C VAL A 45 7.25 -2.39 13.99
N GLU A 46 7.82 -1.34 14.56
CA GLU A 46 8.80 -1.49 15.62
C GLU A 46 8.87 -0.25 16.49
N ASP A 47 8.47 -0.37 17.74
CA ASP A 47 8.62 0.72 18.73
C ASP A 47 8.04 2.05 18.26
N GLY A 48 6.97 1.99 17.50
CA GLY A 48 6.34 3.21 17.03
C GLY A 48 6.90 3.69 15.71
N LYS A 49 7.53 2.79 14.97
CA LYS A 49 8.04 3.14 13.64
C LYS A 49 6.89 3.10 12.65
N LYS A 50 6.50 4.28 12.19
CA LYS A 50 5.35 4.42 11.30
C LYS A 50 5.67 3.89 9.90
N LEU A 51 4.73 3.19 9.30
CA LEU A 51 4.90 2.71 7.95
C LEU A 51 4.74 3.84 6.94
N PHE A 52 5.77 4.05 6.13
CA PHE A 52 5.71 5.06 5.10
C PHE A 52 5.58 4.42 3.72
N PHE A 53 5.13 5.19 2.75
CA PHE A 53 5.06 4.73 1.37
C PHE A 53 5.20 5.93 0.43
N HIS A 54 5.57 5.66 -0.82
CA HIS A 54 5.65 6.71 -1.81
C HIS A 54 4.40 6.63 -2.69
N MET A 55 4.04 7.74 -3.32
CA MET A 55 2.89 7.80 -4.22
C MET A 55 3.09 6.92 -5.46
N SER A 56 4.21 6.21 -5.52
CA SER A 56 4.48 5.30 -6.63
C SER A 56 3.88 3.93 -6.34
N GLU A 57 3.77 3.60 -5.06
CA GLU A 57 3.16 2.33 -4.64
C GLU A 57 1.65 2.49 -4.56
N VAL A 58 1.19 3.73 -4.66
CA VAL A 58 -0.23 4.05 -4.61
C VAL A 58 -0.96 3.55 -5.85
N GLN A 59 -2.24 3.24 -5.64
CA GLN A 59 -3.11 2.68 -6.67
C GLN A 59 -3.21 3.59 -7.90
N GLY A 60 -2.29 3.42 -8.85
CA GLY A 60 -2.33 4.13 -10.10
C GLY A 60 -2.31 5.64 -9.94
N ASN A 61 -3.49 6.23 -9.86
CA ASN A 61 -3.63 7.67 -9.72
C ASN A 61 -3.38 8.09 -8.28
N THR A 62 -2.52 9.08 -8.14
CA THR A 62 -2.07 9.53 -6.84
C THR A 62 -3.09 10.45 -6.19
N VAL A 63 -4.08 10.85 -6.97
CA VAL A 63 -5.17 11.68 -6.47
C VAL A 63 -6.29 10.79 -5.92
N ALA A 64 -6.21 9.49 -6.18
CA ALA A 64 -7.27 8.56 -5.79
C ALA A 64 -7.09 8.09 -4.35
N LEU A 65 -5.88 8.22 -3.84
CA LEU A 65 -5.57 7.76 -2.50
C LEU A 65 -5.45 8.96 -1.56
N HIS A 66 -6.23 8.95 -0.49
CA HIS A 66 -6.28 10.08 0.43
C HIS A 66 -5.93 9.67 1.85
N PRO A 67 -5.46 10.62 2.68
CA PRO A 67 -5.21 10.36 4.10
C PRO A 67 -6.50 10.14 4.87
N GLY A 68 -6.58 9.06 5.63
CA GLY A 68 -7.79 8.76 6.37
C GLY A 68 -8.60 7.67 5.71
N ASP A 69 -8.26 7.35 4.46
CA ASP A 69 -8.93 6.29 3.73
C ASP A 69 -8.34 4.94 4.11
N THR A 70 -9.14 3.89 4.01
CA THR A 70 -8.64 2.54 4.24
C THR A 70 -7.85 2.09 3.03
N VAL A 71 -6.71 1.45 3.25
CA VAL A 71 -5.90 0.97 2.16
C VAL A 71 -5.34 -0.41 2.46
N GLU A 72 -4.88 -1.08 1.41
CA GLU A 72 -4.14 -2.31 1.58
C GLU A 72 -2.72 -2.06 1.12
N PHE A 73 -1.80 -2.77 1.70
CA PHE A 73 -0.39 -2.58 1.42
C PHE A 73 0.36 -3.84 1.76
N SER A 74 1.64 -3.82 1.56
CA SER A 74 2.44 -4.99 1.78
C SER A 74 3.62 -4.60 2.64
N VAL A 75 3.67 -5.12 3.85
CA VAL A 75 4.70 -4.76 4.79
C VAL A 75 5.93 -5.62 4.59
N VAL A 76 6.90 -5.09 3.86
CA VAL A 76 8.14 -5.77 3.62
C VAL A 76 9.23 -5.12 4.46
N THR A 77 9.80 -5.90 5.37
CA THR A 77 10.84 -5.40 6.25
C THR A 77 12.15 -5.24 5.49
N ASN A 78 12.70 -4.04 5.59
CA ASN A 78 13.96 -3.70 4.95
C ASN A 78 15.10 -4.43 5.64
N GLN A 79 15.74 -5.35 4.94
CA GLN A 79 16.86 -6.08 5.51
C GLN A 79 18.03 -5.13 5.77
N ARG A 80 17.97 -3.96 5.16
CA ARG A 80 19.01 -2.95 5.30
C ARG A 80 18.69 -1.99 6.46
N ASN A 81 17.42 -1.64 6.61
CA ASN A 81 17.03 -0.60 7.55
C ASN A 81 16.43 -1.16 8.83
N GLY A 82 15.85 -2.36 8.74
CA GLY A 82 15.19 -2.97 9.88
C GLY A 82 13.73 -2.60 9.96
N LYS A 83 13.38 -1.47 9.35
CA LYS A 83 11.99 -1.04 9.30
C LYS A 83 11.35 -1.59 8.04
N SER A 84 10.07 -1.38 7.88
CA SER A 84 9.38 -1.87 6.70
C SER A 84 8.87 -0.71 5.85
N SER A 85 8.23 -1.05 4.74
CA SER A 85 7.67 -0.06 3.84
C SER A 85 6.40 -0.63 3.21
N ALA A 86 5.42 0.24 2.93
CA ALA A 86 4.17 -0.19 2.34
C ALA A 86 4.29 -0.23 0.83
N CYS A 87 4.13 -1.42 0.28
CA CYS A 87 4.16 -1.61 -1.15
C CYS A 87 2.80 -2.11 -1.62
N ASN A 88 2.44 -1.77 -2.85
CA ASN A 88 1.13 -2.15 -3.39
C ASN A 88 0.03 -1.52 -2.54
N VAL A 89 0.05 -0.19 -2.47
CA VAL A 89 -0.92 0.56 -1.68
C VAL A 89 -2.19 0.79 -2.48
N LEU A 90 -3.21 0.00 -2.21
CA LEU A 90 -4.46 0.09 -2.93
C LEU A 90 -5.55 0.74 -2.10
N LYS A 91 -6.41 1.48 -2.76
CA LYS A 91 -7.51 2.17 -2.09
C LYS A 91 -8.61 1.18 -1.72
N ILE A 92 -8.84 1.04 -0.43
CA ILE A 92 -9.81 0.08 0.06
C ILE A 92 -11.10 0.77 0.47
N ASN A 93 -12.19 0.29 -0.08
CA ASN A 93 -13.51 0.77 0.29
C ASN A 93 -14.10 -0.19 1.32
N ASP A 94 -14.64 0.38 2.39
CA ASP A 94 -15.22 -0.44 3.46
C ASP A 94 -16.48 -1.14 2.98
N GLY A 1 -16.04 8.19 -12.66
CA GLY A 1 -17.34 7.54 -12.64
C GLY A 1 -17.33 6.20 -13.34
N ALA A 2 -16.45 6.06 -14.31
CA ALA A 2 -16.36 4.83 -15.07
C ALA A 2 -14.99 4.17 -14.85
N LYS A 3 -14.83 3.55 -13.71
CA LYS A 3 -13.60 2.82 -13.38
C LYS A 3 -13.94 1.53 -12.68
N GLY A 4 -12.94 0.69 -12.48
CA GLY A 4 -13.15 -0.57 -11.80
C GLY A 4 -12.25 -1.65 -12.35
N ASP A 5 -12.82 -2.80 -12.64
CA ASP A 5 -12.07 -3.92 -13.19
C ASP A 5 -12.46 -4.15 -14.64
N LEU A 6 -11.46 -4.16 -15.52
CA LEU A 6 -11.71 -4.40 -16.93
C LEU A 6 -11.90 -5.89 -17.17
N VAL A 7 -11.03 -6.69 -16.59
CA VAL A 7 -11.13 -8.13 -16.67
C VAL A 7 -11.12 -8.73 -15.27
N SER A 8 -12.18 -9.45 -14.94
CA SER A 8 -12.28 -10.09 -13.64
C SER A 8 -11.43 -11.36 -13.64
N PHE A 9 -10.13 -11.19 -13.50
CA PHE A 9 -9.19 -12.29 -13.48
C PHE A 9 -7.97 -11.91 -12.66
N ARG A 10 -7.22 -10.93 -13.14
CA ARG A 10 -6.08 -10.42 -12.39
C ARG A 10 -6.52 -9.24 -11.52
N ILE A 11 -6.84 -9.52 -10.28
CA ILE A 11 -7.27 -8.49 -9.36
C ILE A 11 -6.17 -8.19 -8.36
N ASP A 12 -5.73 -6.94 -8.36
CA ASP A 12 -4.60 -6.50 -7.55
C ASP A 12 -4.90 -6.66 -6.06
N GLU A 13 -6.07 -6.16 -5.63
CA GLU A 13 -6.46 -6.23 -4.22
C GLU A 13 -6.56 -7.67 -3.75
N SER A 14 -6.84 -8.57 -4.67
CA SER A 14 -6.92 -9.98 -4.37
C SER A 14 -5.53 -10.54 -4.06
N GLY A 15 -4.53 -10.04 -4.77
CA GLY A 15 -3.15 -10.42 -4.52
C GLY A 15 -2.89 -11.90 -4.76
N ARG A 16 -3.18 -12.37 -5.96
CA ARG A 16 -2.92 -13.77 -6.32
C ARG A 16 -1.42 -14.05 -6.36
N ALA A 17 -1.05 -15.26 -5.96
CA ALA A 17 0.36 -15.64 -5.80
C ALA A 17 1.19 -15.45 -7.07
N ALA A 18 0.52 -15.34 -8.20
CA ALA A 18 1.20 -15.18 -9.49
C ALA A 18 1.88 -13.82 -9.59
N CYS A 19 1.50 -12.88 -8.73
CA CYS A 19 2.14 -11.58 -8.70
C CYS A 19 2.02 -10.94 -7.31
N VAL A 20 3.13 -10.46 -6.78
CA VAL A 20 3.14 -9.78 -5.49
C VAL A 20 4.48 -9.09 -5.27
N ASN A 21 4.48 -7.99 -4.53
CA ASN A 21 5.72 -7.26 -4.27
C ASN A 21 6.43 -7.84 -3.05
N ALA A 22 5.74 -7.87 -1.92
CA ALA A 22 6.32 -8.40 -0.70
C ALA A 22 6.20 -9.92 -0.68
N VAL A 23 6.75 -10.54 0.34
CA VAL A 23 6.72 -11.99 0.47
C VAL A 23 5.35 -12.44 0.96
N ARG A 24 4.41 -12.60 0.00
CA ARG A 24 3.03 -13.05 0.24
C ARG A 24 2.39 -12.43 1.49
N GLN A 25 2.70 -11.16 1.74
CA GLN A 25 2.17 -10.48 2.92
C GLN A 25 1.53 -9.16 2.52
N LYS A 26 0.21 -9.13 2.50
CA LYS A 26 -0.52 -7.90 2.21
C LYS A 26 -1.36 -7.47 3.41
N LYS A 27 -0.99 -6.37 4.02
CA LYS A 27 -1.67 -5.85 5.20
C LYS A 27 -2.70 -4.79 4.81
N ARG A 28 -3.65 -4.52 5.71
CA ARG A 28 -4.65 -3.49 5.49
C ARG A 28 -4.80 -2.59 6.71
N ALA A 29 -4.69 -1.28 6.48
CA ALA A 29 -4.77 -0.29 7.54
C ALA A 29 -5.24 1.03 6.96
N THR A 30 -5.36 2.04 7.80
CA THR A 30 -5.82 3.34 7.34
C THR A 30 -4.64 4.30 7.24
N VAL A 31 -4.68 5.19 6.24
CA VAL A 31 -3.66 6.20 6.09
C VAL A 31 -3.69 7.15 7.27
N ASP A 32 -2.58 7.22 7.97
CA ASP A 32 -2.45 8.09 9.13
C ASP A 32 -2.39 9.54 8.66
N SER A 33 -1.61 9.78 7.61
CA SER A 33 -1.44 11.10 7.01
C SER A 33 -0.62 11.00 5.73
N ILE A 34 -0.57 12.08 4.96
CA ILE A 34 0.19 12.11 3.72
C ILE A 34 0.95 13.43 3.61
N LYS A 35 2.22 13.31 3.20
CA LYS A 35 3.10 14.46 3.09
C LYS A 35 3.67 14.54 1.67
N GLY A 36 3.06 15.37 0.83
CA GLY A 36 3.52 15.52 -0.53
C GLY A 36 3.34 14.25 -1.34
N GLN A 37 4.45 13.57 -1.62
CA GLN A 37 4.43 12.35 -2.42
C GLN A 37 4.46 11.13 -1.52
N PHE A 38 4.42 11.32 -0.22
CA PHE A 38 4.62 10.24 0.71
C PHE A 38 3.46 10.10 1.65
N GLY A 39 3.12 8.87 1.94
CA GLY A 39 2.04 8.62 2.85
C GLY A 39 2.48 7.73 3.98
N PHE A 40 1.78 7.82 5.08
CA PHE A 40 2.07 7.00 6.24
C PHE A 40 0.79 6.35 6.72
N LEU A 41 0.89 5.11 7.13
CA LEU A 41 -0.27 4.38 7.60
C LEU A 41 -0.16 4.13 9.08
N ASN A 42 -1.29 3.92 9.72
CA ASN A 42 -1.28 3.64 11.14
C ASN A 42 -0.89 2.19 11.39
N PHE A 43 0.39 1.93 11.18
CA PHE A 43 0.94 0.61 11.40
C PHE A 43 2.35 0.79 11.98
N GLU A 44 2.45 0.67 13.29
CA GLU A 44 3.72 0.93 13.97
C GLU A 44 4.52 -0.34 14.14
N VAL A 45 5.55 -0.48 13.32
CA VAL A 45 6.37 -1.68 13.32
C VAL A 45 7.27 -1.76 14.56
N GLU A 46 7.73 -0.61 15.03
CA GLU A 46 8.60 -0.55 16.18
C GLU A 46 8.49 0.81 16.88
N ASP A 47 8.06 0.81 18.14
CA ASP A 47 8.16 2.00 19.00
C ASP A 47 7.46 3.23 18.37
N GLY A 48 6.42 2.97 17.58
CA GLY A 48 5.72 4.05 16.94
C GLY A 48 6.32 4.44 15.60
N LYS A 49 7.01 3.51 14.97
CA LYS A 49 7.50 3.72 13.61
C LYS A 49 6.31 3.67 12.66
N LYS A 50 5.98 4.81 12.10
CA LYS A 50 4.84 4.91 11.18
C LYS A 50 5.22 4.38 9.82
N LEU A 51 4.49 3.36 9.36
CA LEU A 51 4.73 2.77 8.07
C LEU A 51 4.60 3.79 6.96
N PHE A 52 5.64 3.94 6.16
CA PHE A 52 5.64 4.92 5.09
C PHE A 52 5.49 4.24 3.73
N PHE A 53 5.02 5.02 2.76
CA PHE A 53 4.94 4.55 1.39
C PHE A 53 5.06 5.75 0.45
N HIS A 54 5.55 5.51 -0.75
CA HIS A 54 5.62 6.56 -1.74
C HIS A 54 4.37 6.49 -2.63
N MET A 55 3.94 7.62 -3.16
CA MET A 55 2.76 7.69 -4.01
C MET A 55 2.94 6.91 -5.33
N SER A 56 4.09 6.26 -5.49
CA SER A 56 4.34 5.44 -6.65
C SER A 56 3.74 4.05 -6.46
N GLU A 57 3.63 3.63 -5.19
CA GLU A 57 3.04 2.35 -4.85
C GLU A 57 1.51 2.48 -4.74
N VAL A 58 1.05 3.71 -4.82
CA VAL A 58 -0.36 4.05 -4.66
C VAL A 58 -1.23 3.50 -5.80
N GLN A 59 -2.49 3.25 -5.47
CA GLN A 59 -3.47 2.62 -6.38
C GLN A 59 -3.80 3.51 -7.57
N GLY A 60 -3.09 3.28 -8.68
CA GLY A 60 -3.41 3.94 -9.93
C GLY A 60 -3.05 5.41 -9.94
N ASN A 61 -3.91 6.23 -9.37
CA ASN A 61 -3.71 7.68 -9.37
C ASN A 61 -3.32 8.15 -7.98
N THR A 62 -2.53 9.20 -7.94
CA THR A 62 -2.05 9.77 -6.69
C THR A 62 -3.20 10.39 -5.90
N VAL A 63 -4.25 10.79 -6.63
CA VAL A 63 -5.41 11.41 -6.03
C VAL A 63 -6.48 10.37 -5.71
N ALA A 64 -6.17 9.10 -5.96
CA ALA A 64 -7.09 8.02 -5.66
C ALA A 64 -6.93 7.54 -4.23
N LEU A 65 -5.74 7.76 -3.68
CA LEU A 65 -5.43 7.36 -2.32
C LEU A 65 -5.42 8.62 -1.44
N HIS A 66 -6.21 8.60 -0.37
CA HIS A 66 -6.38 9.78 0.47
C HIS A 66 -5.95 9.49 1.90
N PRO A 67 -5.44 10.52 2.63
CA PRO A 67 -5.17 10.39 4.06
C PRO A 67 -6.44 10.22 4.86
N GLY A 68 -6.53 9.13 5.61
CA GLY A 68 -7.74 8.84 6.36
C GLY A 68 -8.59 7.79 5.69
N ASP A 69 -8.26 7.46 4.46
CA ASP A 69 -8.94 6.39 3.74
C ASP A 69 -8.32 5.06 4.09
N THR A 70 -9.07 3.99 3.95
CA THR A 70 -8.56 2.66 4.21
C THR A 70 -7.72 2.20 3.02
N VAL A 71 -6.62 1.52 3.28
CA VAL A 71 -5.74 1.07 2.23
C VAL A 71 -5.28 -0.35 2.46
N GLU A 72 -4.74 -0.91 1.42
CA GLU A 72 -4.07 -2.18 1.49
C GLU A 72 -2.64 -1.98 1.03
N PHE A 73 -1.73 -2.69 1.64
CA PHE A 73 -0.31 -2.51 1.37
C PHE A 73 0.44 -3.79 1.67
N SER A 74 1.74 -3.77 1.43
CA SER A 74 2.54 -4.95 1.69
C SER A 74 3.70 -4.56 2.57
N VAL A 75 3.75 -5.16 3.75
CA VAL A 75 4.75 -4.82 4.74
C VAL A 75 6.05 -5.56 4.46
N VAL A 76 6.98 -4.85 3.83
CA VAL A 76 8.29 -5.39 3.56
C VAL A 76 9.34 -4.72 4.44
N THR A 77 10.05 -5.52 5.20
CA THR A 77 11.05 -5.00 6.13
C THR A 77 12.31 -4.59 5.39
N ASN A 78 12.77 -3.38 5.67
CA ASN A 78 14.00 -2.88 5.10
C ASN A 78 15.17 -3.57 5.78
N GLN A 79 15.82 -4.48 5.08
CA GLN A 79 16.90 -5.26 5.68
C GLN A 79 18.08 -4.37 6.06
N ARG A 80 18.11 -3.16 5.53
CA ARG A 80 19.20 -2.24 5.84
C ARG A 80 18.88 -1.37 7.05
N ASN A 81 17.65 -0.85 7.11
CA ASN A 81 17.29 0.07 8.19
C ASN A 81 16.61 -0.65 9.34
N GLY A 82 15.89 -1.71 9.03
CA GLY A 82 15.22 -2.50 10.06
C GLY A 82 13.73 -2.25 10.13
N LYS A 83 13.30 -1.10 9.61
CA LYS A 83 11.89 -0.78 9.60
C LYS A 83 11.26 -1.26 8.32
N SER A 84 9.96 -1.21 8.22
CA SER A 84 9.28 -1.73 7.04
C SER A 84 8.71 -0.60 6.19
N SER A 85 8.14 -0.97 5.05
CA SER A 85 7.57 -0.01 4.13
C SER A 85 6.35 -0.61 3.44
N ALA A 86 5.43 0.24 2.98
CA ALA A 86 4.23 -0.21 2.31
C ALA A 86 4.44 -0.24 0.80
N CYS A 87 4.35 -1.42 0.24
CA CYS A 87 4.44 -1.59 -1.20
C CYS A 87 3.14 -2.14 -1.74
N ASN A 88 2.77 -1.71 -2.95
CA ASN A 88 1.51 -2.12 -3.56
C ASN A 88 0.34 -1.63 -2.71
N VAL A 89 0.13 -0.33 -2.73
CA VAL A 89 -0.93 0.30 -1.96
C VAL A 89 -2.23 0.37 -2.76
N LEU A 90 -3.27 -0.23 -2.20
CA LEU A 90 -4.59 -0.21 -2.81
C LEU A 90 -5.54 0.62 -1.98
N LYS A 91 -6.51 1.27 -2.60
CA LYS A 91 -7.50 2.04 -1.87
C LYS A 91 -8.65 1.13 -1.49
N ILE A 92 -8.85 0.99 -0.19
CA ILE A 92 -9.81 0.06 0.35
C ILE A 92 -11.05 0.80 0.84
N ASN A 93 -12.22 0.33 0.43
CA ASN A 93 -13.47 0.92 0.88
C ASN A 93 -13.83 0.39 2.26
N ASP A 94 -13.88 1.30 3.23
CA ASP A 94 -14.20 0.96 4.61
C ASP A 94 -15.55 0.25 4.72
N GLY A 1 -4.39 14.37 -20.65
CA GLY A 1 -3.67 14.18 -21.90
C GLY A 1 -3.94 12.83 -22.52
N ALA A 2 -4.48 11.92 -21.72
CA ALA A 2 -4.79 10.57 -22.18
C ALA A 2 -5.81 9.94 -21.24
N LYS A 3 -6.43 8.86 -21.71
CA LYS A 3 -7.43 8.16 -20.90
C LYS A 3 -6.76 7.03 -20.13
N GLY A 4 -6.68 7.18 -18.82
CA GLY A 4 -6.02 6.19 -17.99
C GLY A 4 -7.01 5.28 -17.29
N ASP A 5 -8.03 4.86 -18.02
CA ASP A 5 -9.05 3.97 -17.46
C ASP A 5 -8.48 2.61 -17.11
N LEU A 6 -9.18 1.88 -16.27
CA LEU A 6 -8.68 0.60 -15.78
C LEU A 6 -9.38 -0.55 -16.49
N VAL A 7 -8.78 -1.73 -16.40
CA VAL A 7 -9.38 -2.93 -16.94
C VAL A 7 -9.81 -3.87 -15.81
N SER A 8 -11.10 -4.17 -15.75
CA SER A 8 -11.62 -5.07 -14.74
C SER A 8 -11.25 -6.52 -15.08
N PHE A 9 -10.08 -6.93 -14.60
CA PHE A 9 -9.55 -8.25 -14.92
C PHE A 9 -8.48 -8.66 -13.91
N ARG A 10 -7.56 -7.75 -13.63
CA ARG A 10 -6.45 -8.05 -12.74
C ARG A 10 -6.36 -7.03 -11.61
N ILE A 11 -6.80 -7.44 -10.42
CA ILE A 11 -6.71 -6.60 -9.24
C ILE A 11 -5.94 -7.33 -8.15
N ASP A 12 -5.14 -6.59 -7.40
CA ASP A 12 -4.30 -7.19 -6.37
C ASP A 12 -5.11 -7.71 -5.19
N GLU A 13 -6.08 -6.93 -4.73
CA GLU A 13 -6.88 -7.31 -3.56
C GLU A 13 -7.75 -8.54 -3.86
N SER A 14 -7.81 -8.91 -5.13
CA SER A 14 -8.57 -10.05 -5.58
C SER A 14 -7.85 -11.35 -5.27
N GLY A 15 -6.56 -11.26 -4.93
CA GLY A 15 -5.77 -12.45 -4.67
C GLY A 15 -4.80 -12.73 -5.79
N ARG A 16 -3.92 -11.78 -6.06
CA ARG A 16 -2.95 -11.92 -7.14
C ARG A 16 -1.67 -12.58 -6.65
N ALA A 17 -1.54 -13.86 -6.92
CA ALA A 17 -0.33 -14.59 -6.60
C ALA A 17 0.71 -14.44 -7.71
N ALA A 18 0.24 -14.00 -8.88
CA ALA A 18 1.10 -13.86 -10.05
C ALA A 18 2.11 -12.73 -9.89
N CYS A 19 1.78 -11.75 -9.05
CA CYS A 19 2.67 -10.63 -8.82
C CYS A 19 2.46 -10.04 -7.44
N VAL A 20 3.55 -9.85 -6.71
CA VAL A 20 3.52 -9.26 -5.39
C VAL A 20 4.94 -8.92 -4.94
N ASN A 21 5.15 -7.71 -4.45
CA ASN A 21 6.49 -7.26 -4.05
C ASN A 21 6.94 -7.92 -2.75
N ALA A 22 5.98 -8.28 -1.92
CA ALA A 22 6.27 -8.96 -0.66
C ALA A 22 5.93 -10.44 -0.77
N VAL A 23 6.22 -11.20 0.28
CA VAL A 23 5.91 -12.63 0.28
C VAL A 23 4.45 -12.84 0.66
N ARG A 24 3.56 -12.61 -0.34
CA ARG A 24 2.10 -12.73 -0.18
C ARG A 24 1.56 -12.09 1.11
N GLN A 25 2.30 -11.10 1.62
CA GLN A 25 1.95 -10.48 2.87
C GLN A 25 1.35 -9.11 2.64
N LYS A 26 0.02 -9.05 2.54
CA LYS A 26 -0.67 -7.80 2.39
C LYS A 26 -1.33 -7.40 3.70
N LYS A 27 -0.97 -6.23 4.18
CA LYS A 27 -1.55 -5.69 5.39
C LYS A 27 -2.62 -4.65 5.07
N ARG A 28 -3.66 -4.62 5.89
CA ARG A 28 -4.74 -3.66 5.73
C ARG A 28 -4.74 -2.66 6.89
N ALA A 29 -4.75 -1.38 6.56
CA ALA A 29 -4.74 -0.33 7.59
C ALA A 29 -5.27 0.97 6.98
N THR A 30 -5.33 2.01 7.79
CA THR A 30 -5.80 3.30 7.32
C THR A 30 -4.64 4.27 7.15
N VAL A 31 -4.75 5.16 6.18
CA VAL A 31 -3.76 6.20 5.99
C VAL A 31 -3.79 7.15 7.17
N ASP A 32 -2.70 7.15 7.91
CA ASP A 32 -2.57 7.98 9.09
C ASP A 32 -2.37 9.43 8.65
N SER A 33 -1.52 9.64 7.65
CA SER A 33 -1.24 10.96 7.11
C SER A 33 -0.54 10.85 5.75
N ILE A 34 -0.48 11.95 5.03
CA ILE A 34 0.22 12.01 3.75
C ILE A 34 0.98 13.33 3.63
N LYS A 35 2.22 13.22 3.19
CA LYS A 35 3.11 14.36 3.08
C LYS A 35 3.70 14.45 1.67
N GLY A 36 3.04 15.19 0.80
CA GLY A 36 3.53 15.36 -0.56
C GLY A 36 3.46 14.08 -1.38
N GLN A 37 4.62 13.47 -1.60
CA GLN A 37 4.69 12.24 -2.41
C GLN A 37 4.74 11.03 -1.51
N PHE A 38 4.58 11.24 -0.21
CA PHE A 38 4.76 10.16 0.74
C PHE A 38 3.58 10.06 1.66
N GLY A 39 3.21 8.83 1.95
CA GLY A 39 2.11 8.61 2.86
C GLY A 39 2.56 7.80 4.05
N PHE A 40 1.81 7.89 5.12
CA PHE A 40 2.08 7.14 6.31
C PHE A 40 0.81 6.47 6.77
N LEU A 41 0.90 5.21 7.05
CA LEU A 41 -0.27 4.46 7.48
C LEU A 41 -0.21 4.22 8.97
N ASN A 42 -1.36 4.06 9.58
CA ASN A 42 -1.43 3.81 11.00
C ASN A 42 -1.05 2.37 11.28
N PHE A 43 0.25 2.11 11.15
CA PHE A 43 0.80 0.77 11.33
C PHE A 43 2.21 0.89 11.85
N GLU A 44 2.37 0.74 13.15
CA GLU A 44 3.66 0.82 13.80
C GLU A 44 4.39 -0.51 13.67
N VAL A 45 5.31 -0.57 12.71
CA VAL A 45 6.03 -1.81 12.42
C VAL A 45 7.01 -2.16 13.52
N GLU A 46 7.68 -1.16 14.06
CA GLU A 46 8.69 -1.38 15.07
C GLU A 46 8.62 -0.31 16.15
N ASP A 47 8.02 -0.69 17.27
CA ASP A 47 8.03 0.15 18.49
C ASP A 47 7.40 1.52 18.27
N GLY A 48 6.59 1.66 17.24
CA GLY A 48 6.03 2.95 16.92
C GLY A 48 6.58 3.53 15.63
N LYS A 49 7.30 2.72 14.87
CA LYS A 49 7.76 3.13 13.56
C LYS A 49 6.56 3.23 12.61
N LYS A 50 6.23 4.45 12.22
CA LYS A 50 5.09 4.70 11.34
C LYS A 50 5.41 4.19 9.94
N LEU A 51 4.48 3.44 9.36
CA LEU A 51 4.67 2.90 8.03
C LEU A 51 4.59 3.98 6.97
N PHE A 52 5.66 4.13 6.19
CA PHE A 52 5.68 5.11 5.13
C PHE A 52 5.53 4.41 3.78
N PHE A 53 5.08 5.17 2.80
CA PHE A 53 5.00 4.68 1.43
C PHE A 53 5.15 5.83 0.46
N HIS A 54 5.63 5.55 -0.74
CA HIS A 54 5.75 6.57 -1.76
C HIS A 54 4.52 6.51 -2.67
N MET A 55 4.16 7.63 -3.27
CA MET A 55 2.99 7.72 -4.14
C MET A 55 3.13 6.88 -5.41
N SER A 56 4.27 6.22 -5.58
CA SER A 56 4.48 5.36 -6.73
C SER A 56 3.91 3.97 -6.46
N GLU A 57 3.73 3.65 -5.18
CA GLU A 57 3.12 2.40 -4.77
C GLU A 57 1.60 2.55 -4.66
N VAL A 58 1.14 3.79 -4.81
CA VAL A 58 -0.27 4.13 -4.62
C VAL A 58 -1.17 3.59 -5.74
N GLN A 59 -2.42 3.32 -5.37
CA GLN A 59 -3.42 2.71 -6.26
C GLN A 59 -3.74 3.62 -7.45
N GLY A 60 -3.05 3.40 -8.56
CA GLY A 60 -3.42 4.03 -9.82
C GLY A 60 -2.98 5.47 -9.93
N ASN A 61 -3.55 6.34 -9.11
CA ASN A 61 -3.29 7.77 -9.20
C ASN A 61 -2.95 8.31 -7.83
N THR A 62 -2.01 9.23 -7.81
CA THR A 62 -1.51 9.82 -6.59
C THR A 62 -2.54 10.75 -5.96
N VAL A 63 -3.45 11.23 -6.79
CA VAL A 63 -4.51 12.13 -6.36
C VAL A 63 -5.77 11.33 -6.02
N ALA A 64 -5.62 10.01 -5.94
CA ALA A 64 -6.74 9.14 -5.61
C ALA A 64 -6.67 8.65 -4.17
N LEU A 65 -5.46 8.34 -3.72
CA LEU A 65 -5.26 7.83 -2.38
C LEU A 65 -5.04 8.99 -1.42
N HIS A 66 -5.85 9.05 -0.36
CA HIS A 66 -5.83 10.19 0.55
C HIS A 66 -5.80 9.72 2.00
N PRO A 67 -5.39 10.61 2.93
CA PRO A 67 -5.38 10.32 4.37
C PRO A 67 -6.78 10.04 4.89
N GLY A 68 -6.87 9.06 5.79
CA GLY A 68 -8.16 8.69 6.35
C GLY A 68 -8.84 7.60 5.56
N ASP A 69 -8.35 7.34 4.36
CA ASP A 69 -8.85 6.23 3.55
C ASP A 69 -8.23 4.93 4.03
N THR A 70 -8.98 3.85 3.90
CA THR A 70 -8.45 2.53 4.22
C THR A 70 -7.64 2.03 3.02
N VAL A 71 -6.52 1.38 3.30
CA VAL A 71 -5.64 0.91 2.25
C VAL A 71 -5.17 -0.48 2.50
N GLU A 72 -4.79 -1.13 1.43
CA GLU A 72 -4.15 -2.41 1.49
C GLU A 72 -2.74 -2.24 0.97
N PHE A 73 -1.79 -2.75 1.69
CA PHE A 73 -0.39 -2.58 1.35
C PHE A 73 0.37 -3.84 1.65
N SER A 74 1.65 -3.83 1.38
CA SER A 74 2.48 -5.00 1.62
C SER A 74 3.66 -4.60 2.47
N VAL A 75 3.78 -5.24 3.61
CA VAL A 75 4.80 -4.90 4.57
C VAL A 75 6.14 -5.55 4.19
N VAL A 76 7.01 -4.76 3.55
CA VAL A 76 8.31 -5.24 3.14
C VAL A 76 9.41 -4.59 3.96
N THR A 77 10.17 -5.42 4.65
CA THR A 77 11.24 -4.93 5.50
C THR A 77 12.38 -4.33 4.69
N ASN A 78 12.83 -3.15 5.10
CA ASN A 78 14.01 -2.53 4.54
C ASN A 78 15.23 -3.31 4.97
N GLN A 79 15.80 -4.09 4.06
CA GLN A 79 16.89 -5.00 4.40
C GLN A 79 18.14 -4.26 4.87
N ARG A 80 18.17 -2.96 4.65
CA ARG A 80 19.30 -2.14 5.05
C ARG A 80 19.07 -1.49 6.42
N ASN A 81 17.83 -1.08 6.67
CA ASN A 81 17.55 -0.24 7.84
C ASN A 81 16.82 -1.00 8.95
N GLY A 82 16.01 -1.98 8.57
CA GLY A 82 15.29 -2.77 9.57
C GLY A 82 13.82 -2.40 9.69
N LYS A 83 13.45 -1.20 9.26
CA LYS A 83 12.06 -0.76 9.27
C LYS A 83 11.37 -1.26 8.01
N SER A 84 10.08 -1.04 7.89
CA SER A 84 9.34 -1.55 6.74
C SER A 84 8.76 -0.41 5.92
N SER A 85 8.03 -0.76 4.87
CA SER A 85 7.40 0.20 3.98
C SER A 85 6.22 -0.44 3.26
N ALA A 86 5.25 0.37 2.88
CA ALA A 86 4.06 -0.11 2.20
C ALA A 86 4.29 -0.19 0.71
N CYS A 87 4.20 -1.38 0.16
CA CYS A 87 4.31 -1.57 -1.27
C CYS A 87 3.00 -2.11 -1.82
N ASN A 88 2.62 -1.63 -3.00
CA ASN A 88 1.36 -2.01 -3.61
C ASN A 88 0.20 -1.54 -2.72
N VAL A 89 0.00 -0.22 -2.73
CA VAL A 89 -1.02 0.42 -1.92
C VAL A 89 -2.35 0.47 -2.67
N LEU A 90 -3.35 -0.20 -2.13
CA LEU A 90 -4.68 -0.27 -2.72
C LEU A 90 -5.67 0.55 -1.90
N LYS A 91 -6.67 1.12 -2.56
CA LYS A 91 -7.75 1.79 -1.84
C LYS A 91 -8.75 0.75 -1.34
N ILE A 92 -9.02 0.77 -0.06
CA ILE A 92 -9.88 -0.22 0.57
C ILE A 92 -11.12 0.44 1.17
N ASN A 93 -12.27 -0.19 0.98
CA ASN A 93 -13.49 0.23 1.68
C ASN A 93 -13.74 -0.75 2.83
N ASP A 94 -13.76 -0.26 4.05
CA ASP A 94 -13.88 -1.12 5.23
C ASP A 94 -14.14 -0.28 6.48
N GLY A 1 -14.74 -16.82 -20.67
CA GLY A 1 -13.79 -17.72 -21.28
C GLY A 1 -12.73 -17.00 -22.07
N ALA A 2 -12.56 -15.73 -21.77
CA ALA A 2 -11.58 -14.90 -22.45
C ALA A 2 -11.12 -13.76 -21.55
N LYS A 3 -9.87 -13.33 -21.73
CA LYS A 3 -9.29 -12.20 -20.99
C LYS A 3 -9.28 -12.49 -19.49
N GLY A 4 -9.05 -13.74 -19.14
CA GLY A 4 -9.02 -14.13 -17.74
C GLY A 4 -7.63 -14.55 -17.31
N ASP A 5 -6.63 -13.79 -17.74
CA ASP A 5 -5.24 -14.11 -17.45
C ASP A 5 -4.84 -13.50 -16.11
N LEU A 6 -3.58 -13.70 -15.73
CA LEU A 6 -3.07 -13.14 -14.48
C LEU A 6 -2.53 -11.74 -14.70
N VAL A 7 -3.42 -10.82 -15.06
CA VAL A 7 -3.03 -9.43 -15.28
C VAL A 7 -2.88 -8.70 -13.94
N SER A 8 -1.64 -8.54 -13.51
CA SER A 8 -1.36 -7.80 -12.30
C SER A 8 -1.18 -6.32 -12.63
N PHE A 9 -2.31 -5.64 -12.76
CA PHE A 9 -2.35 -4.26 -13.23
C PHE A 9 -3.80 -3.76 -13.21
N ARG A 10 -4.69 -4.56 -12.63
CA ARG A 10 -6.10 -4.29 -12.72
C ARG A 10 -6.80 -4.64 -11.40
N ILE A 11 -6.91 -5.92 -11.09
CA ILE A 11 -7.40 -6.32 -9.76
C ILE A 11 -6.35 -7.14 -9.07
N ASP A 12 -5.58 -6.49 -8.23
CA ASP A 12 -4.49 -7.15 -7.54
C ASP A 12 -4.87 -7.48 -6.09
N GLU A 13 -5.92 -6.82 -5.59
CA GLU A 13 -6.42 -7.09 -4.24
C GLU A 13 -7.06 -8.47 -4.18
N SER A 14 -7.12 -9.13 -5.33
CA SER A 14 -7.64 -10.48 -5.43
C SER A 14 -6.51 -11.50 -5.34
N GLY A 15 -5.26 -11.03 -5.35
CA GLY A 15 -4.14 -11.95 -5.21
C GLY A 15 -3.41 -12.24 -6.51
N ARG A 16 -2.88 -11.21 -7.16
CA ARG A 16 -2.12 -11.40 -8.38
C ARG A 16 -0.64 -11.62 -8.04
N ALA A 17 -0.16 -12.83 -8.31
CA ALA A 17 1.21 -13.20 -7.98
C ALA A 17 2.21 -12.66 -9.01
N ALA A 18 1.69 -12.24 -10.17
CA ALA A 18 2.55 -11.78 -11.27
C ALA A 18 3.21 -10.44 -10.94
N CYS A 19 2.71 -9.76 -9.92
CA CYS A 19 3.34 -8.56 -9.41
C CYS A 19 3.35 -8.64 -7.89
N VAL A 20 4.49 -8.41 -7.28
CA VAL A 20 4.63 -8.56 -5.84
C VAL A 20 5.95 -7.98 -5.34
N ASN A 21 5.92 -7.36 -4.17
CA ASN A 21 7.12 -6.84 -3.55
C ASN A 21 7.38 -7.58 -2.23
N ALA A 22 6.36 -7.62 -1.37
CA ALA A 22 6.45 -8.35 -0.12
C ALA A 22 5.81 -9.73 -0.27
N VAL A 23 6.58 -10.76 0.01
CA VAL A 23 6.15 -12.14 -0.19
C VAL A 23 4.91 -12.47 0.64
N ARG A 24 3.77 -12.62 -0.07
CA ARG A 24 2.46 -12.97 0.53
C ARG A 24 2.12 -12.20 1.82
N GLN A 25 2.69 -11.03 1.97
CA GLN A 25 2.49 -10.27 3.20
C GLN A 25 1.75 -8.97 2.92
N LYS A 26 0.44 -9.07 2.70
CA LYS A 26 -0.38 -7.89 2.52
C LYS A 26 -1.04 -7.51 3.84
N LYS A 27 -0.85 -6.28 4.24
CA LYS A 27 -1.46 -5.74 5.44
C LYS A 27 -2.48 -4.67 5.10
N ARG A 28 -3.56 -4.59 5.86
CA ARG A 28 -4.56 -3.56 5.63
C ARG A 28 -4.65 -2.63 6.84
N ALA A 29 -4.66 -1.34 6.55
CA ALA A 29 -4.73 -0.32 7.59
C ALA A 29 -5.23 0.98 7.00
N THR A 30 -5.34 1.99 7.83
CA THR A 30 -5.83 3.28 7.40
C THR A 30 -4.67 4.26 7.26
N VAL A 31 -4.75 5.14 6.27
CA VAL A 31 -3.72 6.15 6.07
C VAL A 31 -3.72 7.15 7.21
N ASP A 32 -2.63 7.17 7.94
CA ASP A 32 -2.45 8.10 9.03
C ASP A 32 -2.33 9.52 8.48
N SER A 33 -1.44 9.70 7.52
CA SER A 33 -1.15 11.01 6.97
C SER A 33 -0.50 10.89 5.59
N ILE A 34 -0.44 12.00 4.88
CA ILE A 34 0.22 12.07 3.59
C ILE A 34 0.95 13.41 3.44
N LYS A 35 2.20 13.34 3.01
CA LYS A 35 3.03 14.52 2.85
C LYS A 35 3.62 14.57 1.44
N GLY A 36 2.93 15.28 0.54
CA GLY A 36 3.42 15.41 -0.81
C GLY A 36 3.39 14.10 -1.57
N GLN A 37 4.57 13.52 -1.79
CA GLN A 37 4.68 12.27 -2.53
C GLN A 37 4.80 11.09 -1.58
N PHE A 38 4.63 11.33 -0.28
CA PHE A 38 4.83 10.29 0.70
C PHE A 38 3.63 10.14 1.61
N GLY A 39 3.34 8.92 1.96
CA GLY A 39 2.22 8.65 2.84
C GLY A 39 2.63 7.81 4.01
N PHE A 40 1.81 7.81 5.05
CA PHE A 40 2.07 7.04 6.24
C PHE A 40 0.78 6.37 6.70
N LEU A 41 0.89 5.16 7.20
CA LEU A 41 -0.28 4.41 7.61
C LEU A 41 -0.24 4.12 9.09
N ASN A 42 -1.40 3.88 9.69
CA ASN A 42 -1.48 3.52 11.10
C ASN A 42 -1.03 2.09 11.29
N PHE A 43 0.27 1.88 11.16
CA PHE A 43 0.85 0.57 11.28
C PHE A 43 2.24 0.70 11.90
N GLU A 44 2.31 0.42 13.19
CA GLU A 44 3.55 0.49 13.93
C GLU A 44 4.36 -0.77 13.72
N VAL A 45 5.42 -0.65 12.93
CA VAL A 45 6.27 -1.78 12.58
C VAL A 45 7.10 -2.23 13.78
N GLU A 46 7.99 -1.35 14.20
CA GLU A 46 8.89 -1.61 15.29
C GLU A 46 8.92 -0.42 16.23
N ASP A 47 8.47 -0.61 17.46
CA ASP A 47 8.60 0.39 18.51
C ASP A 47 7.82 1.66 18.20
N GLY A 48 6.87 1.53 17.29
CA GLY A 48 6.07 2.67 16.89
C GLY A 48 6.53 3.26 15.57
N LYS A 49 7.23 2.47 14.76
CA LYS A 49 7.64 2.91 13.43
C LYS A 49 6.40 3.10 12.57
N LYS A 50 6.10 4.35 12.25
CA LYS A 50 4.96 4.66 11.40
C LYS A 50 5.28 4.25 9.97
N LEU A 51 4.51 3.32 9.43
CA LEU A 51 4.75 2.82 8.08
C LEU A 51 4.65 3.94 7.06
N PHE A 52 5.71 4.09 6.27
CA PHE A 52 5.72 5.07 5.21
C PHE A 52 5.58 4.38 3.86
N PHE A 53 5.11 5.13 2.88
CA PHE A 53 5.05 4.65 1.51
C PHE A 53 5.24 5.82 0.57
N HIS A 54 5.72 5.55 -0.63
CA HIS A 54 5.86 6.57 -1.65
C HIS A 54 4.65 6.49 -2.59
N MET A 55 4.27 7.62 -3.20
CA MET A 55 3.11 7.69 -4.09
C MET A 55 3.26 6.77 -5.30
N SER A 56 4.46 6.25 -5.53
CA SER A 56 4.68 5.32 -6.63
C SER A 56 4.05 3.95 -6.31
N GLU A 57 3.91 3.65 -5.02
CA GLU A 57 3.28 2.41 -4.60
C GLU A 57 1.75 2.57 -4.56
N VAL A 58 1.30 3.81 -4.63
CA VAL A 58 -0.12 4.15 -4.57
C VAL A 58 -0.92 3.59 -5.74
N GLN A 59 -2.21 3.35 -5.48
CA GLN A 59 -3.14 2.75 -6.44
C GLN A 59 -3.33 3.61 -7.68
N GLY A 60 -2.58 3.30 -8.74
CA GLY A 60 -2.78 3.93 -10.03
C GLY A 60 -2.31 5.37 -10.06
N ASN A 61 -3.16 6.26 -9.57
CA ASN A 61 -2.87 7.69 -9.59
C ASN A 61 -2.63 8.18 -8.18
N THR A 62 -1.71 9.12 -8.02
CA THR A 62 -1.32 9.62 -6.72
C THR A 62 -2.50 10.21 -5.96
N VAL A 63 -3.33 10.96 -6.65
CA VAL A 63 -4.47 11.62 -6.07
C VAL A 63 -5.65 10.68 -5.84
N ALA A 64 -5.46 9.41 -6.12
CA ALA A 64 -6.52 8.44 -5.95
C ALA A 64 -6.48 7.80 -4.57
N LEU A 65 -5.42 8.06 -3.83
CA LEU A 65 -5.28 7.54 -2.48
C LEU A 65 -5.25 8.71 -1.49
N HIS A 66 -6.15 8.67 -0.50
CA HIS A 66 -6.34 9.80 0.40
C HIS A 66 -6.05 9.41 1.85
N PRO A 67 -5.58 10.37 2.67
CA PRO A 67 -5.38 10.16 4.11
C PRO A 67 -6.70 9.93 4.83
N GLY A 68 -6.71 9.00 5.77
CA GLY A 68 -7.93 8.67 6.49
C GLY A 68 -8.69 7.55 5.83
N ASP A 69 -8.36 7.26 4.59
CA ASP A 69 -8.98 6.16 3.85
C ASP A 69 -8.31 4.85 4.21
N THR A 70 -9.09 3.77 4.16
CA THR A 70 -8.53 2.44 4.37
C THR A 70 -7.78 2.02 3.11
N VAL A 71 -6.62 1.42 3.31
CA VAL A 71 -5.79 0.98 2.20
C VAL A 71 -5.26 -0.41 2.47
N GLU A 72 -4.90 -1.08 1.41
CA GLU A 72 -4.25 -2.35 1.52
C GLU A 72 -2.85 -2.21 0.95
N PHE A 73 -1.89 -2.71 1.69
CA PHE A 73 -0.50 -2.51 1.35
C PHE A 73 0.28 -3.77 1.66
N SER A 74 1.56 -3.75 1.40
CA SER A 74 2.40 -4.90 1.64
C SER A 74 3.61 -4.46 2.44
N VAL A 75 3.75 -5.04 3.63
CA VAL A 75 4.77 -4.61 4.55
C VAL A 75 6.06 -5.40 4.37
N VAL A 76 7.07 -4.73 3.82
CA VAL A 76 8.38 -5.34 3.65
C VAL A 76 9.41 -4.60 4.49
N THR A 77 10.11 -5.34 5.35
CA THR A 77 11.14 -4.75 6.18
C THR A 77 12.45 -4.63 5.42
N ASN A 78 12.99 -3.44 5.41
CA ASN A 78 14.28 -3.18 4.80
C ASN A 78 15.38 -3.83 5.63
N GLN A 79 16.15 -4.72 5.04
CA GLN A 79 17.21 -5.40 5.77
C GLN A 79 18.40 -4.47 6.03
N ARG A 80 18.50 -3.43 5.23
CA ARG A 80 19.56 -2.43 5.39
C ARG A 80 19.07 -1.24 6.20
N ASN A 81 17.80 -0.91 6.04
CA ASN A 81 17.22 0.29 6.63
C ASN A 81 16.51 -0.03 7.95
N GLY A 82 16.20 -1.32 8.13
CA GLY A 82 15.62 -1.80 9.37
C GLY A 82 14.13 -1.56 9.49
N LYS A 83 13.63 -0.54 8.83
CA LYS A 83 12.20 -0.26 8.86
C LYS A 83 11.51 -0.79 7.61
N SER A 84 10.19 -0.79 7.66
CA SER A 84 9.40 -1.37 6.59
C SER A 84 8.81 -0.30 5.69
N SER A 85 8.14 -0.74 4.64
CA SER A 85 7.50 0.16 3.70
C SER A 85 6.20 -0.48 3.22
N ALA A 86 5.26 0.34 2.76
CA ALA A 86 4.00 -0.14 2.24
C ALA A 86 4.04 -0.18 0.73
N CYS A 87 3.88 -1.36 0.17
CA CYS A 87 3.94 -1.53 -1.27
C CYS A 87 2.60 -2.01 -1.81
N ASN A 88 2.28 -1.61 -3.03
CA ASN A 88 1.01 -1.96 -3.66
C ASN A 88 -0.14 -1.38 -2.85
N VAL A 89 -0.06 -0.08 -2.59
CA VAL A 89 -1.05 0.61 -1.77
C VAL A 89 -2.36 0.78 -2.53
N LEU A 90 -3.31 -0.07 -2.23
CA LEU A 90 -4.59 -0.06 -2.91
C LEU A 90 -5.66 0.58 -2.04
N LYS A 91 -6.63 1.23 -2.68
CA LYS A 91 -7.71 1.89 -1.98
C LYS A 91 -8.73 0.87 -1.50
N ILE A 92 -9.05 0.91 -0.22
CA ILE A 92 -10.00 -0.02 0.36
C ILE A 92 -11.25 0.73 0.86
N ASN A 93 -12.42 0.20 0.55
CA ASN A 93 -13.68 0.89 0.86
C ASN A 93 -14.45 0.17 1.96
N ASP A 94 -14.67 0.90 3.06
CA ASP A 94 -15.56 0.44 4.13
C ASP A 94 -15.62 1.50 5.23
N GLY A 1 -20.65 -3.62 -28.73
CA GLY A 1 -20.68 -2.65 -27.66
C GLY A 1 -19.31 -2.42 -27.04
N ALA A 2 -19.29 -2.10 -25.75
CA ALA A 2 -18.05 -1.85 -25.04
C ALA A 2 -17.86 -2.86 -23.92
N LYS A 3 -16.93 -3.79 -24.13
CA LYS A 3 -16.65 -4.83 -23.15
C LYS A 3 -15.58 -4.35 -22.18
N GLY A 4 -15.71 -3.09 -21.78
CA GLY A 4 -14.69 -2.47 -20.97
C GLY A 4 -15.18 -2.08 -19.58
N ASP A 5 -15.27 -3.06 -18.71
CA ASP A 5 -15.55 -2.79 -17.30
C ASP A 5 -14.58 -3.62 -16.46
N LEU A 6 -14.03 -3.01 -15.42
CA LEU A 6 -13.02 -3.64 -14.61
C LEU A 6 -13.59 -4.84 -13.85
N VAL A 7 -13.04 -6.01 -14.15
CA VAL A 7 -13.46 -7.23 -13.49
C VAL A 7 -12.58 -7.50 -12.27
N SER A 8 -13.19 -8.06 -11.24
CA SER A 8 -12.49 -8.35 -9.99
C SER A 8 -11.59 -9.58 -10.14
N PHE A 9 -11.40 -10.02 -11.37
CA PHE A 9 -10.61 -11.20 -11.66
C PHE A 9 -9.12 -10.87 -11.70
N ARG A 10 -8.80 -9.66 -12.11
CA ARG A 10 -7.40 -9.29 -12.33
C ARG A 10 -7.00 -8.06 -11.52
N ILE A 11 -7.75 -7.76 -10.46
CA ILE A 11 -7.45 -6.61 -9.63
C ILE A 11 -6.43 -6.98 -8.56
N ASP A 12 -5.62 -6.00 -8.16
CA ASP A 12 -4.59 -6.20 -7.15
C ASP A 12 -5.16 -6.71 -5.84
N GLU A 13 -6.20 -6.05 -5.34
CA GLU A 13 -6.84 -6.41 -4.08
C GLU A 13 -7.37 -7.84 -4.12
N SER A 14 -7.68 -8.32 -5.32
CA SER A 14 -8.17 -9.67 -5.51
C SER A 14 -7.12 -10.70 -5.14
N GLY A 15 -5.85 -10.31 -5.18
CA GLY A 15 -4.78 -11.22 -4.86
C GLY A 15 -3.86 -11.49 -6.02
N ARG A 16 -3.25 -10.43 -6.55
CA ARG A 16 -2.29 -10.56 -7.63
C ARG A 16 -1.02 -11.26 -7.14
N ALA A 17 -0.93 -12.56 -7.41
CA ALA A 17 0.25 -13.33 -7.07
C ALA A 17 1.30 -13.24 -8.17
N ALA A 18 0.87 -12.81 -9.35
CA ALA A 18 1.75 -12.76 -10.51
C ALA A 18 2.82 -11.68 -10.35
N CYS A 19 2.43 -10.57 -9.75
CA CYS A 19 3.37 -9.50 -9.44
C CYS A 19 3.30 -9.18 -7.97
N VAL A 20 4.45 -9.13 -7.31
CA VAL A 20 4.48 -8.92 -5.87
C VAL A 20 5.87 -8.45 -5.41
N ASN A 21 5.90 -7.67 -4.33
CA ASN A 21 7.15 -7.14 -3.81
C ASN A 21 7.51 -7.83 -2.50
N ALA A 22 6.56 -7.90 -1.58
CA ALA A 22 6.78 -8.59 -0.32
C ALA A 22 6.38 -10.06 -0.46
N VAL A 23 6.85 -10.90 0.45
CA VAL A 23 6.55 -12.32 0.39
C VAL A 23 5.11 -12.59 0.86
N ARG A 24 4.16 -12.45 -0.08
CA ARG A 24 2.72 -12.71 0.13
C ARG A 24 2.18 -12.10 1.44
N GLN A 25 2.84 -11.07 1.94
CA GLN A 25 2.47 -10.47 3.21
C GLN A 25 1.80 -9.12 2.99
N LYS A 26 0.50 -9.14 2.74
CA LYS A 26 -0.27 -7.91 2.61
C LYS A 26 -0.88 -7.53 3.95
N LYS A 27 -0.77 -6.27 4.29
CA LYS A 27 -1.41 -5.72 5.47
C LYS A 27 -2.40 -4.64 5.06
N ARG A 28 -3.48 -4.51 5.80
CA ARG A 28 -4.46 -3.48 5.51
C ARG A 28 -4.67 -2.58 6.72
N ALA A 29 -4.65 -1.29 6.48
CA ALA A 29 -4.75 -0.29 7.53
C ALA A 29 -5.24 1.02 6.93
N THR A 30 -5.39 2.03 7.78
CA THR A 30 -5.88 3.31 7.33
C THR A 30 -4.72 4.29 7.24
N VAL A 31 -4.78 5.18 6.26
CA VAL A 31 -3.77 6.23 6.11
C VAL A 31 -3.83 7.18 7.30
N ASP A 32 -2.69 7.32 7.96
CA ASP A 32 -2.57 8.25 9.08
C ASP A 32 -2.39 9.67 8.56
N SER A 33 -1.48 9.82 7.62
CA SER A 33 -1.12 11.14 7.10
C SER A 33 -0.49 11.00 5.71
N ILE A 34 -0.38 12.11 4.99
CA ILE A 34 0.27 12.13 3.69
C ILE A 34 1.09 13.41 3.55
N LYS A 35 2.36 13.24 3.21
CA LYS A 35 3.29 14.35 3.04
C LYS A 35 3.73 14.44 1.58
N GLY A 36 2.96 15.15 0.77
CA GLY A 36 3.31 15.31 -0.63
C GLY A 36 3.27 13.99 -1.40
N GLN A 37 4.44 13.46 -1.71
CA GLN A 37 4.53 12.23 -2.50
C GLN A 37 4.64 11.01 -1.59
N PHE A 38 4.55 11.22 -0.29
CA PHE A 38 4.71 10.12 0.64
C PHE A 38 3.53 10.03 1.58
N GLY A 39 3.13 8.82 1.87
CA GLY A 39 2.04 8.62 2.77
C GLY A 39 2.46 7.81 3.97
N PHE A 40 1.67 7.88 5.03
CA PHE A 40 1.94 7.13 6.23
C PHE A 40 0.67 6.46 6.69
N LEU A 41 0.79 5.21 7.10
CA LEU A 41 -0.36 4.44 7.54
C LEU A 41 -0.23 4.12 9.01
N ASN A 42 -1.36 3.91 9.67
CA ASN A 42 -1.31 3.59 11.10
C ASN A 42 -0.92 2.13 11.29
N PHE A 43 0.35 1.87 11.06
CA PHE A 43 0.92 0.56 11.23
C PHE A 43 2.30 0.70 11.85
N GLU A 44 2.40 0.38 13.12
CA GLU A 44 3.64 0.54 13.86
C GLU A 44 4.45 -0.74 13.86
N VAL A 45 5.52 -0.71 13.06
CA VAL A 45 6.33 -1.88 12.82
C VAL A 45 7.29 -2.15 13.97
N GLU A 46 8.35 -1.37 14.02
CA GLU A 46 9.41 -1.58 14.98
C GLU A 46 9.43 -0.45 16.00
N ASP A 47 9.09 -0.77 17.25
CA ASP A 47 9.20 0.18 18.36
C ASP A 47 8.32 1.42 18.13
N GLY A 48 7.31 1.27 17.30
CA GLY A 48 6.44 2.40 17.00
C GLY A 48 6.82 3.10 15.71
N LYS A 49 7.42 2.35 14.78
CA LYS A 49 7.77 2.91 13.47
C LYS A 49 6.53 3.00 12.61
N LYS A 50 6.07 4.20 12.34
CA LYS A 50 4.87 4.40 11.54
C LYS A 50 5.21 4.15 10.08
N LEU A 51 4.45 3.27 9.44
CA LEU A 51 4.70 2.88 8.07
C LEU A 51 4.57 4.03 7.10
N PHE A 52 5.57 4.19 6.26
CA PHE A 52 5.52 5.18 5.20
C PHE A 52 5.45 4.46 3.86
N PHE A 53 4.98 5.16 2.85
CA PHE A 53 4.94 4.63 1.50
C PHE A 53 5.10 5.75 0.49
N HIS A 54 5.68 5.44 -0.66
CA HIS A 54 5.81 6.44 -1.71
C HIS A 54 4.58 6.36 -2.62
N MET A 55 4.20 7.48 -3.21
CA MET A 55 3.05 7.55 -4.10
C MET A 55 3.24 6.69 -5.36
N SER A 56 4.39 6.03 -5.46
CA SER A 56 4.64 5.09 -6.55
C SER A 56 3.81 3.83 -6.35
N GLU A 57 3.57 3.48 -5.09
CA GLU A 57 2.81 2.28 -4.75
C GLU A 57 1.31 2.59 -4.71
N VAL A 58 0.99 3.87 -4.78
CA VAL A 58 -0.39 4.34 -4.64
C VAL A 58 -1.29 3.86 -5.78
N GLN A 59 -2.54 3.60 -5.43
CA GLN A 59 -3.54 3.05 -6.34
C GLN A 59 -3.90 4.03 -7.45
N GLY A 60 -3.48 3.70 -8.66
CA GLY A 60 -3.86 4.48 -9.83
C GLY A 60 -3.14 5.80 -9.91
N ASN A 61 -3.76 6.84 -9.37
CA ASN A 61 -3.22 8.18 -9.41
C ASN A 61 -2.82 8.63 -8.02
N THR A 62 -1.89 9.57 -7.95
CA THR A 62 -1.40 10.08 -6.68
C THR A 62 -2.53 10.72 -5.87
N VAL A 63 -3.49 11.32 -6.57
CA VAL A 63 -4.61 11.98 -5.92
C VAL A 63 -5.80 11.02 -5.80
N ALA A 64 -5.54 9.72 -5.94
CA ALA A 64 -6.58 8.71 -5.84
C ALA A 64 -6.50 7.96 -4.51
N LEU A 65 -5.55 8.36 -3.68
CA LEU A 65 -5.38 7.80 -2.36
C LEU A 65 -5.31 8.94 -1.35
N HIS A 66 -6.17 8.90 -0.33
CA HIS A 66 -6.31 10.03 0.59
C HIS A 66 -6.05 9.62 2.04
N PRO A 67 -5.62 10.57 2.89
CA PRO A 67 -5.44 10.32 4.33
C PRO A 67 -6.76 10.09 5.05
N GLY A 68 -6.81 9.07 5.90
CA GLY A 68 -8.02 8.74 6.60
C GLY A 68 -8.83 7.69 5.88
N ASP A 69 -8.36 7.30 4.70
CA ASP A 69 -9.02 6.28 3.92
C ASP A 69 -8.38 4.93 4.17
N THR A 70 -9.14 3.86 3.97
CA THR A 70 -8.62 2.52 4.20
C THR A 70 -7.84 2.05 2.99
N VAL A 71 -6.65 1.53 3.21
CA VAL A 71 -5.78 1.10 2.14
C VAL A 71 -5.20 -0.25 2.41
N GLU A 72 -4.73 -0.87 1.36
CA GLU A 72 -4.09 -2.14 1.42
C GLU A 72 -2.67 -2.02 0.92
N PHE A 73 -1.75 -2.66 1.60
CA PHE A 73 -0.33 -2.52 1.31
C PHE A 73 0.40 -3.79 1.67
N SER A 74 1.70 -3.80 1.47
CA SER A 74 2.47 -4.98 1.79
C SER A 74 3.62 -4.58 2.67
N VAL A 75 3.81 -5.30 3.75
CA VAL A 75 4.82 -4.97 4.73
C VAL A 75 6.13 -5.69 4.41
N VAL A 76 7.03 -4.96 3.76
CA VAL A 76 8.34 -5.48 3.41
C VAL A 76 9.39 -4.93 4.37
N THR A 77 9.98 -5.81 5.16
CA THR A 77 10.94 -5.42 6.16
C THR A 77 12.31 -5.19 5.52
N ASN A 78 12.87 -4.02 5.78
CA ASN A 78 14.21 -3.71 5.35
C ASN A 78 15.20 -4.53 6.16
N GLN A 79 15.75 -5.58 5.56
CA GLN A 79 16.66 -6.48 6.27
C GLN A 79 17.85 -5.73 6.86
N ARG A 80 18.21 -4.61 6.25
CA ARG A 80 19.33 -3.80 6.72
C ARG A 80 18.89 -2.85 7.83
N ASN A 81 17.73 -2.24 7.67
CA ASN A 81 17.30 -1.16 8.56
C ASN A 81 16.42 -1.65 9.70
N GLY A 82 15.67 -2.71 9.43
CA GLY A 82 14.78 -3.27 10.44
C GLY A 82 13.35 -2.79 10.30
N LYS A 83 13.18 -1.63 9.68
CA LYS A 83 11.84 -1.07 9.50
C LYS A 83 11.20 -1.61 8.23
N SER A 84 9.95 -1.25 8.00
CA SER A 84 9.24 -1.73 6.83
C SER A 84 8.86 -0.58 5.90
N SER A 85 8.20 -0.92 4.80
CA SER A 85 7.68 0.04 3.84
C SER A 85 6.41 -0.54 3.21
N ALA A 86 5.46 0.31 2.85
CA ALA A 86 4.23 -0.15 2.22
C ALA A 86 4.41 -0.27 0.71
N CYS A 87 4.19 -1.47 0.20
CA CYS A 87 4.30 -1.73 -1.22
C CYS A 87 2.96 -2.17 -1.78
N ASN A 88 2.67 -1.75 -3.02
CA ASN A 88 1.39 -2.04 -3.66
C ASN A 88 0.23 -1.51 -2.82
N VAL A 89 0.10 -0.19 -2.77
CA VAL A 89 -0.94 0.48 -2.00
C VAL A 89 -2.24 0.56 -2.79
N LEU A 90 -3.26 -0.12 -2.29
CA LEU A 90 -4.56 -0.14 -2.93
C LEU A 90 -5.58 0.62 -2.10
N LYS A 91 -6.56 1.22 -2.77
CA LYS A 91 -7.64 1.88 -2.06
C LYS A 91 -8.68 0.82 -1.65
N ILE A 92 -8.96 0.78 -0.37
CA ILE A 92 -9.84 -0.24 0.17
C ILE A 92 -11.21 0.31 0.51
N ASN A 93 -12.24 -0.41 0.10
CA ASN A 93 -13.59 -0.08 0.46
C ASN A 93 -13.87 -0.59 1.87
N ASP A 94 -14.23 0.31 2.76
CA ASP A 94 -14.43 -0.05 4.16
C ASP A 94 -15.83 -0.60 4.39
N GLY A 1 -16.10 -0.45 -13.96
CA GLY A 1 -15.14 0.05 -14.93
C GLY A 1 -14.20 1.06 -14.33
N ALA A 2 -14.72 1.89 -13.44
CA ALA A 2 -13.92 2.88 -12.75
C ALA A 2 -13.32 2.30 -11.48
N LYS A 3 -12.39 3.02 -10.87
CA LYS A 3 -11.74 2.54 -9.65
C LYS A 3 -12.62 2.83 -8.44
N GLY A 4 -12.93 1.79 -7.70
CA GLY A 4 -13.92 1.89 -6.63
C GLY A 4 -15.25 1.35 -7.10
N ASP A 5 -15.23 0.78 -8.30
CA ASP A 5 -16.42 0.14 -8.87
C ASP A 5 -16.04 -1.27 -9.30
N LEU A 6 -16.98 -2.20 -9.20
CA LEU A 6 -16.70 -3.59 -9.47
C LEU A 6 -16.78 -3.90 -10.97
N VAL A 7 -15.64 -3.85 -11.63
CA VAL A 7 -15.56 -4.21 -13.04
C VAL A 7 -15.59 -5.72 -13.22
N SER A 8 -15.00 -6.44 -12.25
CA SER A 8 -14.99 -7.91 -12.23
C SER A 8 -14.27 -8.50 -13.45
N PHE A 9 -13.43 -7.70 -14.09
CA PHE A 9 -12.68 -8.15 -15.25
C PHE A 9 -11.33 -8.70 -14.83
N ARG A 10 -10.76 -8.04 -13.82
CA ARG A 10 -9.47 -8.44 -13.25
C ARG A 10 -9.19 -7.61 -12.00
N ILE A 11 -9.03 -8.27 -10.87
CA ILE A 11 -8.82 -7.55 -9.63
C ILE A 11 -7.51 -7.97 -8.96
N ASP A 12 -6.75 -6.97 -8.50
CA ASP A 12 -5.42 -7.20 -7.96
C ASP A 12 -5.42 -7.20 -6.42
N GLU A 13 -6.46 -6.64 -5.80
CA GLU A 13 -6.58 -6.75 -4.34
C GLU A 13 -6.97 -8.16 -3.96
N SER A 14 -7.41 -8.92 -4.95
CA SER A 14 -7.80 -10.30 -4.77
C SER A 14 -6.58 -11.17 -4.47
N GLY A 15 -5.40 -10.64 -4.76
CA GLY A 15 -4.15 -11.32 -4.42
C GLY A 15 -4.02 -12.68 -5.07
N ARG A 16 -4.18 -12.73 -6.38
CA ARG A 16 -4.06 -13.99 -7.12
C ARG A 16 -2.59 -14.28 -7.37
N ALA A 17 -2.28 -15.53 -7.71
CA ALA A 17 -0.90 -15.97 -7.92
C ALA A 17 -0.19 -15.17 -9.01
N ALA A 18 -0.97 -14.47 -9.83
CA ALA A 18 -0.42 -13.69 -10.94
C ALA A 18 0.36 -12.47 -10.45
N CYS A 19 0.13 -12.07 -9.20
CA CYS A 19 0.86 -10.94 -8.63
C CYS A 19 0.89 -11.05 -7.11
N VAL A 20 2.08 -10.88 -6.54
CA VAL A 20 2.25 -10.98 -5.10
C VAL A 20 3.60 -10.39 -4.68
N ASN A 21 3.58 -9.57 -3.65
CA ASN A 21 4.78 -8.88 -3.19
C ASN A 21 4.97 -9.06 -1.69
N ALA A 22 6.21 -8.86 -1.21
CA ALA A 22 6.55 -8.97 0.20
C ALA A 22 6.34 -10.39 0.73
N VAL A 23 6.33 -11.36 -0.19
CA VAL A 23 6.09 -12.75 0.15
C VAL A 23 4.72 -12.93 0.78
N ARG A 24 3.68 -12.80 -0.05
CA ARG A 24 2.27 -12.96 0.35
C ARG A 24 1.91 -12.19 1.63
N GLN A 25 2.64 -11.13 1.92
CA GLN A 25 2.45 -10.41 3.17
C GLN A 25 1.76 -9.06 2.93
N LYS A 26 0.47 -9.09 2.64
CA LYS A 26 -0.30 -7.87 2.54
C LYS A 26 -0.93 -7.51 3.88
N LYS A 27 -0.80 -6.26 4.26
CA LYS A 27 -1.42 -5.75 5.46
C LYS A 27 -2.47 -4.70 5.08
N ARG A 28 -3.51 -4.59 5.89
CA ARG A 28 -4.54 -3.58 5.64
C ARG A 28 -4.71 -2.66 6.83
N ALA A 29 -4.64 -1.37 6.56
CA ALA A 29 -4.74 -0.35 7.59
C ALA A 29 -5.22 0.95 6.98
N THR A 30 -5.37 1.97 7.80
CA THR A 30 -5.86 3.24 7.36
C THR A 30 -4.71 4.24 7.26
N VAL A 31 -4.79 5.15 6.30
CA VAL A 31 -3.76 6.17 6.11
C VAL A 31 -3.76 7.15 7.28
N ASP A 32 -2.61 7.27 7.94
CA ASP A 32 -2.45 8.19 9.05
C ASP A 32 -2.34 9.62 8.55
N SER A 33 -1.59 9.80 7.47
CA SER A 33 -1.34 11.12 6.89
C SER A 33 -0.62 10.98 5.55
N ILE A 34 -0.60 12.06 4.79
CA ILE A 34 0.11 12.08 3.52
C ILE A 34 0.91 13.38 3.40
N LYS A 35 2.18 13.25 3.06
CA LYS A 35 3.08 14.37 2.99
C LYS A 35 3.76 14.42 1.62
N GLY A 36 3.21 15.20 0.71
CA GLY A 36 3.81 15.36 -0.60
C GLY A 36 3.71 14.11 -1.44
N GLN A 37 4.83 13.41 -1.60
CA GLN A 37 4.86 12.19 -2.41
C GLN A 37 4.88 10.97 -1.50
N PHE A 38 4.66 11.17 -0.21
CA PHE A 38 4.79 10.11 0.75
C PHE A 38 3.57 10.02 1.63
N GLY A 39 3.18 8.80 1.93
CA GLY A 39 2.04 8.58 2.79
C GLY A 39 2.41 7.71 3.96
N PHE A 40 1.62 7.79 5.02
CA PHE A 40 1.88 7.00 6.20
C PHE A 40 0.61 6.30 6.63
N LEU A 41 0.77 5.12 7.20
CA LEU A 41 -0.36 4.33 7.65
C LEU A 41 -0.18 4.00 9.11
N ASN A 42 -1.28 3.91 9.85
CA ASN A 42 -1.21 3.58 11.27
C ASN A 42 -0.87 2.11 11.46
N PHE A 43 0.40 1.81 11.22
CA PHE A 43 0.93 0.47 11.40
C PHE A 43 2.30 0.59 12.07
N GLU A 44 2.30 0.40 13.37
CA GLU A 44 3.49 0.55 14.18
C GLU A 44 4.42 -0.65 13.98
N VAL A 45 5.46 -0.44 13.19
CA VAL A 45 6.44 -1.49 12.91
C VAL A 45 7.44 -1.62 14.06
N GLU A 46 7.73 -0.50 14.70
CA GLU A 46 8.67 -0.47 15.80
C GLU A 46 8.42 0.74 16.69
N ASP A 47 8.06 0.50 17.95
CA ASP A 47 8.00 1.56 18.96
C ASP A 47 7.04 2.69 18.58
N GLY A 48 6.10 2.40 17.70
CA GLY A 48 5.15 3.41 17.28
C GLY A 48 5.46 3.97 15.90
N LYS A 49 6.50 3.44 15.27
CA LYS A 49 6.90 3.87 13.94
C LYS A 49 5.78 3.64 12.94
N LYS A 50 5.25 4.72 12.38
CA LYS A 50 4.23 4.60 11.35
C LYS A 50 4.86 4.08 10.07
N LEU A 51 4.09 3.36 9.30
CA LEU A 51 4.55 2.85 8.03
C LEU A 51 4.49 3.95 6.98
N PHE A 52 5.56 4.10 6.22
CA PHE A 52 5.59 5.08 5.15
C PHE A 52 5.52 4.37 3.82
N PHE A 53 5.02 5.07 2.82
CA PHE A 53 4.97 4.57 1.47
C PHE A 53 5.16 5.71 0.50
N HIS A 54 5.62 5.40 -0.70
CA HIS A 54 5.80 6.40 -1.73
C HIS A 54 4.58 6.39 -2.65
N MET A 55 4.24 7.55 -3.21
CA MET A 55 3.08 7.69 -4.09
C MET A 55 3.20 6.82 -5.33
N SER A 56 4.37 6.22 -5.53
CA SER A 56 4.60 5.34 -6.67
C SER A 56 4.00 3.96 -6.40
N GLU A 57 3.75 3.64 -5.13
CA GLU A 57 3.10 2.40 -4.76
C GLU A 57 1.59 2.59 -4.68
N VAL A 58 1.17 3.85 -4.72
CA VAL A 58 -0.23 4.22 -4.65
C VAL A 58 -1.03 3.70 -5.85
N GLN A 59 -2.31 3.41 -5.61
CA GLN A 59 -3.20 2.81 -6.60
C GLN A 59 -3.42 3.72 -7.81
N GLY A 60 -2.59 3.53 -8.83
CA GLY A 60 -2.79 4.21 -10.11
C GLY A 60 -2.48 5.69 -10.07
N ASN A 61 -3.40 6.46 -9.52
CA ASN A 61 -3.25 7.92 -9.50
C ASN A 61 -2.84 8.37 -8.12
N THR A 62 -1.95 9.35 -8.08
CA THR A 62 -1.35 9.80 -6.83
C THR A 62 -2.37 10.56 -5.97
N VAL A 63 -3.40 11.09 -6.62
CA VAL A 63 -4.44 11.84 -5.92
C VAL A 63 -5.68 10.96 -5.70
N ALA A 64 -5.55 9.68 -6.03
CA ALA A 64 -6.66 8.75 -5.87
C ALA A 64 -6.61 8.04 -4.52
N LEU A 65 -5.49 8.19 -3.83
CA LEU A 65 -5.33 7.63 -2.50
C LEU A 65 -5.31 8.76 -1.48
N HIS A 66 -6.21 8.72 -0.50
CA HIS A 66 -6.41 9.83 0.41
C HIS A 66 -6.02 9.47 1.84
N PRO A 67 -5.58 10.47 2.63
CA PRO A 67 -5.30 10.28 4.05
C PRO A 67 -6.59 10.03 4.85
N GLY A 68 -6.51 9.13 5.81
CA GLY A 68 -7.68 8.79 6.60
C GLY A 68 -8.54 7.73 5.94
N ASP A 69 -8.13 7.31 4.75
CA ASP A 69 -8.87 6.29 4.01
C ASP A 69 -8.26 4.92 4.27
N THR A 70 -9.02 3.87 4.04
CA THR A 70 -8.53 2.52 4.24
C THR A 70 -7.76 2.07 3.00
N VAL A 71 -6.61 1.46 3.21
CA VAL A 71 -5.79 1.02 2.10
C VAL A 71 -5.25 -0.37 2.38
N GLU A 72 -4.84 -1.08 1.34
CA GLU A 72 -4.11 -2.31 1.54
C GLU A 72 -2.72 -2.15 0.98
N PHE A 73 -1.77 -2.73 1.67
CA PHE A 73 -0.38 -2.54 1.36
C PHE A 73 0.40 -3.81 1.68
N SER A 74 1.68 -3.78 1.43
CA SER A 74 2.52 -4.92 1.73
C SER A 74 3.69 -4.47 2.57
N VAL A 75 3.90 -5.13 3.69
CA VAL A 75 4.89 -4.69 4.65
C VAL A 75 6.25 -5.36 4.40
N VAL A 76 7.13 -4.65 3.74
CA VAL A 76 8.47 -5.14 3.51
C VAL A 76 9.44 -4.53 4.53
N THR A 77 9.95 -5.39 5.41
CA THR A 77 10.77 -4.95 6.53
C THR A 77 12.26 -5.02 6.17
N ASN A 78 13.03 -4.02 6.62
CA ASN A 78 14.46 -4.01 6.36
C ASN A 78 15.16 -5.07 7.19
N GLN A 79 16.06 -5.81 6.56
CA GLN A 79 16.83 -6.83 7.26
C GLN A 79 17.94 -6.20 8.08
N ARG A 80 18.20 -4.91 7.85
CA ARG A 80 19.29 -4.22 8.55
C ARG A 80 18.76 -3.46 9.78
N ASN A 81 17.84 -2.53 9.56
CA ASN A 81 17.33 -1.69 10.65
C ASN A 81 15.89 -2.04 11.02
N GLY A 82 15.32 -3.02 10.33
CA GLY A 82 13.96 -3.45 10.66
C GLY A 82 12.90 -2.47 10.22
N LYS A 83 13.27 -1.57 9.34
CA LYS A 83 12.33 -0.55 8.87
C LYS A 83 11.56 -1.02 7.67
N SER A 84 10.27 -0.84 7.74
CA SER A 84 9.37 -1.38 6.76
C SER A 84 8.83 -0.30 5.84
N SER A 85 8.16 -0.72 4.79
CA SER A 85 7.54 0.18 3.84
C SER A 85 6.29 -0.47 3.26
N ALA A 86 5.33 0.34 2.85
CA ALA A 86 4.10 -0.15 2.28
C ALA A 86 4.19 -0.19 0.76
N CYS A 87 3.99 -1.36 0.20
CA CYS A 87 4.03 -1.52 -1.25
C CYS A 87 2.68 -1.97 -1.77
N ASN A 88 2.36 -1.55 -2.99
CA ASN A 88 1.07 -1.87 -3.60
C ASN A 88 -0.07 -1.32 -2.76
N VAL A 89 -0.09 -0.01 -2.61
CA VAL A 89 -1.08 0.67 -1.80
C VAL A 89 -2.38 0.84 -2.57
N LEU A 90 -3.32 -0.04 -2.28
CA LEU A 90 -4.60 -0.06 -2.96
C LEU A 90 -5.67 0.61 -2.11
N LYS A 91 -6.64 1.26 -2.75
CA LYS A 91 -7.71 1.91 -2.02
C LYS A 91 -8.74 0.88 -1.57
N ILE A 92 -8.98 0.83 -0.28
CA ILE A 92 -9.91 -0.13 0.29
C ILE A 92 -11.18 0.56 0.75
N ASN A 93 -12.30 0.15 0.18
CA ASN A 93 -13.60 0.72 0.54
C ASN A 93 -14.23 -0.06 1.67
N ASP A 94 -14.24 0.53 2.85
CA ASP A 94 -14.84 -0.09 4.03
C ASP A 94 -15.16 0.96 5.08
N GLY A 1 -8.79 4.08 -27.83
CA GLY A 1 -7.97 5.26 -27.91
C GLY A 1 -8.79 6.53 -27.89
N ALA A 2 -9.35 6.89 -29.04
CA ALA A 2 -10.13 8.11 -29.16
C ALA A 2 -11.51 7.95 -28.51
N LYS A 3 -12.08 6.76 -28.63
CA LYS A 3 -13.36 6.46 -28.01
C LYS A 3 -13.21 5.36 -26.97
N GLY A 4 -12.00 5.20 -26.47
CA GLY A 4 -11.75 4.25 -25.42
C GLY A 4 -12.07 4.85 -24.07
N ASP A 5 -13.32 4.69 -23.63
CA ASP A 5 -13.75 5.26 -22.37
C ASP A 5 -13.36 4.35 -21.21
N LEU A 6 -13.55 4.83 -20.00
CA LEU A 6 -13.09 4.12 -18.81
C LEU A 6 -14.13 3.10 -18.36
N VAL A 7 -13.85 1.83 -18.61
CA VAL A 7 -14.75 0.75 -18.22
C VAL A 7 -14.14 -0.10 -17.10
N SER A 8 -14.94 -0.46 -16.12
CA SER A 8 -14.48 -1.34 -15.05
C SER A 8 -14.42 -2.77 -15.56
N PHE A 9 -13.24 -3.19 -15.99
CA PHE A 9 -13.06 -4.50 -16.57
C PHE A 9 -12.51 -5.48 -15.54
N ARG A 10 -11.64 -4.99 -14.67
CA ARG A 10 -10.98 -5.83 -13.68
C ARG A 10 -10.50 -4.97 -12.52
N ILE A 11 -10.43 -5.57 -11.33
CA ILE A 11 -10.01 -4.87 -10.14
C ILE A 11 -8.50 -5.01 -9.94
N ASP A 12 -7.81 -3.88 -9.90
CA ASP A 12 -6.37 -3.88 -9.70
C ASP A 12 -6.04 -4.32 -8.28
N GLU A 13 -6.97 -4.02 -7.39
CA GLU A 13 -6.82 -4.28 -5.95
C GLU A 13 -7.19 -5.73 -5.63
N SER A 14 -7.25 -6.54 -6.67
CA SER A 14 -7.61 -7.94 -6.55
C SER A 14 -6.50 -8.75 -5.87
N GLY A 15 -5.27 -8.27 -5.98
CA GLY A 15 -4.15 -9.02 -5.46
C GLY A 15 -3.21 -9.44 -6.58
N ARG A 16 -2.68 -8.46 -7.28
CA ARG A 16 -1.82 -8.69 -8.42
C ARG A 16 -0.52 -9.41 -8.02
N ALA A 17 -0.42 -10.68 -8.37
CA ALA A 17 0.81 -11.43 -8.14
C ALA A 17 1.80 -11.18 -9.26
N ALA A 18 1.29 -10.66 -10.37
CA ALA A 18 2.10 -10.38 -11.56
C ALA A 18 3.05 -9.21 -11.32
N CYS A 19 2.69 -8.33 -10.40
CA CYS A 19 3.54 -7.21 -10.05
C CYS A 19 3.57 -7.06 -8.54
N VAL A 20 4.76 -6.97 -7.97
CA VAL A 20 4.91 -6.86 -6.53
C VAL A 20 6.35 -6.47 -6.18
N ASN A 21 6.50 -5.59 -5.21
CA ASN A 21 7.81 -5.11 -4.80
C ASN A 21 8.11 -5.54 -3.37
N ALA A 22 7.29 -6.44 -2.86
CA ALA A 22 7.42 -6.94 -1.50
C ALA A 22 7.10 -8.44 -1.46
N VAL A 23 6.82 -8.94 -0.27
CA VAL A 23 6.50 -10.35 -0.11
C VAL A 23 5.01 -10.55 -0.34
N ARG A 24 4.56 -11.80 -0.32
CA ARG A 24 3.15 -12.15 -0.50
C ARG A 24 2.28 -11.77 0.72
N GLN A 25 2.73 -10.80 1.49
CA GLN A 25 2.02 -10.39 2.70
C GLN A 25 1.33 -9.07 2.49
N LYS A 26 0.01 -9.07 2.46
CA LYS A 26 -0.73 -7.83 2.29
C LYS A 26 -1.42 -7.44 3.58
N LYS A 27 -0.96 -6.35 4.18
CA LYS A 27 -1.56 -5.78 5.37
C LYS A 27 -2.62 -4.77 4.97
N ARG A 28 -3.59 -4.55 5.83
CA ARG A 28 -4.61 -3.53 5.59
C ARG A 28 -4.72 -2.61 6.79
N ALA A 29 -4.64 -1.32 6.54
CA ALA A 29 -4.72 -0.31 7.59
C ALA A 29 -5.20 1.00 6.99
N THR A 30 -5.33 2.02 7.81
CA THR A 30 -5.84 3.30 7.36
C THR A 30 -4.69 4.29 7.20
N VAL A 31 -4.76 5.10 6.13
CA VAL A 31 -3.76 6.14 5.91
C VAL A 31 -3.78 7.15 7.05
N ASP A 32 -2.68 7.21 7.77
CA ASP A 32 -2.52 8.12 8.87
C ASP A 32 -2.45 9.56 8.36
N SER A 33 -1.62 9.76 7.34
CA SER A 33 -1.39 11.07 6.75
C SER A 33 -0.61 10.91 5.44
N ILE A 34 -0.54 11.99 4.68
CA ILE A 34 0.24 12.00 3.46
C ILE A 34 1.05 13.30 3.38
N LYS A 35 2.35 13.16 3.18
CA LYS A 35 3.28 14.28 3.18
C LYS A 35 3.93 14.42 1.80
N GLY A 36 3.31 15.23 0.94
CA GLY A 36 3.86 15.44 -0.38
C GLY A 36 3.70 14.20 -1.26
N GLN A 37 4.81 13.54 -1.56
CA GLN A 37 4.79 12.34 -2.40
C GLN A 37 4.77 11.08 -1.55
N PHE A 38 4.67 11.25 -0.24
CA PHE A 38 4.79 10.12 0.66
C PHE A 38 3.59 10.00 1.55
N GLY A 39 3.22 8.78 1.83
CA GLY A 39 2.11 8.53 2.72
C GLY A 39 2.53 7.72 3.91
N PHE A 40 1.74 7.78 4.96
CA PHE A 40 2.00 7.02 6.16
C PHE A 40 0.74 6.36 6.63
N LEU A 41 0.85 5.15 7.13
CA LEU A 41 -0.30 4.40 7.58
C LEU A 41 -0.20 4.16 9.06
N ASN A 42 -1.34 4.01 9.73
CA ASN A 42 -1.33 3.75 11.16
C ASN A 42 -0.95 2.30 11.41
N PHE A 43 0.35 2.03 11.27
CA PHE A 43 0.89 0.71 11.47
C PHE A 43 2.31 0.82 12.02
N GLU A 44 2.43 0.69 13.33
CA GLU A 44 3.72 0.79 14.00
C GLU A 44 4.40 -0.57 14.05
N VAL A 45 5.37 -0.74 13.16
CA VAL A 45 6.07 -2.02 13.01
C VAL A 45 7.03 -2.27 14.17
N GLU A 46 7.80 -1.26 14.54
CA GLU A 46 8.79 -1.39 15.59
C GLU A 46 8.82 -0.14 16.46
N ASP A 47 8.48 -0.30 17.73
CA ASP A 47 8.73 0.76 18.73
C ASP A 47 8.04 2.07 18.35
N GLY A 48 7.03 1.99 17.52
CA GLY A 48 6.33 3.19 17.08
C GLY A 48 6.78 3.67 15.70
N LYS A 49 7.39 2.77 14.93
CA LYS A 49 7.77 3.09 13.56
C LYS A 49 6.54 3.19 12.68
N LYS A 50 6.23 4.41 12.25
CA LYS A 50 5.07 4.64 11.40
C LYS A 50 5.37 4.15 9.98
N LEU A 51 4.50 3.30 9.45
CA LEU A 51 4.70 2.77 8.10
C LEU A 51 4.57 3.86 7.05
N PHE A 52 5.59 3.97 6.19
CA PHE A 52 5.58 4.95 5.13
C PHE A 52 5.45 4.27 3.78
N PHE A 53 5.07 5.05 2.78
CA PHE A 53 5.01 4.56 1.41
C PHE A 53 5.15 5.74 0.46
N HIS A 54 5.54 5.48 -0.77
CA HIS A 54 5.66 6.54 -1.76
C HIS A 54 4.41 6.53 -2.66
N MET A 55 4.09 7.69 -3.23
CA MET A 55 2.92 7.84 -4.09
C MET A 55 3.04 7.05 -5.39
N SER A 56 4.13 6.30 -5.53
CA SER A 56 4.32 5.48 -6.72
C SER A 56 3.70 4.10 -6.50
N GLU A 57 3.55 3.73 -5.24
CA GLU A 57 2.92 2.46 -4.87
C GLU A 57 1.42 2.65 -4.71
N VAL A 58 0.98 3.89 -4.79
CA VAL A 58 -0.41 4.29 -4.60
C VAL A 58 -1.34 3.77 -5.71
N GLN A 59 -2.60 3.59 -5.35
CA GLN A 59 -3.64 3.03 -6.21
C GLN A 59 -3.84 3.86 -7.47
N GLY A 60 -3.24 3.42 -8.58
CA GLY A 60 -3.47 4.03 -9.87
C GLY A 60 -2.88 5.42 -9.98
N ASN A 61 -3.64 6.41 -9.53
CA ASN A 61 -3.22 7.80 -9.61
C ASN A 61 -2.80 8.28 -8.23
N THR A 62 -1.81 9.16 -8.20
CA THR A 62 -1.24 9.63 -6.95
C THR A 62 -2.26 10.32 -6.05
N VAL A 63 -3.13 11.13 -6.66
CA VAL A 63 -4.12 11.88 -5.90
C VAL A 63 -5.45 11.12 -5.85
N ALA A 64 -5.40 9.82 -6.10
CA ALA A 64 -6.57 8.97 -6.03
C ALA A 64 -6.57 8.19 -4.71
N LEU A 65 -5.68 8.59 -3.83
CA LEU A 65 -5.54 7.96 -2.54
C LEU A 65 -5.35 9.05 -1.49
N HIS A 66 -6.21 9.06 -0.48
CA HIS A 66 -6.23 10.16 0.48
C HIS A 66 -6.00 9.66 1.90
N PRO A 67 -5.58 10.55 2.81
CA PRO A 67 -5.44 10.23 4.23
C PRO A 67 -6.79 9.96 4.88
N GLY A 68 -6.80 9.03 5.83
CA GLY A 68 -8.04 8.65 6.49
C GLY A 68 -8.76 7.53 5.75
N ASP A 69 -8.27 7.22 4.57
CA ASP A 69 -8.83 6.13 3.78
C ASP A 69 -8.18 4.80 4.16
N THR A 70 -8.98 3.75 4.20
CA THR A 70 -8.45 2.41 4.39
C THR A 70 -7.68 1.99 3.14
N VAL A 71 -6.55 1.35 3.32
CA VAL A 71 -5.75 0.89 2.20
C VAL A 71 -5.19 -0.49 2.45
N GLU A 72 -4.80 -1.14 1.38
CA GLU A 72 -4.13 -2.40 1.44
C GLU A 72 -2.71 -2.21 0.92
N PHE A 73 -1.76 -2.76 1.64
CA PHE A 73 -0.34 -2.56 1.35
C PHE A 73 0.42 -3.82 1.69
N SER A 74 1.72 -3.81 1.46
CA SER A 74 2.52 -4.97 1.76
C SER A 74 3.67 -4.56 2.65
N VAL A 75 3.80 -5.24 3.76
CA VAL A 75 4.79 -4.89 4.75
C VAL A 75 6.14 -5.52 4.40
N VAL A 76 7.00 -4.73 3.79
CA VAL A 76 8.33 -5.19 3.41
C VAL A 76 9.35 -4.68 4.42
N THR A 77 9.94 -5.60 5.15
CA THR A 77 10.91 -5.27 6.19
C THR A 77 12.26 -4.90 5.58
N ASN A 78 12.82 -3.79 6.00
CA ASN A 78 14.14 -3.37 5.56
C ASN A 78 15.15 -4.37 6.09
N GLN A 79 15.76 -5.14 5.20
CA GLN A 79 16.74 -6.15 5.61
C GLN A 79 17.99 -5.50 6.18
N ARG A 80 18.12 -4.20 5.98
CA ARG A 80 19.24 -3.44 6.50
C ARG A 80 18.89 -2.76 7.83
N ASN A 81 17.88 -1.90 7.81
CA ASN A 81 17.54 -1.09 8.97
C ASN A 81 16.54 -1.77 9.90
N GLY A 82 15.69 -2.61 9.35
CA GLY A 82 14.72 -3.33 10.16
C GLY A 82 13.31 -2.78 10.07
N LYS A 83 13.17 -1.51 9.72
CA LYS A 83 11.85 -0.91 9.58
C LYS A 83 11.19 -1.39 8.29
N SER A 84 9.89 -1.45 8.28
CA SER A 84 9.19 -1.90 7.09
C SER A 84 8.66 -0.73 6.27
N SER A 85 8.09 -1.06 5.12
CA SER A 85 7.55 -0.07 4.20
C SER A 85 6.28 -0.63 3.55
N ALA A 86 5.45 0.23 2.97
CA ALA A 86 4.25 -0.20 2.31
C ALA A 86 4.45 -0.19 0.80
N CYS A 87 4.35 -1.35 0.20
CA CYS A 87 4.38 -1.47 -1.25
C CYS A 87 3.06 -2.03 -1.72
N ASN A 88 2.63 -1.62 -2.91
CA ASN A 88 1.33 -2.03 -3.45
C ASN A 88 0.22 -1.46 -2.57
N VAL A 89 0.07 -0.15 -2.61
CA VAL A 89 -0.93 0.56 -1.82
C VAL A 89 -2.22 0.75 -2.60
N LEU A 90 -3.22 -0.02 -2.25
CA LEU A 90 -4.49 0.02 -2.94
C LEU A 90 -5.58 0.57 -2.03
N LYS A 91 -6.56 1.21 -2.64
CA LYS A 91 -7.57 1.93 -1.90
C LYS A 91 -8.68 0.98 -1.45
N ILE A 92 -8.93 0.98 -0.15
CA ILE A 92 -9.89 0.05 0.42
C ILE A 92 -11.04 0.81 1.07
N ASN A 93 -12.24 0.27 0.94
CA ASN A 93 -13.40 0.79 1.63
C ASN A 93 -13.89 -0.24 2.64
N ASP A 94 -14.41 0.24 3.75
CA ASP A 94 -15.01 -0.63 4.75
C ASP A 94 -16.36 -1.12 4.25
N GLY A 1 12.39 -3.38 -14.02
CA GLY A 1 12.83 -4.77 -14.05
C GLY A 1 12.23 -5.54 -15.21
N ALA A 2 11.17 -6.29 -14.94
CA ALA A 2 10.53 -7.11 -15.96
C ALA A 2 9.03 -6.90 -15.98
N LYS A 3 8.55 -6.30 -17.06
CA LYS A 3 7.12 -6.09 -17.24
C LYS A 3 6.54 -7.28 -18.01
N GLY A 4 6.23 -8.35 -17.29
CA GLY A 4 5.80 -9.58 -17.92
C GLY A 4 4.29 -9.68 -18.09
N ASP A 5 3.80 -10.90 -18.23
CA ASP A 5 2.39 -11.14 -18.46
C ASP A 5 1.58 -10.98 -17.17
N LEU A 6 1.34 -9.73 -16.80
CA LEU A 6 0.54 -9.43 -15.63
C LEU A 6 -0.91 -9.27 -16.04
N VAL A 7 -1.61 -10.39 -16.02
CA VAL A 7 -2.98 -10.42 -16.47
C VAL A 7 -3.95 -10.01 -15.37
N SER A 8 -4.37 -8.76 -15.41
CA SER A 8 -5.36 -8.27 -14.47
C SER A 8 -6.77 -8.61 -14.95
N PHE A 9 -7.25 -9.78 -14.58
CA PHE A 9 -8.55 -10.25 -15.02
C PHE A 9 -9.54 -10.16 -13.87
N ARG A 10 -9.06 -9.62 -12.76
CA ARG A 10 -9.82 -9.58 -11.53
C ARG A 10 -9.34 -8.45 -10.64
N ILE A 11 -9.90 -8.35 -9.45
CA ILE A 11 -9.51 -7.32 -8.50
C ILE A 11 -8.09 -7.55 -8.04
N ASP A 12 -7.34 -6.47 -7.88
CA ASP A 12 -5.93 -6.53 -7.52
C ASP A 12 -5.71 -7.21 -6.18
N GLU A 13 -6.50 -6.81 -5.18
CA GLU A 13 -6.31 -7.25 -3.80
C GLU A 13 -6.57 -8.75 -3.63
N SER A 14 -6.99 -9.39 -4.72
CA SER A 14 -7.35 -10.79 -4.71
C SER A 14 -6.20 -11.69 -4.25
N GLY A 15 -4.98 -11.29 -4.60
CA GLY A 15 -3.81 -12.03 -4.18
C GLY A 15 -3.55 -13.23 -5.06
N ARG A 16 -3.68 -13.05 -6.37
CA ARG A 16 -3.41 -14.12 -7.32
C ARG A 16 -1.91 -14.29 -7.52
N ALA A 17 -1.51 -15.48 -7.95
CA ALA A 17 -0.09 -15.82 -8.14
C ALA A 17 0.59 -14.92 -9.18
N ALA A 18 -0.22 -14.25 -10.00
CA ALA A 18 0.30 -13.40 -11.06
C ALA A 18 0.99 -12.16 -10.51
N CYS A 19 0.62 -11.75 -9.30
CA CYS A 19 1.23 -10.57 -8.70
C CYS A 19 1.13 -10.61 -7.18
N VAL A 20 2.25 -10.37 -6.50
CA VAL A 20 2.30 -10.39 -5.05
C VAL A 20 3.63 -9.81 -4.56
N ASN A 21 3.60 -9.08 -3.45
CA ASN A 21 4.81 -8.51 -2.87
C ASN A 21 4.96 -8.90 -1.40
N ALA A 22 6.19 -8.74 -0.89
CA ALA A 22 6.51 -8.97 0.52
C ALA A 22 6.25 -10.42 0.94
N VAL A 23 6.19 -11.31 -0.04
CA VAL A 23 5.90 -12.73 0.20
C VAL A 23 4.52 -12.88 0.84
N ARG A 24 3.48 -12.73 0.01
CA ARG A 24 2.06 -12.87 0.41
C ARG A 24 1.72 -12.11 1.71
N GLN A 25 2.48 -11.07 2.00
CA GLN A 25 2.31 -10.34 3.25
C GLN A 25 1.63 -9.00 3.01
N LYS A 26 0.36 -9.05 2.67
CA LYS A 26 -0.41 -7.84 2.45
C LYS A 26 -1.21 -7.48 3.69
N LYS A 27 -0.90 -6.32 4.23
CA LYS A 27 -1.58 -5.79 5.38
C LYS A 27 -2.61 -4.76 4.93
N ARG A 28 -3.62 -4.53 5.76
CA ARG A 28 -4.60 -3.50 5.49
C ARG A 28 -4.81 -2.60 6.70
N ALA A 29 -4.67 -1.31 6.47
CA ALA A 29 -4.77 -0.32 7.53
C ALA A 29 -5.23 1.01 6.96
N THR A 30 -5.37 2.00 7.81
CA THR A 30 -5.84 3.30 7.40
C THR A 30 -4.65 4.26 7.26
N VAL A 31 -4.74 5.17 6.29
CA VAL A 31 -3.72 6.19 6.12
C VAL A 31 -3.75 7.17 7.29
N ASP A 32 -2.61 7.32 7.96
CA ASP A 32 -2.48 8.25 9.07
C ASP A 32 -2.35 9.68 8.54
N SER A 33 -1.57 9.83 7.48
CA SER A 33 -1.31 11.14 6.92
C SER A 33 -0.56 11.00 5.60
N ILE A 34 -0.59 12.04 4.80
CA ILE A 34 0.14 12.05 3.53
C ILE A 34 0.90 13.36 3.39
N LYS A 35 2.19 13.25 3.09
CA LYS A 35 3.07 14.38 2.96
C LYS A 35 3.65 14.44 1.55
N GLY A 36 3.02 15.21 0.69
CA GLY A 36 3.49 15.33 -0.68
C GLY A 36 3.30 14.05 -1.47
N GLN A 37 4.41 13.42 -1.86
CA GLN A 37 4.38 12.16 -2.60
C GLN A 37 4.55 10.99 -1.65
N PHE A 38 4.40 11.24 -0.36
CA PHE A 38 4.64 10.20 0.63
C PHE A 38 3.47 10.06 1.56
N GLY A 39 3.16 8.83 1.91
CA GLY A 39 2.07 8.58 2.81
C GLY A 39 2.49 7.74 3.97
N PHE A 40 1.72 7.80 5.05
CA PHE A 40 2.00 7.00 6.22
C PHE A 40 0.72 6.34 6.68
N LEU A 41 0.84 5.11 7.14
CA LEU A 41 -0.31 4.36 7.57
C LEU A 41 -0.20 4.07 9.05
N ASN A 42 -1.34 3.90 9.72
CA ASN A 42 -1.34 3.60 11.14
C ASN A 42 -0.93 2.15 11.35
N PHE A 43 0.35 1.90 11.15
CA PHE A 43 0.94 0.58 11.33
C PHE A 43 2.37 0.75 11.83
N GLU A 44 2.63 0.38 13.07
CA GLU A 44 3.95 0.56 13.65
C GLU A 44 4.68 -0.77 13.76
N VAL A 45 5.67 -0.93 12.90
CA VAL A 45 6.42 -2.18 12.79
C VAL A 45 7.39 -2.36 13.95
N GLU A 46 8.26 -1.38 14.17
CA GLU A 46 9.34 -1.51 15.11
C GLU A 46 9.49 -0.24 15.96
N ASP A 47 9.33 -0.36 17.26
CA ASP A 47 9.59 0.74 18.19
C ASP A 47 8.66 1.95 17.92
N GLY A 48 7.59 1.70 17.20
CA GLY A 48 6.70 2.79 16.82
C GLY A 48 7.07 3.40 15.48
N LYS A 49 7.63 2.57 14.59
CA LYS A 49 7.94 3.03 13.25
C LYS A 49 6.64 3.12 12.46
N LYS A 50 6.22 4.33 12.15
CA LYS A 50 5.00 4.52 11.39
C LYS A 50 5.28 4.16 9.94
N LEU A 51 4.52 3.21 9.42
CA LEU A 51 4.73 2.70 8.07
C LEU A 51 4.59 3.81 7.04
N PHE A 52 5.61 3.95 6.21
CA PHE A 52 5.59 4.94 5.15
C PHE A 52 5.44 4.26 3.79
N PHE A 53 5.03 5.04 2.81
CA PHE A 53 4.97 4.57 1.45
C PHE A 53 5.14 5.75 0.50
N HIS A 54 5.67 5.51 -0.68
CA HIS A 54 5.78 6.55 -1.69
C HIS A 54 4.55 6.48 -2.60
N MET A 55 4.23 7.59 -3.25
CA MET A 55 3.04 7.68 -4.08
C MET A 55 3.19 6.88 -5.38
N SER A 56 4.31 6.18 -5.53
CA SER A 56 4.51 5.31 -6.68
C SER A 56 3.94 3.93 -6.40
N GLU A 57 3.92 3.56 -5.12
CA GLU A 57 3.34 2.31 -4.68
C GLU A 57 1.83 2.45 -4.61
N VAL A 58 1.38 3.70 -4.65
CA VAL A 58 -0.03 4.04 -4.59
C VAL A 58 -0.81 3.49 -5.80
N GLN A 59 -2.09 3.26 -5.57
CA GLN A 59 -3.05 2.81 -6.57
C GLN A 59 -2.88 3.60 -7.88
N GLY A 60 -3.36 3.03 -8.99
CA GLY A 60 -3.12 3.60 -10.31
C GLY A 60 -3.32 5.11 -10.40
N ASN A 61 -4.26 5.64 -9.62
CA ASN A 61 -4.42 7.08 -9.54
C ASN A 61 -3.84 7.58 -8.23
N THR A 62 -2.93 8.52 -8.34
CA THR A 62 -2.14 8.97 -7.22
C THR A 62 -2.93 9.93 -6.34
N VAL A 63 -3.74 10.76 -6.96
CA VAL A 63 -4.54 11.74 -6.23
C VAL A 63 -5.87 11.11 -5.79
N ALA A 64 -5.99 9.80 -6.00
CA ALA A 64 -7.20 9.08 -5.63
C ALA A 64 -7.02 8.34 -4.30
N LEU A 65 -5.82 8.41 -3.75
CA LEU A 65 -5.57 7.82 -2.44
C LEU A 65 -5.50 8.95 -1.41
N HIS A 66 -6.33 8.88 -0.38
CA HIS A 66 -6.47 9.98 0.56
C HIS A 66 -6.12 9.55 1.98
N PRO A 67 -5.65 10.50 2.81
CA PRO A 67 -5.40 10.26 4.23
C PRO A 67 -6.70 10.03 5.01
N GLY A 68 -6.69 9.05 5.89
CA GLY A 68 -7.87 8.76 6.69
C GLY A 68 -8.72 7.68 6.08
N ASP A 69 -8.41 7.28 4.85
CA ASP A 69 -9.15 6.21 4.20
C ASP A 69 -8.43 4.90 4.41
N THR A 70 -9.15 3.80 4.25
CA THR A 70 -8.56 2.49 4.39
C THR A 70 -7.82 2.12 3.11
N VAL A 71 -6.62 1.58 3.27
CA VAL A 71 -5.81 1.21 2.14
C VAL A 71 -5.20 -0.16 2.36
N GLU A 72 -4.76 -0.77 1.30
CA GLU A 72 -4.12 -2.06 1.37
C GLU A 72 -2.67 -1.89 0.94
N PHE A 73 -1.80 -2.72 1.50
CA PHE A 73 -0.38 -2.55 1.28
C PHE A 73 0.38 -3.80 1.67
N SER A 74 1.67 -3.78 1.48
CA SER A 74 2.49 -4.93 1.79
C SER A 74 3.64 -4.50 2.68
N VAL A 75 3.85 -5.24 3.75
CA VAL A 75 4.85 -4.85 4.74
C VAL A 75 6.14 -5.62 4.54
N VAL A 76 7.10 -4.97 3.89
CA VAL A 76 8.42 -5.55 3.69
C VAL A 76 9.44 -4.80 4.52
N THR A 77 10.09 -5.51 5.43
CA THR A 77 11.10 -4.91 6.30
C THR A 77 12.37 -4.63 5.52
N ASN A 78 12.84 -3.39 5.59
CA ASN A 78 14.09 -3.02 4.95
C ASN A 78 15.26 -3.67 5.68
N GLN A 79 15.95 -4.56 5.00
CA GLN A 79 17.01 -5.35 5.61
C GLN A 79 18.13 -4.49 6.18
N ARG A 80 18.36 -3.35 5.56
CA ARG A 80 19.45 -2.48 5.96
C ARG A 80 18.98 -1.39 6.92
N ASN A 81 17.74 -0.96 6.75
CA ASN A 81 17.22 0.19 7.47
C ASN A 81 16.46 -0.26 8.71
N GLY A 82 15.93 -1.47 8.67
CA GLY A 82 15.24 -2.05 9.82
C GLY A 82 13.75 -1.78 9.83
N LYS A 83 13.33 -0.71 9.17
CA LYS A 83 11.91 -0.40 9.11
C LYS A 83 11.31 -0.87 7.81
N SER A 84 10.03 -1.18 7.85
CA SER A 84 9.33 -1.66 6.69
C SER A 84 8.79 -0.51 5.84
N SER A 85 8.14 -0.85 4.74
CA SER A 85 7.58 0.15 3.84
C SER A 85 6.40 -0.46 3.09
N ALA A 86 5.34 0.32 2.92
CA ALA A 86 4.14 -0.13 2.24
C ALA A 86 4.37 -0.22 0.74
N CYS A 87 4.23 -1.41 0.21
CA CYS A 87 4.32 -1.63 -1.22
C CYS A 87 2.99 -2.14 -1.74
N ASN A 88 2.62 -1.71 -2.94
CA ASN A 88 1.34 -2.08 -3.54
C ASN A 88 0.20 -1.54 -2.69
N VAL A 89 0.04 -0.22 -2.72
CA VAL A 89 -0.96 0.47 -1.93
C VAL A 89 -2.25 0.67 -2.72
N LEU A 90 -3.31 0.00 -2.31
CA LEU A 90 -4.59 0.06 -3.00
C LEU A 90 -5.64 0.74 -2.13
N LYS A 91 -6.58 1.41 -2.78
CA LYS A 91 -7.68 2.05 -2.07
C LYS A 91 -8.66 0.99 -1.58
N ILE A 92 -9.00 1.04 -0.29
CA ILE A 92 -9.91 0.07 0.30
C ILE A 92 -11.15 0.76 0.86
N ASN A 93 -12.30 0.13 0.67
CA ASN A 93 -13.53 0.60 1.29
C ASN A 93 -13.82 -0.23 2.52
N ASP A 94 -13.79 0.39 3.69
CA ASP A 94 -13.96 -0.31 4.95
C ASP A 94 -15.39 -0.81 5.11
N GLY A 1 -14.63 -3.21 -29.46
CA GLY A 1 -14.74 -2.45 -28.24
C GLY A 1 -13.60 -1.46 -28.10
N ALA A 2 -13.63 -0.66 -27.03
CA ALA A 2 -12.64 0.40 -26.85
C ALA A 2 -12.30 0.58 -25.39
N LYS A 3 -11.17 1.22 -25.13
CA LYS A 3 -10.72 1.50 -23.78
C LYS A 3 -11.24 2.86 -23.35
N GLY A 4 -11.94 2.91 -22.22
CA GLY A 4 -12.43 4.19 -21.73
C GLY A 4 -13.57 4.06 -20.74
N ASP A 5 -14.37 3.00 -20.86
CA ASP A 5 -15.51 2.81 -19.98
C ASP A 5 -15.12 1.93 -18.80
N LEU A 6 -16.06 1.73 -17.86
CA LEU A 6 -15.76 1.00 -16.64
C LEU A 6 -16.21 -0.45 -16.74
N VAL A 7 -15.27 -1.36 -16.45
CA VAL A 7 -15.57 -2.77 -16.38
C VAL A 7 -14.58 -3.45 -15.44
N SER A 8 -15.09 -4.18 -14.46
CA SER A 8 -14.24 -4.84 -13.49
C SER A 8 -13.76 -6.18 -14.03
N PHE A 9 -12.54 -6.19 -14.56
CA PHE A 9 -11.95 -7.41 -15.11
C PHE A 9 -10.63 -7.69 -14.43
N ARG A 10 -10.27 -6.81 -13.50
CA ARG A 10 -8.96 -6.88 -12.88
C ARG A 10 -9.01 -6.48 -11.42
N ILE A 11 -8.33 -7.27 -10.59
CA ILE A 11 -8.24 -6.99 -9.17
C ILE A 11 -6.78 -7.13 -8.72
N ASP A 12 -6.23 -6.06 -8.18
CA ASP A 12 -4.83 -6.07 -7.78
C ASP A 12 -4.67 -6.44 -6.30
N GLU A 13 -5.77 -6.41 -5.56
CA GLU A 13 -5.74 -6.83 -4.16
C GLU A 13 -5.94 -8.35 -4.08
N SER A 14 -6.00 -8.98 -5.24
CA SER A 14 -6.23 -10.42 -5.34
C SER A 14 -4.99 -11.24 -4.96
N GLY A 15 -4.06 -10.61 -4.24
CA GLY A 15 -2.94 -11.34 -3.69
C GLY A 15 -2.01 -11.92 -4.74
N ARG A 16 -1.44 -11.07 -5.58
CA ARG A 16 -0.52 -11.54 -6.61
C ARG A 16 0.70 -12.23 -5.99
N ALA A 17 0.66 -13.55 -5.97
CA ALA A 17 1.73 -14.34 -5.36
C ALA A 17 2.87 -14.63 -6.33
N ALA A 18 2.53 -14.76 -7.61
CA ALA A 18 3.51 -15.16 -8.62
C ALA A 18 4.54 -14.08 -8.86
N CYS A 19 4.11 -12.83 -8.77
CA CYS A 19 5.01 -11.71 -8.94
C CYS A 19 4.55 -10.52 -8.10
N VAL A 20 5.49 -9.94 -7.35
CA VAL A 20 5.22 -8.83 -6.45
C VAL A 20 6.55 -8.21 -6.02
N ASN A 21 6.53 -6.93 -5.68
CA ASN A 21 7.76 -6.23 -5.32
C ASN A 21 7.99 -6.27 -3.81
N ALA A 22 7.22 -7.10 -3.12
CA ALA A 22 7.31 -7.23 -1.68
C ALA A 22 7.07 -8.68 -1.29
N VAL A 23 6.78 -8.90 -0.03
CA VAL A 23 6.41 -10.21 0.44
C VAL A 23 4.91 -10.44 0.27
N ARG A 24 4.52 -11.70 0.32
CA ARG A 24 3.12 -12.11 0.21
C ARG A 24 2.27 -11.52 1.33
N GLN A 25 2.92 -10.95 2.33
CA GLN A 25 2.25 -10.43 3.51
C GLN A 25 1.59 -9.09 3.21
N LYS A 26 0.30 -9.13 2.91
CA LYS A 26 -0.45 -7.91 2.69
C LYS A 26 -1.15 -7.48 3.96
N LYS A 27 -0.83 -6.28 4.40
CA LYS A 27 -1.45 -5.70 5.56
C LYS A 27 -2.44 -4.63 5.13
N ARG A 28 -3.55 -4.50 5.85
CA ARG A 28 -4.52 -3.46 5.55
C ARG A 28 -4.69 -2.55 6.77
N ALA A 29 -4.54 -1.26 6.54
CA ALA A 29 -4.65 -0.26 7.58
C ALA A 29 -5.14 1.05 6.99
N THR A 30 -5.29 2.07 7.82
CA THR A 30 -5.80 3.34 7.38
C THR A 30 -4.65 4.33 7.22
N VAL A 31 -4.73 5.19 6.22
CA VAL A 31 -3.71 6.19 5.99
C VAL A 31 -3.68 7.19 7.14
N ASP A 32 -2.56 7.17 7.86
CA ASP A 32 -2.33 8.06 9.00
C ASP A 32 -2.27 9.51 8.53
N SER A 33 -1.53 9.72 7.44
CA SER A 33 -1.32 11.04 6.89
C SER A 33 -0.61 10.94 5.55
N ILE A 34 -0.64 12.03 4.79
CA ILE A 34 0.06 12.09 3.51
C ILE A 34 0.75 13.44 3.38
N LYS A 35 2.04 13.39 3.07
CA LYS A 35 2.86 14.58 2.95
C LYS A 35 3.48 14.65 1.56
N GLY A 36 2.83 15.36 0.66
CA GLY A 36 3.35 15.48 -0.70
C GLY A 36 3.24 14.19 -1.48
N GLN A 37 4.37 13.52 -1.70
CA GLN A 37 4.40 12.28 -2.45
C GLN A 37 4.49 11.09 -1.51
N PHE A 38 4.43 11.34 -0.21
CA PHE A 38 4.65 10.29 0.75
C PHE A 38 3.48 10.15 1.69
N GLY A 39 3.16 8.91 1.99
CA GLY A 39 2.05 8.63 2.87
C GLY A 39 2.45 7.73 4.00
N PHE A 40 1.69 7.77 5.06
CA PHE A 40 1.96 6.95 6.23
C PHE A 40 0.69 6.25 6.64
N LEU A 41 0.84 5.09 7.25
CA LEU A 41 -0.32 4.29 7.65
C LEU A 41 -0.22 3.99 9.14
N ASN A 42 -1.35 3.73 9.78
CA ASN A 42 -1.33 3.42 11.20
C ASN A 42 -0.86 1.98 11.40
N PHE A 43 0.43 1.79 11.20
CA PHE A 43 1.05 0.50 11.35
C PHE A 43 2.49 0.69 11.83
N GLU A 44 2.69 0.53 13.13
CA GLU A 44 4.00 0.68 13.73
C GLU A 44 4.69 -0.67 13.85
N VAL A 45 5.58 -0.92 12.91
CA VAL A 45 6.31 -2.18 12.79
C VAL A 45 7.26 -2.38 13.95
N GLU A 46 7.95 -1.31 14.27
CA GLU A 46 8.96 -1.29 15.28
C GLU A 46 8.63 -0.10 16.18
N ASP A 47 9.40 0.07 17.26
CA ASP A 47 9.22 1.17 18.22
C ASP A 47 8.72 2.47 17.62
N GLY A 48 7.41 2.60 17.50
CA GLY A 48 6.81 3.86 17.11
C GLY A 48 7.13 4.19 15.67
N LYS A 49 7.55 3.18 14.93
CA LYS A 49 7.92 3.36 13.55
C LYS A 49 6.67 3.32 12.69
N LYS A 50 6.26 4.48 12.19
CA LYS A 50 5.06 4.57 11.37
C LYS A 50 5.38 4.12 9.96
N LEU A 51 4.57 3.21 9.43
CA LEU A 51 4.79 2.72 8.08
C LEU A 51 4.64 3.82 7.06
N PHE A 52 5.68 4.02 6.26
CA PHE A 52 5.64 5.00 5.19
C PHE A 52 5.51 4.30 3.85
N PHE A 53 5.04 5.04 2.87
CA PHE A 53 4.99 4.57 1.50
C PHE A 53 5.13 5.75 0.56
N HIS A 54 5.61 5.50 -0.64
CA HIS A 54 5.72 6.53 -1.63
C HIS A 54 4.52 6.43 -2.58
N MET A 55 4.09 7.56 -3.14
CA MET A 55 2.97 7.60 -4.08
C MET A 55 3.23 6.75 -5.32
N SER A 56 4.43 6.24 -5.44
CA SER A 56 4.79 5.32 -6.51
C SER A 56 4.08 3.97 -6.34
N GLU A 57 3.81 3.61 -5.08
CA GLU A 57 3.15 2.34 -4.78
C GLU A 57 1.64 2.51 -4.68
N VAL A 58 1.19 3.75 -4.85
CA VAL A 58 -0.22 4.10 -4.71
C VAL A 58 -1.07 3.63 -5.90
N GLN A 59 -2.35 3.36 -5.60
CA GLN A 59 -3.33 2.91 -6.58
C GLN A 59 -3.44 3.88 -7.76
N GLY A 60 -2.79 3.52 -8.87
CA GLY A 60 -2.94 4.24 -10.12
C GLY A 60 -2.69 5.73 -10.03
N ASN A 61 -3.74 6.49 -9.80
CA ASN A 61 -3.64 7.93 -9.67
C ASN A 61 -3.40 8.31 -8.22
N THR A 62 -2.41 9.15 -8.01
CA THR A 62 -1.93 9.49 -6.69
C THR A 62 -2.91 10.42 -5.98
N VAL A 63 -3.85 10.96 -6.76
CA VAL A 63 -4.86 11.86 -6.22
C VAL A 63 -6.11 11.06 -5.83
N ALA A 64 -6.08 9.76 -6.07
CA ALA A 64 -7.22 8.89 -5.77
C ALA A 64 -7.08 8.31 -4.37
N LEU A 65 -5.88 8.41 -3.83
CA LEU A 65 -5.62 7.90 -2.49
C LEU A 65 -5.56 9.07 -1.51
N HIS A 66 -6.37 9.02 -0.46
CA HIS A 66 -6.45 10.11 0.48
C HIS A 66 -6.11 9.66 1.89
N PRO A 67 -5.61 10.59 2.73
CA PRO A 67 -5.36 10.32 4.14
C PRO A 67 -6.67 10.10 4.90
N GLY A 68 -6.70 9.08 5.74
CA GLY A 68 -7.92 8.73 6.44
C GLY A 68 -8.66 7.61 5.73
N ASP A 69 -8.32 7.37 4.46
CA ASP A 69 -8.89 6.26 3.72
C ASP A 69 -8.27 4.96 4.18
N THR A 70 -9.04 3.88 4.07
CA THR A 70 -8.51 2.56 4.33
C THR A 70 -7.77 2.09 3.09
N VAL A 71 -6.59 1.53 3.28
CA VAL A 71 -5.81 1.06 2.15
C VAL A 71 -5.24 -0.32 2.41
N GLU A 72 -4.76 -0.93 1.35
CA GLU A 72 -4.04 -2.19 1.48
C GLU A 72 -2.60 -1.95 1.09
N PHE A 73 -1.71 -2.71 1.66
CA PHE A 73 -0.30 -2.57 1.40
C PHE A 73 0.41 -3.87 1.75
N SER A 74 1.69 -3.90 1.54
CA SER A 74 2.47 -5.09 1.85
C SER A 74 3.66 -4.67 2.67
N VAL A 75 3.92 -5.39 3.73
CA VAL A 75 4.94 -4.98 4.67
C VAL A 75 6.27 -5.65 4.37
N VAL A 76 7.14 -4.91 3.68
CA VAL A 76 8.47 -5.37 3.37
C VAL A 76 9.48 -4.71 4.30
N THR A 77 10.01 -5.48 5.24
CA THR A 77 10.96 -4.95 6.21
C THR A 77 12.31 -4.72 5.58
N ASN A 78 12.85 -3.51 5.78
CA ASN A 78 14.17 -3.18 5.29
C ASN A 78 15.22 -3.82 6.17
N GLN A 79 15.78 -4.92 5.73
CA GLN A 79 16.78 -5.64 6.52
C GLN A 79 18.00 -4.76 6.78
N ARG A 80 18.17 -3.74 5.94
CA ARG A 80 19.27 -2.81 6.08
C ARG A 80 19.07 -1.87 7.28
N ASN A 81 17.83 -1.41 7.48
CA ASN A 81 17.56 -0.38 8.48
C ASN A 81 16.69 -0.88 9.62
N GLY A 82 15.80 -1.81 9.31
CA GLY A 82 14.96 -2.41 10.32
C GLY A 82 13.50 -2.00 10.21
N LYS A 83 13.23 -0.90 9.53
CA LYS A 83 11.87 -0.46 9.34
C LYS A 83 11.32 -0.91 8.00
N SER A 84 10.02 -1.12 7.93
CA SER A 84 9.39 -1.64 6.75
C SER A 84 8.88 -0.53 5.84
N SER A 85 8.21 -0.92 4.76
CA SER A 85 7.65 0.02 3.82
C SER A 85 6.40 -0.58 3.18
N ALA A 86 5.44 0.26 2.79
CA ALA A 86 4.20 -0.21 2.22
C ALA A 86 4.30 -0.32 0.70
N CYS A 87 4.08 -1.51 0.20
CA CYS A 87 4.11 -1.76 -1.23
C CYS A 87 2.73 -2.22 -1.70
N ASN A 88 2.37 -1.81 -2.90
CA ASN A 88 1.05 -2.13 -3.48
C ASN A 88 -0.05 -1.50 -2.62
N VAL A 89 -0.08 -0.18 -2.62
CA VAL A 89 -1.04 0.58 -1.82
C VAL A 89 -2.31 0.81 -2.61
N LEU A 90 -3.33 0.03 -2.31
CA LEU A 90 -4.59 0.11 -3.02
C LEU A 90 -5.65 0.77 -2.15
N LYS A 91 -6.56 1.49 -2.79
CA LYS A 91 -7.65 2.14 -2.07
C LYS A 91 -8.70 1.13 -1.65
N ILE A 92 -8.97 1.08 -0.36
CA ILE A 92 -9.88 0.12 0.20
C ILE A 92 -11.15 0.81 0.71
N ASN A 93 -12.30 0.25 0.36
CA ASN A 93 -13.58 0.81 0.77
C ASN A 93 -13.90 0.39 2.19
N ASP A 94 -14.01 1.37 3.07
CA ASP A 94 -14.34 1.12 4.47
C ASP A 94 -15.78 0.64 4.61
N GLY A 1 3.36 -8.20 -17.91
CA GLY A 1 4.26 -8.76 -18.90
C GLY A 1 3.78 -8.50 -20.31
N ALA A 2 2.59 -7.93 -20.41
CA ALA A 2 1.94 -7.63 -21.69
C ALA A 2 0.56 -7.06 -21.44
N LYS A 3 -0.25 -6.99 -22.48
CA LYS A 3 -1.64 -6.54 -22.33
C LYS A 3 -2.57 -7.74 -22.20
N GLY A 4 -2.70 -8.22 -20.97
CA GLY A 4 -3.55 -9.37 -20.71
C GLY A 4 -3.91 -9.47 -19.24
N ASP A 5 -3.82 -10.67 -18.69
CA ASP A 5 -4.08 -10.88 -17.26
C ASP A 5 -2.88 -10.48 -16.44
N LEU A 6 -1.71 -11.01 -16.80
CA LEU A 6 -0.49 -10.75 -16.05
C LEU A 6 -0.02 -9.31 -16.29
N VAL A 7 -0.39 -8.45 -15.37
CA VAL A 7 -0.03 -7.04 -15.42
C VAL A 7 -0.65 -6.31 -14.23
N SER A 8 0.08 -5.39 -13.63
CA SER A 8 -0.46 -4.58 -12.56
C SER A 8 -1.36 -3.51 -13.16
N PHE A 9 -2.65 -3.81 -13.20
CA PHE A 9 -3.64 -2.99 -13.88
C PHE A 9 -5.01 -3.58 -13.58
N ARG A 10 -5.01 -4.89 -13.46
CA ARG A 10 -6.19 -5.64 -13.08
C ARG A 10 -6.41 -5.53 -11.58
N ILE A 11 -7.40 -6.25 -11.06
CA ILE A 11 -7.60 -6.30 -9.62
C ILE A 11 -6.46 -7.05 -8.96
N ASP A 12 -5.54 -6.29 -8.38
CA ASP A 12 -4.38 -6.87 -7.74
C ASP A 12 -4.65 -7.21 -6.29
N GLU A 13 -5.65 -6.55 -5.70
CA GLU A 13 -6.02 -6.82 -4.30
C GLU A 13 -6.57 -8.24 -4.18
N SER A 14 -7.01 -8.79 -5.30
CA SER A 14 -7.57 -10.13 -5.37
C SER A 14 -6.53 -11.20 -5.03
N GLY A 15 -5.27 -10.83 -4.94
CA GLY A 15 -4.25 -11.79 -4.54
C GLY A 15 -3.62 -12.50 -5.71
N ARG A 16 -3.00 -11.73 -6.60
CA ARG A 16 -2.33 -12.29 -7.77
C ARG A 16 -1.23 -13.25 -7.34
N ALA A 17 -1.36 -14.52 -7.71
CA ALA A 17 -0.37 -15.52 -7.37
C ALA A 17 0.77 -15.53 -8.38
N ALA A 18 0.46 -15.12 -9.61
CA ALA A 18 1.44 -15.14 -10.69
C ALA A 18 2.52 -14.08 -10.47
N CYS A 19 2.13 -12.98 -9.83
CA CYS A 19 3.06 -11.94 -9.46
C CYS A 19 2.60 -11.34 -8.14
N VAL A 20 3.52 -11.20 -7.19
CA VAL A 20 3.16 -10.79 -5.85
C VAL A 20 4.34 -10.06 -5.19
N ASN A 21 4.04 -9.21 -4.22
CA ASN A 21 5.05 -8.42 -3.52
C ASN A 21 5.05 -8.75 -2.04
N ALA A 22 6.23 -8.64 -1.42
CA ALA A 22 6.39 -8.84 0.03
C ALA A 22 6.08 -10.28 0.43
N VAL A 23 6.06 -11.16 -0.56
CA VAL A 23 5.76 -12.58 -0.35
C VAL A 23 4.38 -12.77 0.26
N ARG A 24 3.36 -12.61 -0.59
CA ARG A 24 1.94 -12.83 -0.26
C ARG A 24 1.51 -12.24 1.10
N GLN A 25 2.14 -11.15 1.50
CA GLN A 25 1.80 -10.52 2.77
C GLN A 25 1.22 -9.13 2.55
N LYS A 26 -0.09 -9.05 2.48
CA LYS A 26 -0.76 -7.77 2.31
C LYS A 26 -1.48 -7.37 3.59
N LYS A 27 -0.99 -6.31 4.22
CA LYS A 27 -1.60 -5.75 5.41
C LYS A 27 -2.63 -4.70 5.03
N ARG A 28 -3.66 -4.53 5.85
CA ARG A 28 -4.65 -3.50 5.62
C ARG A 28 -4.76 -2.59 6.84
N ALA A 29 -4.63 -1.30 6.59
CA ALA A 29 -4.69 -0.29 7.64
C ALA A 29 -5.14 1.02 7.03
N THR A 30 -5.26 2.04 7.84
CA THR A 30 -5.76 3.32 7.38
C THR A 30 -4.59 4.28 7.16
N VAL A 31 -4.68 5.10 6.11
CA VAL A 31 -3.68 6.13 5.88
C VAL A 31 -3.72 7.14 7.01
N ASP A 32 -2.63 7.23 7.73
CA ASP A 32 -2.53 8.12 8.88
C ASP A 32 -2.41 9.57 8.41
N SER A 33 -1.64 9.78 7.36
CA SER A 33 -1.39 11.10 6.82
C SER A 33 -0.59 10.99 5.54
N ILE A 34 -0.70 12.00 4.70
CA ILE A 34 0.06 12.04 3.46
C ILE A 34 0.80 13.37 3.35
N LYS A 35 2.08 13.28 3.01
CA LYS A 35 2.94 14.44 2.92
C LYS A 35 3.53 14.57 1.53
N GLY A 36 2.79 15.19 0.62
CA GLY A 36 3.25 15.34 -0.75
C GLY A 36 3.29 14.02 -1.50
N GLN A 37 4.49 13.51 -1.73
CA GLN A 37 4.68 12.30 -2.52
C GLN A 37 4.82 11.08 -1.61
N PHE A 38 4.56 11.27 -0.32
CA PHE A 38 4.77 10.20 0.65
C PHE A 38 3.56 10.08 1.54
N GLY A 39 3.24 8.84 1.88
CA GLY A 39 2.13 8.59 2.75
C GLY A 39 2.53 7.69 3.89
N PHE A 40 1.82 7.80 5.00
CA PHE A 40 2.09 6.99 6.16
C PHE A 40 0.81 6.31 6.62
N LEU A 41 0.93 5.10 7.14
CA LEU A 41 -0.23 4.36 7.58
C LEU A 41 -0.14 4.10 9.07
N ASN A 42 -1.28 3.86 9.70
CA ASN A 42 -1.30 3.56 11.12
C ASN A 42 -0.85 2.12 11.36
N PHE A 43 0.45 1.91 11.21
CA PHE A 43 1.04 0.61 11.42
C PHE A 43 2.45 0.79 12.00
N GLU A 44 2.59 0.59 13.30
CA GLU A 44 3.85 0.74 13.99
C GLU A 44 4.66 -0.54 13.92
N VAL A 45 5.63 -0.56 13.01
CA VAL A 45 6.49 -1.72 12.82
C VAL A 45 7.49 -1.84 13.97
N GLU A 46 8.10 -0.72 14.29
CA GLU A 46 9.07 -0.61 15.33
C GLU A 46 8.58 0.48 16.27
N ASP A 47 9.34 0.76 17.32
CA ASP A 47 9.01 1.78 18.33
C ASP A 47 8.42 3.04 17.72
N GLY A 48 7.11 3.06 17.53
CA GLY A 48 6.45 4.25 17.07
C GLY A 48 6.80 4.56 15.63
N LYS A 49 7.40 3.59 14.96
CA LYS A 49 7.81 3.78 13.58
C LYS A 49 6.61 3.69 12.68
N LYS A 50 6.22 4.83 12.13
CA LYS A 50 5.07 4.88 11.26
C LYS A 50 5.41 4.23 9.93
N LEU A 51 4.51 3.41 9.41
CA LEU A 51 4.73 2.79 8.12
C LEU A 51 4.65 3.82 7.02
N PHE A 52 5.70 3.94 6.24
CA PHE A 52 5.74 4.91 5.17
C PHE A 52 5.59 4.20 3.84
N PHE A 53 5.13 4.93 2.85
CA PHE A 53 5.10 4.45 1.50
C PHE A 53 5.30 5.60 0.54
N HIS A 54 5.85 5.32 -0.62
CA HIS A 54 6.00 6.35 -1.64
C HIS A 54 4.77 6.35 -2.54
N MET A 55 4.41 7.53 -3.02
CA MET A 55 3.25 7.73 -3.88
C MET A 55 3.28 6.81 -5.11
N SER A 56 4.44 6.24 -5.42
CA SER A 56 4.57 5.30 -6.52
C SER A 56 3.75 4.03 -6.26
N GLU A 57 3.63 3.65 -5.00
CA GLU A 57 2.89 2.43 -4.62
C GLU A 57 1.39 2.68 -4.65
N VAL A 58 1.02 3.95 -4.70
CA VAL A 58 -0.36 4.38 -4.61
C VAL A 58 -1.18 3.89 -5.82
N GLN A 59 -2.46 3.63 -5.56
CA GLN A 59 -3.37 2.99 -6.51
C GLN A 59 -3.62 3.84 -7.76
N GLY A 60 -2.76 3.69 -8.74
CA GLY A 60 -2.94 4.36 -10.02
C GLY A 60 -2.78 5.87 -9.94
N ASN A 61 -3.88 6.56 -9.69
CA ASN A 61 -3.86 8.02 -9.61
C ASN A 61 -3.66 8.47 -8.19
N THR A 62 -2.92 9.55 -8.03
CA THR A 62 -2.57 10.08 -6.73
C THR A 62 -3.80 10.65 -6.02
N VAL A 63 -4.70 11.21 -6.82
CA VAL A 63 -5.89 11.88 -6.31
C VAL A 63 -6.89 10.86 -5.78
N ALA A 64 -6.65 9.60 -6.09
CA ALA A 64 -7.59 8.55 -5.77
C ALA A 64 -7.32 7.94 -4.40
N LEU A 65 -6.21 8.33 -3.80
CA LEU A 65 -5.85 7.85 -2.48
C LEU A 65 -5.80 9.01 -1.49
N HIS A 66 -6.56 8.91 -0.41
CA HIS A 66 -6.66 10.00 0.54
C HIS A 66 -6.23 9.57 1.93
N PRO A 67 -5.70 10.51 2.73
CA PRO A 67 -5.39 10.26 4.13
C PRO A 67 -6.67 10.07 4.94
N GLY A 68 -6.72 9.02 5.73
CA GLY A 68 -7.93 8.69 6.46
C GLY A 68 -8.73 7.60 5.79
N ASP A 69 -8.33 7.24 4.58
CA ASP A 69 -8.96 6.14 3.86
C ASP A 69 -8.28 4.83 4.22
N THR A 70 -9.05 3.76 4.27
CA THR A 70 -8.50 2.44 4.45
C THR A 70 -7.78 2.00 3.19
N VAL A 71 -6.59 1.46 3.34
CA VAL A 71 -5.83 0.99 2.20
C VAL A 71 -5.20 -0.34 2.49
N GLU A 72 -4.85 -1.01 1.41
CA GLU A 72 -4.20 -2.28 1.50
C GLU A 72 -2.79 -2.15 0.93
N PHE A 73 -1.83 -2.66 1.67
CA PHE A 73 -0.43 -2.48 1.35
C PHE A 73 0.33 -3.75 1.67
N SER A 74 1.62 -3.76 1.41
CA SER A 74 2.41 -4.94 1.68
C SER A 74 3.62 -4.55 2.50
N VAL A 75 3.73 -5.12 3.69
CA VAL A 75 4.76 -4.74 4.62
C VAL A 75 6.07 -5.47 4.31
N VAL A 76 6.97 -4.77 3.64
CA VAL A 76 8.28 -5.31 3.34
C VAL A 76 9.32 -4.64 4.22
N THR A 77 10.04 -5.46 4.96
CA THR A 77 11.03 -4.95 5.90
C THR A 77 12.36 -4.72 5.20
N ASN A 78 12.89 -3.51 5.33
CA ASN A 78 14.18 -3.17 4.80
C ASN A 78 15.25 -3.98 5.51
N GLN A 79 15.86 -4.92 4.80
CA GLN A 79 16.83 -5.85 5.40
C GLN A 79 18.04 -5.11 5.96
N ARG A 80 18.30 -3.91 5.45
CA ARG A 80 19.45 -3.15 5.92
C ARG A 80 19.05 -2.19 7.04
N ASN A 81 17.96 -1.46 6.85
CA ASN A 81 17.55 -0.43 7.80
C ASN A 81 16.80 -1.03 8.99
N GLY A 82 16.10 -2.13 8.76
CA GLY A 82 15.35 -2.77 9.82
C GLY A 82 13.92 -2.26 9.93
N LYS A 83 13.64 -1.17 9.20
CA LYS A 83 12.31 -0.59 9.17
C LYS A 83 11.56 -1.16 7.97
N SER A 84 10.25 -1.15 8.02
CA SER A 84 9.47 -1.69 6.92
C SER A 84 8.80 -0.58 6.11
N SER A 85 8.22 -0.96 4.98
CA SER A 85 7.58 -0.01 4.08
C SER A 85 6.36 -0.65 3.44
N ALA A 86 5.45 0.18 2.94
CA ALA A 86 4.25 -0.28 2.29
C ALA A 86 4.44 -0.31 0.78
N CYS A 87 4.23 -1.46 0.19
CA CYS A 87 4.31 -1.62 -1.25
C CYS A 87 2.94 -2.02 -1.75
N ASN A 88 2.63 -1.61 -2.96
CA ASN A 88 1.31 -1.88 -3.55
C ASN A 88 0.22 -1.32 -2.66
N VAL A 89 0.08 0.00 -2.65
CA VAL A 89 -0.93 0.66 -1.84
C VAL A 89 -2.23 0.82 -2.62
N LEU A 90 -3.19 0.00 -2.28
CA LEU A 90 -4.48 -0.01 -2.95
C LEU A 90 -5.54 0.61 -2.06
N LYS A 91 -6.52 1.23 -2.69
CA LYS A 91 -7.60 1.89 -1.97
C LYS A 91 -8.67 0.90 -1.55
N ILE A 92 -9.03 0.94 -0.27
CA ILE A 92 -10.02 0.02 0.29
C ILE A 92 -11.23 0.80 0.81
N ASN A 93 -12.41 0.24 0.63
CA ASN A 93 -13.61 0.85 1.19
C ASN A 93 -13.89 0.25 2.57
N ASP A 94 -13.91 1.11 3.58
CA ASP A 94 -14.05 0.68 4.97
C ASP A 94 -14.20 1.89 5.88
N GLY A 1 -6.71 -2.71 -31.50
CA GLY A 1 -6.33 -2.08 -32.76
C GLY A 1 -5.37 -0.93 -32.53
N ALA A 2 -5.28 -0.47 -31.29
CA ALA A 2 -4.38 0.61 -30.93
C ALA A 2 -3.10 0.07 -30.33
N LYS A 3 -2.00 0.75 -30.57
CA LYS A 3 -0.71 0.33 -30.04
C LYS A 3 -0.51 0.88 -28.63
N GLY A 4 -0.91 0.08 -27.65
CA GLY A 4 -0.85 0.48 -26.27
C GLY A 4 -1.77 -0.37 -25.44
N ASP A 5 -1.54 -1.66 -25.48
CA ASP A 5 -2.42 -2.63 -24.84
C ASP A 5 -1.99 -2.91 -23.41
N LEU A 6 -2.94 -3.36 -22.61
CA LEU A 6 -2.68 -3.77 -21.24
C LEU A 6 -3.60 -4.92 -20.89
N VAL A 7 -3.13 -5.85 -20.08
CA VAL A 7 -3.92 -7.02 -19.75
C VAL A 7 -4.33 -7.05 -18.28
N SER A 8 -5.56 -6.63 -18.04
CA SER A 8 -6.16 -6.72 -16.71
C SER A 8 -7.50 -7.44 -16.82
N PHE A 9 -7.51 -8.71 -16.43
CA PHE A 9 -8.69 -9.55 -16.55
C PHE A 9 -9.44 -9.60 -15.24
N ARG A 10 -9.07 -8.73 -14.34
CA ARG A 10 -9.57 -8.74 -12.98
C ARG A 10 -9.42 -7.37 -12.37
N ILE A 11 -9.91 -7.23 -11.15
CA ILE A 11 -9.70 -6.01 -10.40
C ILE A 11 -8.36 -6.11 -9.68
N ASP A 12 -7.63 -5.00 -9.60
CA ASP A 12 -6.30 -5.03 -9.00
C ASP A 12 -6.38 -5.25 -7.50
N GLU A 13 -7.35 -4.61 -6.86
CA GLU A 13 -7.58 -4.79 -5.43
C GLU A 13 -8.26 -6.12 -5.11
N SER A 14 -8.28 -7.02 -6.08
CA SER A 14 -8.80 -8.36 -5.87
C SER A 14 -7.77 -9.23 -5.14
N GLY A 15 -6.57 -8.69 -4.96
CA GLY A 15 -5.54 -9.43 -4.26
C GLY A 15 -4.71 -10.28 -5.20
N ARG A 16 -4.12 -9.63 -6.19
CA ARG A 16 -3.31 -10.31 -7.20
C ARG A 16 -2.10 -11.00 -6.57
N ALA A 17 -2.09 -12.33 -6.60
CA ALA A 17 -0.99 -13.10 -6.03
C ALA A 17 0.15 -13.24 -7.02
N ALA A 18 -0.16 -13.06 -8.30
CA ALA A 18 0.84 -13.24 -9.36
C ALA A 18 1.85 -12.10 -9.37
N CYS A 19 1.54 -11.02 -8.68
CA CYS A 19 2.45 -9.89 -8.57
C CYS A 19 2.30 -9.25 -7.19
N VAL A 20 3.43 -9.04 -6.54
CA VAL A 20 3.45 -8.42 -5.23
C VAL A 20 4.89 -8.07 -4.84
N ASN A 21 5.08 -6.91 -4.21
CA ASN A 21 6.42 -6.41 -3.90
C ASN A 21 6.89 -6.89 -2.52
N ALA A 22 6.43 -8.06 -2.12
CA ALA A 22 6.81 -8.67 -0.85
C ALA A 22 6.43 -10.15 -0.87
N VAL A 23 6.67 -10.86 0.22
CA VAL A 23 6.37 -12.28 0.30
C VAL A 23 4.88 -12.51 0.60
N ARG A 24 4.05 -12.28 -0.43
CA ARG A 24 2.58 -12.46 -0.36
C ARG A 24 1.93 -11.92 0.92
N GLN A 25 2.58 -10.95 1.54
CA GLN A 25 2.13 -10.41 2.81
C GLN A 25 1.43 -9.07 2.63
N LYS A 26 0.11 -9.08 2.57
CA LYS A 26 -0.63 -7.84 2.40
C LYS A 26 -1.32 -7.45 3.70
N LYS A 27 -0.98 -6.27 4.18
CA LYS A 27 -1.59 -5.73 5.37
C LYS A 27 -2.57 -4.63 5.01
N ARG A 28 -3.66 -4.52 5.75
CA ARG A 28 -4.63 -3.48 5.50
C ARG A 28 -4.76 -2.57 6.71
N ALA A 29 -4.63 -1.28 6.47
CA ALA A 29 -4.71 -0.29 7.52
C ALA A 29 -5.18 1.03 6.94
N THR A 30 -5.31 2.04 7.77
CA THR A 30 -5.80 3.32 7.33
C THR A 30 -4.64 4.30 7.16
N VAL A 31 -4.73 5.17 6.17
CA VAL A 31 -3.72 6.20 5.96
C VAL A 31 -3.68 7.15 7.14
N ASP A 32 -2.55 7.18 7.80
CA ASP A 32 -2.32 8.05 8.93
C ASP A 32 -2.25 9.49 8.46
N SER A 33 -1.47 9.72 7.41
CA SER A 33 -1.25 11.05 6.84
C SER A 33 -0.55 10.93 5.49
N ILE A 34 -0.57 11.99 4.71
CA ILE A 34 0.13 12.03 3.43
C ILE A 34 0.86 13.36 3.28
N LYS A 35 2.12 13.27 2.88
CA LYS A 35 2.96 14.45 2.72
C LYS A 35 3.57 14.48 1.32
N GLY A 36 2.86 15.10 0.39
CA GLY A 36 3.35 15.19 -0.97
C GLY A 36 3.37 13.84 -1.68
N GLN A 37 4.56 13.31 -1.89
CA GLN A 37 4.71 12.04 -2.58
C GLN A 37 4.85 10.89 -1.59
N PHE A 38 4.63 11.16 -0.32
CA PHE A 38 4.83 10.14 0.70
C PHE A 38 3.62 10.03 1.60
N GLY A 39 3.30 8.81 1.95
CA GLY A 39 2.16 8.57 2.79
C GLY A 39 2.54 7.71 3.97
N PHE A 40 1.75 7.79 5.01
CA PHE A 40 2.00 7.02 6.22
C PHE A 40 0.72 6.31 6.62
N LEU A 41 0.85 5.15 7.21
CA LEU A 41 -0.30 4.37 7.62
C LEU A 41 -0.23 4.08 9.10
N ASN A 42 -1.39 3.89 9.71
CA ASN A 42 -1.46 3.61 11.14
C ASN A 42 -1.03 2.16 11.38
N PHE A 43 0.27 1.93 11.26
CA PHE A 43 0.84 0.61 11.43
C PHE A 43 2.28 0.74 11.96
N GLU A 44 2.44 0.57 13.27
CA GLU A 44 3.76 0.64 13.88
C GLU A 44 4.46 -0.70 13.73
N VAL A 45 5.36 -0.76 12.75
CA VAL A 45 6.06 -1.98 12.41
C VAL A 45 7.09 -2.33 13.46
N GLU A 46 7.69 -1.32 14.02
CA GLU A 46 8.76 -1.44 14.96
C GLU A 46 8.59 -0.29 15.95
N ASP A 47 9.47 -0.20 16.93
CA ASP A 47 9.51 0.87 17.96
C ASP A 47 8.93 2.21 17.49
N GLY A 48 7.60 2.33 17.51
CA GLY A 48 6.97 3.60 17.22
C GLY A 48 7.17 4.02 15.79
N LYS A 49 7.51 3.05 14.96
CA LYS A 49 7.78 3.32 13.55
C LYS A 49 6.49 3.39 12.78
N LYS A 50 6.11 4.58 12.35
CA LYS A 50 4.94 4.75 11.51
C LYS A 50 5.26 4.26 10.11
N LEU A 51 4.40 3.41 9.57
CA LEU A 51 4.63 2.86 8.24
C LEU A 51 4.57 3.95 7.20
N PHE A 52 5.60 4.03 6.38
CA PHE A 52 5.63 5.01 5.30
C PHE A 52 5.58 4.29 3.95
N PHE A 53 5.12 5.01 2.95
CA PHE A 53 5.11 4.50 1.60
C PHE A 53 5.34 5.64 0.62
N HIS A 54 5.72 5.31 -0.59
CA HIS A 54 5.92 6.30 -1.63
C HIS A 54 4.72 6.28 -2.57
N MET A 55 4.29 7.47 -3.00
CA MET A 55 3.14 7.66 -3.89
C MET A 55 3.22 6.78 -5.15
N SER A 56 4.42 6.39 -5.52
CA SER A 56 4.61 5.53 -6.67
C SER A 56 3.88 4.18 -6.49
N GLU A 57 3.62 3.80 -5.24
CA GLU A 57 2.92 2.57 -4.95
C GLU A 57 1.42 2.82 -4.73
N VAL A 58 1.01 4.08 -4.85
CA VAL A 58 -0.39 4.46 -4.65
C VAL A 58 -1.25 4.05 -5.85
N GLN A 59 -2.42 3.52 -5.54
CA GLN A 59 -3.36 2.97 -6.52
C GLN A 59 -3.79 4.03 -7.54
N GLY A 60 -3.23 3.95 -8.74
CA GLY A 60 -3.63 4.81 -9.83
C GLY A 60 -3.18 6.24 -9.66
N ASN A 61 -3.96 7.01 -8.92
CA ASN A 61 -3.68 8.42 -8.71
C ASN A 61 -3.87 8.77 -7.25
N THR A 62 -3.24 9.85 -6.83
CA THR A 62 -3.36 10.33 -5.46
C THR A 62 -4.73 10.96 -5.24
N VAL A 63 -5.46 11.15 -6.34
CA VAL A 63 -6.82 11.66 -6.31
C VAL A 63 -7.79 10.52 -5.95
N ALA A 64 -7.24 9.33 -5.77
CA ALA A 64 -8.04 8.17 -5.35
C ALA A 64 -7.63 7.73 -3.94
N LEU A 65 -6.33 7.77 -3.66
CA LEU A 65 -5.83 7.40 -2.34
C LEU A 65 -5.66 8.66 -1.50
N HIS A 66 -6.32 8.69 -0.35
CA HIS A 66 -6.31 9.88 0.50
C HIS A 66 -6.06 9.50 1.96
N PRO A 67 -5.59 10.47 2.78
CA PRO A 67 -5.38 10.27 4.21
C PRO A 67 -6.68 9.98 4.94
N GLY A 68 -6.63 9.09 5.91
CA GLY A 68 -7.81 8.75 6.66
C GLY A 68 -8.63 7.64 6.03
N ASP A 69 -8.24 7.24 4.82
CA ASP A 69 -8.95 6.18 4.10
C ASP A 69 -8.28 4.85 4.34
N THR A 70 -9.01 3.77 4.15
CA THR A 70 -8.44 2.45 4.32
C THR A 70 -7.68 2.06 3.07
N VAL A 71 -6.53 1.47 3.25
CA VAL A 71 -5.70 1.06 2.14
C VAL A 71 -5.11 -0.31 2.41
N GLU A 72 -4.76 -0.98 1.35
CA GLU A 72 -4.12 -2.26 1.44
C GLU A 72 -2.71 -2.14 0.90
N PHE A 73 -1.77 -2.67 1.64
CA PHE A 73 -0.36 -2.50 1.32
C PHE A 73 0.39 -3.80 1.63
N SER A 74 1.67 -3.80 1.39
CA SER A 74 2.46 -4.97 1.65
C SER A 74 3.64 -4.55 2.49
N VAL A 75 3.69 -5.08 3.70
CA VAL A 75 4.70 -4.66 4.65
C VAL A 75 6.02 -5.39 4.38
N VAL A 76 6.91 -4.70 3.69
CA VAL A 76 8.23 -5.23 3.40
C VAL A 76 9.26 -4.58 4.32
N THR A 77 9.88 -5.39 5.16
CA THR A 77 10.86 -4.90 6.11
C THR A 77 12.15 -4.55 5.40
N ASN A 78 12.68 -3.35 5.67
CA ASN A 78 13.96 -2.96 5.10
C ASN A 78 15.06 -3.79 5.72
N GLN A 79 15.67 -4.64 4.91
CA GLN A 79 16.65 -5.63 5.38
C GLN A 79 17.76 -4.97 6.19
N ARG A 80 18.09 -3.73 5.86
CA ARG A 80 19.13 -3.00 6.57
C ARG A 80 18.54 -2.14 7.68
N ASN A 81 17.58 -1.29 7.34
CA ASN A 81 17.09 -0.25 8.25
C ASN A 81 16.22 -0.83 9.36
N GLY A 82 15.71 -2.04 9.17
CA GLY A 82 14.93 -2.70 10.19
C GLY A 82 13.46 -2.28 10.18
N LYS A 83 13.18 -1.10 9.65
CA LYS A 83 11.82 -0.62 9.55
C LYS A 83 11.24 -1.02 8.21
N SER A 84 9.93 -1.15 8.14
CA SER A 84 9.30 -1.64 6.94
C SER A 84 8.71 -0.50 6.10
N SER A 85 8.12 -0.87 4.98
CA SER A 85 7.51 0.08 4.07
C SER A 85 6.28 -0.54 3.42
N ALA A 86 5.36 0.30 2.97
CA ALA A 86 4.15 -0.16 2.32
C ALA A 86 4.31 -0.14 0.81
N CYS A 87 4.17 -1.28 0.20
CA CYS A 87 4.20 -1.39 -1.25
C CYS A 87 2.85 -1.88 -1.74
N ASN A 88 2.53 -1.60 -3.00
CA ASN A 88 1.24 -1.97 -3.58
C ASN A 88 0.10 -1.39 -2.73
N VAL A 89 0.06 -0.06 -2.66
CA VAL A 89 -0.96 0.63 -1.87
C VAL A 89 -2.27 0.74 -2.64
N LEU A 90 -3.23 -0.08 -2.23
CA LEU A 90 -4.51 -0.17 -2.89
C LEU A 90 -5.61 0.46 -2.06
N LYS A 91 -6.63 0.99 -2.73
CA LYS A 91 -7.73 1.67 -2.06
C LYS A 91 -8.70 0.67 -1.46
N ILE A 92 -9.02 0.85 -0.18
CA ILE A 92 -9.90 -0.08 0.52
C ILE A 92 -11.00 0.67 1.25
N ASN A 93 -12.17 0.04 1.37
CA ASN A 93 -13.23 0.56 2.22
C ASN A 93 -13.58 -0.47 3.29
N ASP A 94 -13.11 -0.20 4.51
CA ASP A 94 -13.31 -1.13 5.63
C ASP A 94 -14.47 -0.68 6.51
N GLY A 1 -13.13 -13.56 -29.59
CA GLY A 1 -12.16 -13.83 -30.64
C GLY A 1 -11.09 -12.76 -30.71
N ALA A 2 -11.29 -11.69 -29.95
CA ALA A 2 -10.36 -10.58 -29.92
C ALA A 2 -10.02 -10.21 -28.48
N LYS A 3 -8.78 -9.79 -28.26
CA LYS A 3 -8.34 -9.35 -26.95
C LYS A 3 -7.58 -8.03 -27.06
N GLY A 4 -7.90 -7.09 -26.20
CA GLY A 4 -7.19 -5.82 -26.21
C GLY A 4 -7.86 -4.76 -25.35
N ASP A 5 -9.18 -4.72 -25.39
CA ASP A 5 -9.93 -3.79 -24.57
C ASP A 5 -9.94 -4.26 -23.13
N LEU A 6 -10.48 -3.43 -22.25
CA LEU A 6 -10.51 -3.75 -20.83
C LEU A 6 -11.94 -3.65 -20.30
N VAL A 7 -12.27 -4.56 -19.41
CA VAL A 7 -13.60 -4.58 -18.80
C VAL A 7 -13.49 -4.46 -17.28
N SER A 8 -14.37 -3.64 -16.71
CA SER A 8 -14.40 -3.47 -15.27
C SER A 8 -14.98 -4.71 -14.58
N PHE A 9 -14.14 -5.73 -14.49
CA PHE A 9 -14.51 -7.00 -13.89
C PHE A 9 -13.29 -7.65 -13.27
N ARG A 10 -12.15 -7.49 -13.93
CA ARG A 10 -10.91 -8.04 -13.45
C ARG A 10 -10.41 -7.27 -12.25
N ILE A 11 -9.74 -7.98 -11.35
CA ILE A 11 -9.43 -7.42 -10.06
C ILE A 11 -7.93 -7.40 -9.78
N ASP A 12 -7.53 -6.50 -8.91
CA ASP A 12 -6.17 -6.43 -8.41
C ASP A 12 -6.13 -6.75 -6.92
N GLU A 13 -7.03 -6.14 -6.17
CA GLU A 13 -7.16 -6.34 -4.72
C GLU A 13 -7.72 -7.73 -4.36
N SER A 14 -7.83 -8.61 -5.36
CA SER A 14 -8.41 -9.93 -5.14
C SER A 14 -7.40 -10.89 -4.50
N GLY A 15 -6.21 -10.37 -4.21
CA GLY A 15 -5.20 -11.19 -3.56
C GLY A 15 -4.36 -11.98 -4.54
N ARG A 16 -3.69 -11.27 -5.44
CA ARG A 16 -2.80 -11.90 -6.40
C ARG A 16 -1.59 -12.49 -5.69
N ALA A 17 -1.57 -13.80 -5.53
CA ALA A 17 -0.43 -14.49 -4.97
C ALA A 17 0.62 -14.78 -6.04
N ALA A 18 0.16 -14.87 -7.30
CA ALA A 18 1.06 -15.16 -8.41
C ALA A 18 1.98 -13.98 -8.69
N CYS A 19 1.46 -12.78 -8.50
CA CYS A 19 2.27 -11.57 -8.63
C CYS A 19 2.24 -10.82 -7.32
N VAL A 20 3.39 -10.43 -6.82
CA VAL A 20 3.47 -9.81 -5.49
C VAL A 20 4.82 -9.12 -5.31
N ASN A 21 4.88 -8.18 -4.38
CA ASN A 21 6.11 -7.46 -4.08
C ASN A 21 6.83 -8.06 -2.87
N ALA A 22 6.14 -8.08 -1.74
CA ALA A 22 6.70 -8.61 -0.50
C ALA A 22 6.49 -10.12 -0.41
N VAL A 23 6.86 -10.69 0.73
CA VAL A 23 6.71 -12.12 0.96
C VAL A 23 5.26 -12.49 1.27
N ARG A 24 4.40 -12.39 0.23
CA ARG A 24 2.95 -12.66 0.32
C ARG A 24 2.32 -12.08 1.59
N GLN A 25 2.88 -10.97 2.05
CA GLN A 25 2.41 -10.32 3.27
C GLN A 25 1.69 -9.02 2.94
N LYS A 26 0.38 -9.10 2.80
CA LYS A 26 -0.41 -7.92 2.48
C LYS A 26 -1.25 -7.51 3.69
N LYS A 27 -0.92 -6.36 4.24
CA LYS A 27 -1.61 -5.82 5.40
C LYS A 27 -2.63 -4.77 4.99
N ARG A 28 -3.69 -4.63 5.78
CA ARG A 28 -4.67 -3.58 5.55
C ARG A 28 -4.75 -2.64 6.76
N ALA A 29 -4.61 -1.36 6.50
CA ALA A 29 -4.67 -0.34 7.54
C ALA A 29 -5.16 0.96 6.96
N THR A 30 -5.27 1.97 7.79
CA THR A 30 -5.79 3.25 7.34
C THR A 30 -4.64 4.26 7.20
N VAL A 31 -4.72 5.10 6.17
CA VAL A 31 -3.71 6.12 5.94
C VAL A 31 -3.69 7.10 7.11
N ASP A 32 -2.54 7.16 7.78
CA ASP A 32 -2.33 8.06 8.92
C ASP A 32 -2.31 9.50 8.44
N SER A 33 -1.62 9.73 7.33
CA SER A 33 -1.47 11.05 6.76
C SER A 33 -0.65 10.96 5.49
N ILE A 34 -0.67 12.02 4.68
CA ILE A 34 0.11 12.07 3.47
C ILE A 34 0.88 13.38 3.39
N LYS A 35 2.16 13.26 3.10
CA LYS A 35 3.08 14.39 3.10
C LYS A 35 3.76 14.53 1.73
N GLY A 36 3.09 15.22 0.82
CA GLY A 36 3.64 15.40 -0.51
C GLY A 36 3.57 14.13 -1.35
N GLN A 37 4.72 13.54 -1.63
CA GLN A 37 4.80 12.32 -2.43
C GLN A 37 4.89 11.10 -1.54
N PHE A 38 4.65 11.27 -0.26
CA PHE A 38 4.82 10.19 0.69
C PHE A 38 3.61 10.07 1.58
N GLY A 39 3.22 8.85 1.84
CA GLY A 39 2.11 8.60 2.70
C GLY A 39 2.50 7.74 3.87
N PHE A 40 1.76 7.83 4.94
CA PHE A 40 2.02 7.01 6.10
C PHE A 40 0.74 6.34 6.52
N LEU A 41 0.85 5.13 7.05
CA LEU A 41 -0.30 4.37 7.48
C LEU A 41 -0.20 4.12 8.97
N ASN A 42 -1.34 3.95 9.63
CA ASN A 42 -1.32 3.69 11.06
C ASN A 42 -0.92 2.25 11.31
N PHE A 43 0.36 2.00 11.09
CA PHE A 43 0.95 0.70 11.30
C PHE A 43 2.38 0.91 11.81
N GLU A 44 2.56 0.79 13.10
CA GLU A 44 3.84 1.07 13.72
C GLU A 44 4.62 -0.21 13.96
N VAL A 45 5.60 -0.43 13.09
CA VAL A 45 6.36 -1.66 13.06
C VAL A 45 7.30 -1.80 14.26
N GLU A 46 7.89 -0.69 14.70
CA GLU A 46 8.85 -0.74 15.78
C GLU A 46 8.84 0.58 16.56
N ASP A 47 8.57 0.51 17.86
CA ASP A 47 8.75 1.65 18.77
C ASP A 47 7.86 2.83 18.39
N GLY A 48 6.87 2.58 17.57
CA GLY A 48 6.02 3.64 17.08
C GLY A 48 6.48 4.17 15.74
N LYS A 49 7.14 3.31 14.96
CA LYS A 49 7.62 3.70 13.65
C LYS A 49 6.48 3.63 12.65
N LYS A 50 6.05 4.79 12.20
CA LYS A 50 4.93 4.86 11.27
C LYS A 50 5.34 4.28 9.92
N LEU A 51 4.51 3.40 9.39
CA LEU A 51 4.76 2.83 8.08
C LEU A 51 4.63 3.88 7.00
N PHE A 52 5.68 4.03 6.21
CA PHE A 52 5.67 4.99 5.14
C PHE A 52 5.55 4.29 3.80
N PHE A 53 5.13 5.04 2.79
CA PHE A 53 5.09 4.55 1.43
C PHE A 53 5.25 5.72 0.49
N HIS A 54 5.79 5.47 -0.70
CA HIS A 54 5.91 6.51 -1.70
C HIS A 54 4.66 6.50 -2.57
N MET A 55 4.33 7.65 -3.14
CA MET A 55 3.09 7.83 -3.90
C MET A 55 3.10 7.04 -5.21
N SER A 56 4.19 6.32 -5.46
CA SER A 56 4.29 5.46 -6.63
C SER A 56 3.57 4.13 -6.39
N GLU A 57 3.67 3.63 -5.17
CA GLU A 57 3.03 2.39 -4.77
C GLU A 57 1.51 2.60 -4.66
N VAL A 58 1.12 3.86 -4.59
CA VAL A 58 -0.28 4.27 -4.55
C VAL A 58 -1.05 3.81 -5.80
N GLN A 59 -2.35 3.57 -5.61
CA GLN A 59 -3.22 3.07 -6.67
C GLN A 59 -3.41 4.09 -7.80
N GLY A 60 -2.58 3.95 -8.81
CA GLY A 60 -2.74 4.74 -10.01
C GLY A 60 -2.37 6.20 -9.84
N ASN A 61 -3.36 7.02 -9.50
CA ASN A 61 -3.15 8.45 -9.36
C ASN A 61 -3.09 8.84 -7.89
N THR A 62 -2.51 9.99 -7.63
CA THR A 62 -2.25 10.42 -6.26
C THR A 62 -3.52 11.00 -5.63
N VAL A 63 -4.46 11.43 -6.46
CA VAL A 63 -5.70 12.04 -5.98
C VAL A 63 -6.71 10.95 -5.61
N ALA A 64 -6.39 9.73 -5.95
CA ALA A 64 -7.30 8.61 -5.75
C ALA A 64 -7.13 8.02 -4.35
N LEU A 65 -5.99 8.30 -3.75
CA LEU A 65 -5.68 7.79 -2.41
C LEU A 65 -5.59 8.97 -1.44
N HIS A 66 -6.37 8.94 -0.39
CA HIS A 66 -6.41 10.05 0.57
C HIS A 66 -6.09 9.60 1.98
N PRO A 67 -5.60 10.52 2.82
CA PRO A 67 -5.36 10.25 4.23
C PRO A 67 -6.66 10.04 5.00
N GLY A 68 -6.72 8.98 5.80
CA GLY A 68 -7.93 8.66 6.52
C GLY A 68 -8.73 7.58 5.82
N ASP A 69 -8.36 7.29 4.58
CA ASP A 69 -8.99 6.21 3.83
C ASP A 69 -8.34 4.89 4.18
N THR A 70 -9.12 3.82 4.13
CA THR A 70 -8.58 2.48 4.32
C THR A 70 -7.82 2.06 3.08
N VAL A 71 -6.68 1.41 3.28
CA VAL A 71 -5.88 0.94 2.16
C VAL A 71 -5.28 -0.42 2.45
N GLU A 72 -4.84 -1.09 1.41
CA GLU A 72 -4.11 -2.33 1.57
C GLU A 72 -2.70 -2.09 1.07
N PHE A 73 -1.76 -2.77 1.68
CA PHE A 73 -0.35 -2.58 1.37
C PHE A 73 0.41 -3.85 1.69
N SER A 74 1.71 -3.83 1.47
CA SER A 74 2.53 -4.99 1.74
C SER A 74 3.69 -4.57 2.62
N VAL A 75 3.72 -5.07 3.84
CA VAL A 75 4.73 -4.67 4.80
C VAL A 75 6.02 -5.47 4.63
N VAL A 76 6.99 -4.86 3.95
CA VAL A 76 8.28 -5.48 3.76
C VAL A 76 9.32 -4.80 4.64
N THR A 77 9.96 -5.57 5.51
CA THR A 77 10.94 -5.01 6.43
C THR A 77 12.29 -4.80 5.74
N ASN A 78 12.83 -3.60 5.87
CA ASN A 78 14.14 -3.29 5.31
C ASN A 78 15.22 -3.94 6.15
N GLN A 79 15.94 -4.89 5.55
CA GLN A 79 16.92 -5.68 6.29
C GLN A 79 18.07 -4.83 6.81
N ARG A 80 18.32 -3.69 6.15
CA ARG A 80 19.39 -2.80 6.58
C ARG A 80 18.87 -1.76 7.58
N ASN A 81 17.73 -1.17 7.28
CA ASN A 81 17.21 -0.07 8.10
C ASN A 81 16.40 -0.59 9.29
N GLY A 82 15.88 -1.80 9.17
CA GLY A 82 15.09 -2.39 10.23
C GLY A 82 13.62 -1.99 10.17
N LYS A 83 13.34 -0.90 9.49
CA LYS A 83 11.97 -0.42 9.37
C LYS A 83 11.38 -0.85 8.05
N SER A 84 10.11 -1.18 8.09
CA SER A 84 9.41 -1.71 6.93
C SER A 84 8.88 -0.60 6.02
N SER A 85 8.25 -1.00 4.94
CA SER A 85 7.66 -0.08 3.99
C SER A 85 6.40 -0.70 3.38
N ALA A 86 5.51 0.14 2.87
CA ALA A 86 4.27 -0.32 2.28
C ALA A 86 4.38 -0.38 0.77
N CYS A 87 4.16 -1.55 0.21
CA CYS A 87 4.21 -1.74 -1.23
C CYS A 87 2.84 -2.13 -1.76
N ASN A 88 2.50 -1.61 -2.93
CA ASN A 88 1.20 -1.86 -3.56
C ASN A 88 0.09 -1.32 -2.68
N VAL A 89 0.03 -0.01 -2.56
CA VAL A 89 -0.98 0.65 -1.74
C VAL A 89 -2.27 0.84 -2.51
N LEU A 90 -3.25 0.01 -2.22
CA LEU A 90 -4.52 0.04 -2.92
C LEU A 90 -5.62 0.60 -2.03
N LYS A 91 -6.57 1.28 -2.65
CA LYS A 91 -7.66 1.90 -1.93
C LYS A 91 -8.71 0.88 -1.51
N ILE A 92 -9.07 0.90 -0.24
CA ILE A 92 -10.00 -0.07 0.31
C ILE A 92 -11.24 0.59 0.86
N ASN A 93 -12.41 0.05 0.51
CA ASN A 93 -13.67 0.52 1.08
C ASN A 93 -14.00 -0.27 2.35
N ASP A 94 -13.83 0.36 3.50
CA ASP A 94 -14.02 -0.28 4.80
C ASP A 94 -14.48 0.73 5.84
N GLY A 1 2.78 -4.79 -22.93
CA GLY A 1 2.09 -6.05 -23.07
C GLY A 1 2.81 -7.18 -22.36
N ALA A 2 4.01 -6.88 -21.87
CA ALA A 2 4.81 -7.85 -21.16
C ALA A 2 4.61 -7.71 -19.66
N LYS A 3 4.76 -8.82 -18.94
CA LYS A 3 4.58 -8.79 -17.49
C LYS A 3 5.86 -8.34 -16.81
N GLY A 4 5.74 -7.88 -15.58
CA GLY A 4 6.88 -7.39 -14.85
C GLY A 4 6.82 -5.89 -14.68
N ASP A 5 5.97 -5.25 -15.47
CA ASP A 5 5.79 -3.81 -15.39
C ASP A 5 4.50 -3.49 -14.64
N LEU A 6 4.08 -2.24 -14.65
CA LEU A 6 2.87 -1.82 -13.95
C LEU A 6 1.63 -2.32 -14.65
N VAL A 7 0.89 -3.20 -13.98
CA VAL A 7 -0.35 -3.73 -14.53
C VAL A 7 -1.55 -2.86 -14.09
N SER A 8 -1.96 -1.97 -14.97
CA SER A 8 -3.08 -1.07 -14.69
C SER A 8 -4.37 -1.61 -15.29
N PHE A 9 -4.32 -2.82 -15.82
CA PHE A 9 -5.48 -3.40 -16.48
C PHE A 9 -6.08 -4.53 -15.66
N ARG A 10 -5.62 -4.69 -14.44
CA ARG A 10 -6.02 -5.82 -13.62
C ARG A 10 -6.00 -5.47 -12.14
N ILE A 11 -6.31 -6.45 -11.32
CA ILE A 11 -6.53 -6.25 -9.88
C ILE A 11 -5.31 -6.69 -9.07
N ASP A 12 -4.89 -5.86 -8.12
CA ASP A 12 -3.73 -6.17 -7.26
C ASP A 12 -4.16 -6.93 -6.01
N GLU A 13 -5.25 -6.46 -5.40
CA GLU A 13 -5.81 -7.07 -4.16
C GLU A 13 -6.15 -8.54 -4.37
N SER A 14 -6.10 -8.96 -5.63
CA SER A 14 -6.30 -10.35 -6.00
C SER A 14 -5.14 -11.23 -5.50
N GLY A 15 -4.01 -10.59 -5.21
CA GLY A 15 -2.85 -11.34 -4.74
C GLY A 15 -1.82 -11.57 -5.81
N ARG A 16 -1.27 -10.48 -6.36
CA ARG A 16 -0.31 -10.57 -7.45
C ARG A 16 0.92 -11.40 -7.04
N ALA A 17 0.95 -12.65 -7.46
CA ALA A 17 2.10 -13.52 -7.23
C ALA A 17 3.17 -13.34 -8.31
N ALA A 18 2.71 -12.92 -9.49
CA ALA A 18 3.60 -12.80 -10.64
C ALA A 18 4.60 -11.67 -10.47
N CYS A 19 4.16 -10.60 -9.81
CA CYS A 19 5.01 -9.45 -9.56
C CYS A 19 4.65 -8.81 -8.23
N VAL A 20 5.66 -8.54 -7.42
CA VAL A 20 5.45 -7.93 -6.12
C VAL A 20 6.78 -7.45 -5.55
N ASN A 21 6.78 -6.32 -4.85
CA ASN A 21 8.01 -5.73 -4.33
C ASN A 21 8.21 -6.11 -2.87
N ALA A 22 7.49 -7.14 -2.43
CA ALA A 22 7.54 -7.57 -1.04
C ALA A 22 7.22 -9.06 -0.94
N VAL A 23 7.01 -9.52 0.28
CA VAL A 23 6.66 -10.92 0.52
C VAL A 23 5.14 -11.06 0.41
N ARG A 24 4.65 -12.29 0.55
CA ARG A 24 3.20 -12.55 0.55
C ARG A 24 2.55 -12.03 1.85
N GLN A 25 2.76 -10.77 2.14
CA GLN A 25 2.25 -10.15 3.35
C GLN A 25 1.57 -8.83 3.03
N LYS A 26 0.33 -8.89 2.61
CA LYS A 26 -0.43 -7.69 2.35
C LYS A 26 -1.31 -7.33 3.55
N LYS A 27 -0.94 -6.23 4.19
CA LYS A 27 -1.65 -5.72 5.36
C LYS A 27 -2.69 -4.69 4.95
N ARG A 28 -3.67 -4.46 5.81
CA ARG A 28 -4.65 -3.42 5.58
C ARG A 28 -4.75 -2.51 6.78
N ALA A 29 -4.63 -1.21 6.54
CA ALA A 29 -4.70 -0.21 7.58
C ALA A 29 -5.25 1.08 7.02
N THR A 30 -5.40 2.08 7.87
CA THR A 30 -5.90 3.37 7.42
C THR A 30 -4.73 4.32 7.24
N VAL A 31 -4.79 5.14 6.20
CA VAL A 31 -3.76 6.16 5.98
C VAL A 31 -3.76 7.14 7.15
N ASP A 32 -2.67 7.14 7.88
CA ASP A 32 -2.47 8.01 9.02
C ASP A 32 -2.29 9.45 8.53
N SER A 33 -1.44 9.61 7.54
CA SER A 33 -1.10 10.92 7.00
C SER A 33 -0.50 10.79 5.61
N ILE A 34 -0.52 11.87 4.86
CA ILE A 34 0.14 11.93 3.58
C ILE A 34 0.86 13.28 3.45
N LYS A 35 2.17 13.21 3.27
CA LYS A 35 3.01 14.39 3.17
C LYS A 35 3.52 14.55 1.75
N GLY A 36 2.74 15.20 0.91
CA GLY A 36 3.13 15.38 -0.47
C GLY A 36 3.13 14.07 -1.24
N GLN A 37 4.31 13.57 -1.58
CA GLN A 37 4.44 12.35 -2.37
C GLN A 37 4.53 11.13 -1.47
N PHE A 38 4.44 11.32 -0.16
CA PHE A 38 4.66 10.21 0.75
C PHE A 38 3.47 10.03 1.67
N GLY A 39 3.15 8.79 1.92
CA GLY A 39 2.04 8.48 2.78
C GLY A 39 2.47 7.63 3.95
N PHE A 40 1.69 7.65 5.00
CA PHE A 40 1.97 6.84 6.18
C PHE A 40 0.68 6.21 6.64
N LEU A 41 0.75 4.93 6.99
CA LEU A 41 -0.40 4.22 7.50
C LEU A 41 -0.23 4.03 8.98
N ASN A 42 -1.33 3.88 9.70
CA ASN A 42 -1.24 3.65 11.13
C ASN A 42 -0.82 2.21 11.39
N PHE A 43 0.44 1.93 11.14
CA PHE A 43 1.00 0.62 11.32
C PHE A 43 2.41 0.74 11.87
N GLU A 44 2.55 0.56 13.18
CA GLU A 44 3.84 0.62 13.85
C GLU A 44 4.60 -0.69 13.65
N VAL A 45 5.52 -0.66 12.71
CA VAL A 45 6.29 -1.84 12.34
C VAL A 45 7.42 -2.08 13.32
N GLU A 46 7.97 -0.99 13.81
CA GLU A 46 9.04 -0.98 14.73
C GLU A 46 8.70 0.07 15.78
N ASP A 47 9.54 0.22 16.79
CA ASP A 47 9.35 1.17 17.90
C ASP A 47 8.79 2.52 17.45
N GLY A 48 7.48 2.62 17.36
CA GLY A 48 6.84 3.89 17.08
C GLY A 48 7.13 4.34 15.67
N LYS A 49 7.57 3.39 14.88
CA LYS A 49 7.95 3.68 13.52
C LYS A 49 6.73 3.54 12.62
N LYS A 50 6.24 4.68 12.12
CA LYS A 50 5.06 4.70 11.29
C LYS A 50 5.41 4.19 9.89
N LEU A 51 4.56 3.32 9.36
CA LEU A 51 4.77 2.78 8.02
C LEU A 51 4.67 3.88 6.98
N PHE A 52 5.69 4.02 6.16
CA PHE A 52 5.67 5.00 5.09
C PHE A 52 5.55 4.31 3.75
N PHE A 53 5.09 5.05 2.75
CA PHE A 53 5.04 4.57 1.40
C PHE A 53 5.12 5.75 0.45
N HIS A 54 5.60 5.52 -0.76
CA HIS A 54 5.68 6.57 -1.74
C HIS A 54 4.43 6.52 -2.61
N MET A 55 4.04 7.66 -3.16
CA MET A 55 2.86 7.75 -4.02
C MET A 55 3.02 6.95 -5.32
N SER A 56 4.15 6.28 -5.47
CA SER A 56 4.40 5.45 -6.64
C SER A 56 3.83 4.06 -6.44
N GLU A 57 3.66 3.66 -5.19
CA GLU A 57 3.07 2.37 -4.87
C GLU A 57 1.56 2.51 -4.72
N VAL A 58 1.07 3.73 -4.85
CA VAL A 58 -0.33 4.07 -4.69
C VAL A 58 -1.19 3.59 -5.88
N GLN A 59 -2.45 3.30 -5.59
CA GLN A 59 -3.40 2.78 -6.55
C GLN A 59 -3.61 3.77 -7.71
N GLY A 60 -2.88 3.53 -8.80
CA GLY A 60 -3.12 4.24 -10.04
C GLY A 60 -2.70 5.70 -9.98
N ASN A 61 -3.57 6.54 -9.47
CA ASN A 61 -3.33 7.98 -9.44
C ASN A 61 -3.16 8.47 -8.01
N THR A 62 -2.30 9.45 -7.84
CA THR A 62 -1.98 9.98 -6.51
C THR A 62 -3.14 10.79 -5.93
N VAL A 63 -4.13 11.05 -6.77
CA VAL A 63 -5.31 11.80 -6.36
C VAL A 63 -6.44 10.83 -5.96
N ALA A 64 -6.19 9.54 -6.10
CA ALA A 64 -7.20 8.53 -5.80
C ALA A 64 -7.06 8.02 -4.37
N LEU A 65 -5.90 8.26 -3.78
CA LEU A 65 -5.60 7.77 -2.45
C LEU A 65 -5.48 8.96 -1.49
N HIS A 66 -6.26 8.96 -0.42
CA HIS A 66 -6.32 10.10 0.48
C HIS A 66 -5.99 9.68 1.92
N PRO A 67 -5.51 10.63 2.74
CA PRO A 67 -5.31 10.40 4.18
C PRO A 67 -6.63 10.19 4.90
N GLY A 68 -6.72 9.11 5.65
CA GLY A 68 -7.96 8.78 6.33
C GLY A 68 -8.71 7.66 5.64
N ASP A 69 -8.28 7.33 4.43
CA ASP A 69 -8.86 6.21 3.70
C ASP A 69 -8.28 4.89 4.18
N THR A 70 -9.07 3.84 4.12
CA THR A 70 -8.57 2.51 4.37
C THR A 70 -7.79 2.04 3.15
N VAL A 71 -6.60 1.53 3.35
CA VAL A 71 -5.78 1.09 2.25
C VAL A 71 -5.16 -0.24 2.54
N GLU A 72 -4.77 -0.89 1.48
CA GLU A 72 -4.12 -2.17 1.56
C GLU A 72 -2.69 -2.01 1.03
N PHE A 73 -1.76 -2.66 1.68
CA PHE A 73 -0.35 -2.48 1.36
C PHE A 73 0.40 -3.74 1.71
N SER A 74 1.69 -3.75 1.49
CA SER A 74 2.49 -4.91 1.85
C SER A 74 3.63 -4.45 2.75
N VAL A 75 3.76 -5.09 3.90
CA VAL A 75 4.76 -4.68 4.87
C VAL A 75 6.04 -5.49 4.71
N VAL A 76 7.01 -4.90 4.01
CA VAL A 76 8.31 -5.52 3.84
C VAL A 76 9.34 -4.84 4.73
N THR A 77 9.80 -5.56 5.75
CA THR A 77 10.77 -5.01 6.67
C THR A 77 12.12 -4.85 5.98
N ASN A 78 12.63 -3.64 5.99
CA ASN A 78 13.92 -3.36 5.38
C ASN A 78 15.02 -4.01 6.20
N GLN A 79 15.64 -5.06 5.66
CA GLN A 79 16.70 -5.76 6.37
C GLN A 79 17.92 -4.86 6.57
N ARG A 80 17.94 -3.72 5.87
CA ARG A 80 19.02 -2.77 6.01
C ARG A 80 18.67 -1.67 7.03
N ASN A 81 17.40 -1.28 7.05
CA ASN A 81 16.97 -0.14 7.89
C ASN A 81 16.33 -0.61 9.20
N GLY A 82 15.71 -1.77 9.16
CA GLY A 82 14.99 -2.29 10.30
C GLY A 82 13.52 -1.91 10.27
N LYS A 83 13.21 -0.84 9.57
CA LYS A 83 11.82 -0.41 9.41
C LYS A 83 11.26 -0.97 8.11
N SER A 84 9.97 -1.14 8.05
CA SER A 84 9.35 -1.70 6.87
C SER A 84 8.86 -0.60 5.93
N SER A 85 8.27 -1.01 4.82
CA SER A 85 7.72 -0.07 3.85
C SER A 85 6.48 -0.67 3.22
N ALA A 86 5.51 0.17 2.87
CA ALA A 86 4.30 -0.28 2.25
C ALA A 86 4.45 -0.31 0.74
N CYS A 87 4.32 -1.48 0.15
CA CYS A 87 4.36 -1.62 -1.29
C CYS A 87 3.01 -2.15 -1.77
N ASN A 88 2.62 -1.78 -2.99
CA ASN A 88 1.32 -2.16 -3.52
C ASN A 88 0.20 -1.59 -2.64
N VAL A 89 0.08 -0.28 -2.66
CA VAL A 89 -0.90 0.43 -1.86
C VAL A 89 -2.20 0.60 -2.62
N LEU A 90 -3.22 -0.09 -2.15
CA LEU A 90 -4.52 -0.09 -2.79
C LEU A 90 -5.52 0.70 -1.98
N LYS A 91 -6.44 1.35 -2.68
CA LYS A 91 -7.51 2.08 -2.03
C LYS A 91 -8.64 1.13 -1.65
N ILE A 92 -8.83 0.98 -0.36
CA ILE A 92 -9.81 0.05 0.16
C ILE A 92 -11.09 0.76 0.58
N ASN A 93 -12.22 0.19 0.20
CA ASN A 93 -13.52 0.74 0.53
C ASN A 93 -13.80 0.56 2.02
N ASP A 94 -13.88 1.67 2.73
CA ASP A 94 -14.18 1.66 4.15
C ASP A 94 -15.61 1.19 4.41
N GLY A 1 0.89 -18.86 -24.29
CA GLY A 1 2.14 -19.32 -24.88
C GLY A 1 3.24 -19.44 -23.84
N ALA A 2 4.48 -19.58 -24.30
CA ALA A 2 5.62 -19.71 -23.40
C ALA A 2 5.92 -18.39 -22.71
N LYS A 3 5.55 -17.29 -23.36
CA LYS A 3 5.78 -15.97 -22.80
C LYS A 3 4.48 -15.38 -22.28
N GLY A 4 4.17 -15.68 -21.03
CA GLY A 4 3.01 -15.12 -20.39
C GLY A 4 3.41 -14.19 -19.27
N ASP A 5 3.75 -12.96 -19.63
CA ASP A 5 4.26 -12.00 -18.66
C ASP A 5 3.14 -11.17 -18.03
N LEU A 6 3.54 -10.15 -17.28
CA LEU A 6 2.62 -9.37 -16.47
C LEU A 6 1.70 -8.48 -17.29
N VAL A 7 0.41 -8.75 -17.21
CA VAL A 7 -0.59 -7.88 -17.81
C VAL A 7 -1.41 -7.19 -16.71
N SER A 8 -1.45 -5.87 -16.76
CA SER A 8 -2.25 -5.10 -15.81
C SER A 8 -3.70 -5.06 -16.27
N PHE A 9 -4.51 -5.97 -15.75
CA PHE A 9 -5.89 -6.11 -16.20
C PHE A 9 -6.74 -6.78 -15.12
N ARG A 10 -6.15 -7.73 -14.41
CA ARG A 10 -6.88 -8.48 -13.41
C ARG A 10 -6.92 -7.76 -12.07
N ILE A 11 -7.61 -8.37 -11.12
CA ILE A 11 -7.81 -7.76 -9.81
C ILE A 11 -6.51 -7.72 -9.01
N ASP A 12 -6.08 -6.51 -8.66
CA ASP A 12 -4.80 -6.33 -7.97
C ASP A 12 -4.91 -6.51 -6.47
N GLU A 13 -6.08 -6.20 -5.90
CA GLU A 13 -6.30 -6.37 -4.47
C GLU A 13 -6.26 -7.84 -4.07
N SER A 14 -6.19 -8.70 -5.09
CA SER A 14 -6.08 -10.14 -4.89
C SER A 14 -4.70 -10.48 -4.35
N GLY A 15 -3.72 -9.62 -4.66
CA GLY A 15 -2.35 -9.93 -4.30
C GLY A 15 -1.79 -11.03 -5.17
N ARG A 16 -2.03 -10.90 -6.48
CA ARG A 16 -1.60 -11.90 -7.44
C ARG A 16 -0.09 -12.12 -7.38
N ALA A 17 0.28 -13.37 -7.14
CA ALA A 17 1.67 -13.78 -6.94
C ALA A 17 2.56 -13.45 -8.14
N ALA A 18 1.94 -13.13 -9.27
CA ALA A 18 2.67 -12.84 -10.50
C ALA A 18 3.48 -11.55 -10.35
N CYS A 19 3.02 -10.64 -9.51
CA CYS A 19 3.78 -9.41 -9.24
C CYS A 19 3.64 -9.02 -7.78
N VAL A 20 4.76 -8.79 -7.12
CA VAL A 20 4.78 -8.38 -5.73
C VAL A 20 6.19 -7.94 -5.33
N ASN A 21 6.30 -6.85 -4.57
CA ASN A 21 7.60 -6.35 -4.16
C ASN A 21 7.98 -6.90 -2.79
N ALA A 22 7.02 -7.49 -2.11
CA ALA A 22 7.24 -8.06 -0.79
C ALA A 22 7.06 -9.58 -0.83
N VAL A 23 7.21 -10.21 0.32
CA VAL A 23 7.08 -11.65 0.41
C VAL A 23 5.62 -12.08 0.62
N ARG A 24 4.83 -11.97 -0.45
CA ARG A 24 3.42 -12.41 -0.47
C ARG A 24 2.67 -12.08 0.82
N GLN A 25 2.83 -10.86 1.30
CA GLN A 25 2.22 -10.45 2.57
C GLN A 25 1.53 -9.10 2.42
N LYS A 26 0.21 -9.09 2.51
CA LYS A 26 -0.53 -7.85 2.47
C LYS A 26 -1.08 -7.49 3.83
N LYS A 27 -0.75 -6.29 4.27
CA LYS A 27 -1.33 -5.73 5.48
C LYS A 27 -2.38 -4.69 5.09
N ARG A 28 -3.42 -4.55 5.90
CA ARG A 28 -4.45 -3.56 5.62
C ARG A 28 -4.64 -2.63 6.80
N ALA A 29 -4.59 -1.33 6.51
CA ALA A 29 -4.70 -0.30 7.54
C ALA A 29 -5.19 1.00 6.93
N THR A 30 -5.35 2.01 7.76
CA THR A 30 -5.84 3.29 7.32
C THR A 30 -4.69 4.29 7.19
N VAL A 31 -4.78 5.19 6.22
CA VAL A 31 -3.78 6.24 6.05
C VAL A 31 -3.83 7.20 7.23
N ASP A 32 -2.70 7.33 7.90
CA ASP A 32 -2.59 8.22 9.04
C ASP A 32 -2.34 9.64 8.55
N SER A 33 -1.50 9.78 7.54
CA SER A 33 -1.17 11.09 7.00
C SER A 33 -0.51 10.96 5.64
N ILE A 34 -0.42 12.07 4.93
CA ILE A 34 0.27 12.12 3.64
C ILE A 34 1.07 13.42 3.53
N LYS A 35 2.33 13.28 3.13
CA LYS A 35 3.24 14.39 3.02
C LYS A 35 3.85 14.46 1.62
N GLY A 36 3.17 15.15 0.70
CA GLY A 36 3.66 15.26 -0.66
C GLY A 36 3.56 13.95 -1.41
N GLN A 37 4.71 13.34 -1.71
CA GLN A 37 4.73 12.09 -2.46
C GLN A 37 4.73 10.90 -1.51
N PHE A 38 4.60 11.15 -0.22
CA PHE A 38 4.73 10.08 0.75
C PHE A 38 3.52 10.00 1.66
N GLY A 39 3.12 8.79 1.95
CA GLY A 39 2.00 8.58 2.84
C GLY A 39 2.39 7.74 4.01
N PHE A 40 1.64 7.84 5.09
CA PHE A 40 1.91 7.07 6.28
C PHE A 40 0.64 6.39 6.73
N LEU A 41 0.76 5.16 7.19
CA LEU A 41 -0.39 4.38 7.59
C LEU A 41 -0.30 4.07 9.07
N ASN A 42 -1.45 3.87 9.70
CA ASN A 42 -1.46 3.54 11.13
C ASN A 42 -1.05 2.08 11.32
N PHE A 43 0.24 1.84 11.15
CA PHE A 43 0.82 0.52 11.30
C PHE A 43 2.21 0.63 11.90
N GLU A 44 2.33 0.22 13.15
CA GLU A 44 3.59 0.31 13.86
C GLU A 44 4.38 -0.98 13.71
N VAL A 45 5.53 -0.89 13.06
CA VAL A 45 6.38 -2.05 12.84
C VAL A 45 7.32 -2.29 14.03
N GLU A 46 7.97 -1.22 14.48
CA GLU A 46 8.84 -1.29 15.64
C GLU A 46 8.98 0.09 16.25
N ASP A 47 9.08 0.17 17.57
CA ASP A 47 9.27 1.44 18.28
C ASP A 47 8.14 2.43 18.02
N GLY A 48 7.09 1.95 17.41
CA GLY A 48 5.99 2.81 17.03
C GLY A 48 6.26 3.56 15.74
N LYS A 49 7.04 2.94 14.86
CA LYS A 49 7.37 3.55 13.57
C LYS A 49 6.16 3.52 12.64
N LYS A 50 5.62 4.69 12.35
CA LYS A 50 4.47 4.80 11.46
C LYS A 50 4.90 4.43 10.03
N LEU A 51 4.25 3.42 9.49
CA LEU A 51 4.58 2.91 8.17
C LEU A 51 4.47 3.97 7.09
N PHE A 52 5.53 4.13 6.31
CA PHE A 52 5.51 5.09 5.21
C PHE A 52 5.40 4.38 3.88
N PHE A 53 5.00 5.11 2.86
CA PHE A 53 4.96 4.60 1.50
C PHE A 53 5.13 5.75 0.50
N HIS A 54 5.57 5.45 -0.70
CA HIS A 54 5.73 6.46 -1.73
C HIS A 54 4.51 6.40 -2.67
N MET A 55 4.16 7.54 -3.26
CA MET A 55 3.01 7.63 -4.16
C MET A 55 3.18 6.74 -5.40
N SER A 56 4.37 6.19 -5.57
CA SER A 56 4.65 5.28 -6.67
C SER A 56 3.95 3.95 -6.42
N GLU A 57 3.71 3.63 -5.15
CA GLU A 57 3.04 2.39 -4.79
C GLU A 57 1.52 2.61 -4.65
N VAL A 58 1.11 3.85 -4.84
CA VAL A 58 -0.28 4.25 -4.63
C VAL A 58 -1.22 3.75 -5.74
N GLN A 59 -2.47 3.53 -5.36
CA GLN A 59 -3.49 2.95 -6.24
C GLN A 59 -3.87 3.86 -7.39
N GLY A 60 -3.28 3.59 -8.55
CA GLY A 60 -3.66 4.28 -9.77
C GLY A 60 -3.25 5.74 -9.81
N ASN A 61 -4.05 6.59 -9.16
CA ASN A 61 -3.80 8.02 -9.16
C ASN A 61 -3.46 8.48 -7.76
N THR A 62 -2.65 9.52 -7.68
CA THR A 62 -2.24 10.09 -6.40
C THR A 62 -3.42 10.80 -5.74
N VAL A 63 -4.44 11.09 -6.54
CA VAL A 63 -5.63 11.77 -6.06
C VAL A 63 -6.72 10.74 -5.75
N ALA A 64 -6.36 9.46 -5.75
CA ALA A 64 -7.30 8.41 -5.45
C ALA A 64 -7.10 7.88 -4.04
N LEU A 65 -5.87 7.99 -3.55
CA LEU A 65 -5.53 7.55 -2.22
C LEU A 65 -5.45 8.77 -1.29
N HIS A 66 -6.22 8.77 -0.21
CA HIS A 66 -6.33 9.94 0.65
C HIS A 66 -5.99 9.61 2.10
N PRO A 67 -5.54 10.61 2.87
CA PRO A 67 -5.30 10.45 4.30
C PRO A 67 -6.61 10.22 5.06
N GLY A 68 -6.70 9.10 5.76
CA GLY A 68 -7.93 8.77 6.45
C GLY A 68 -8.72 7.71 5.70
N ASP A 69 -8.25 7.36 4.52
CA ASP A 69 -8.85 6.32 3.72
C ASP A 69 -8.23 4.97 4.10
N THR A 70 -8.99 3.90 3.93
CA THR A 70 -8.46 2.57 4.20
C THR A 70 -7.66 2.10 2.99
N VAL A 71 -6.55 1.43 3.24
CA VAL A 71 -5.70 0.97 2.16
C VAL A 71 -5.24 -0.45 2.40
N GLU A 72 -4.79 -1.07 1.35
CA GLU A 72 -4.12 -2.34 1.43
C GLU A 72 -2.68 -2.13 0.98
N PHE A 73 -1.76 -2.78 1.65
CA PHE A 73 -0.36 -2.60 1.35
C PHE A 73 0.41 -3.85 1.69
N SER A 74 1.70 -3.83 1.45
CA SER A 74 2.55 -4.97 1.73
C SER A 74 3.70 -4.52 2.59
N VAL A 75 3.93 -5.23 3.67
CA VAL A 75 4.96 -4.86 4.61
C VAL A 75 6.30 -5.49 4.24
N VAL A 76 7.16 -4.69 3.61
CA VAL A 76 8.49 -5.14 3.27
C VAL A 76 9.52 -4.47 4.16
N THR A 77 9.98 -5.21 5.15
CA THR A 77 10.93 -4.69 6.12
C THR A 77 12.29 -4.46 5.48
N ASN A 78 12.85 -3.28 5.69
CA ASN A 78 14.21 -3.02 5.27
C ASN A 78 15.17 -3.79 6.16
N GLN A 79 15.71 -4.88 5.64
CA GLN A 79 16.59 -5.74 6.43
C GLN A 79 17.84 -5.00 6.89
N ARG A 80 18.12 -3.88 6.26
CA ARG A 80 19.26 -3.05 6.63
C ARG A 80 18.87 -2.02 7.67
N ASN A 81 17.70 -1.41 7.51
CA ASN A 81 17.29 -0.29 8.36
C ASN A 81 16.45 -0.77 9.54
N GLY A 82 15.70 -1.84 9.34
CA GLY A 82 14.80 -2.33 10.36
C GLY A 82 13.38 -1.83 10.19
N LYS A 83 13.24 -0.71 9.51
CA LYS A 83 11.94 -0.11 9.27
C LYS A 83 11.38 -0.61 7.96
N SER A 84 10.06 -0.61 7.85
CA SER A 84 9.39 -1.20 6.70
C SER A 84 8.81 -0.11 5.80
N SER A 85 8.11 -0.54 4.76
CA SER A 85 7.50 0.36 3.81
C SER A 85 6.33 -0.34 3.14
N ALA A 86 5.31 0.43 2.78
CA ALA A 86 4.11 -0.12 2.18
C ALA A 86 4.25 -0.20 0.67
N CYS A 87 4.08 -1.39 0.15
CA CYS A 87 4.13 -1.61 -1.29
C CYS A 87 2.78 -2.12 -1.76
N ASN A 88 2.43 -1.83 -3.00
CA ASN A 88 1.13 -2.19 -3.57
C ASN A 88 0.01 -1.59 -2.72
N VAL A 89 -0.03 -0.27 -2.69
CA VAL A 89 -1.02 0.44 -1.89
C VAL A 89 -2.32 0.58 -2.68
N LEU A 90 -3.30 -0.24 -2.31
CA LEU A 90 -4.61 -0.22 -2.94
C LEU A 90 -5.58 0.53 -2.06
N LYS A 91 -6.55 1.21 -2.68
CA LYS A 91 -7.53 1.92 -1.93
C LYS A 91 -8.64 0.96 -1.47
N ILE A 92 -8.90 0.97 -0.18
CA ILE A 92 -9.86 0.06 0.40
C ILE A 92 -11.03 0.83 1.00
N ASN A 93 -12.24 0.42 0.70
CA ASN A 93 -13.41 1.08 1.25
C ASN A 93 -14.26 0.13 2.09
N ASP A 94 -14.71 0.63 3.22
CA ASP A 94 -15.59 -0.12 4.10
C ASP A 94 -16.83 0.71 4.44
N GLY A 1 -22.16 -1.05 -30.57
CA GLY A 1 -22.54 -2.45 -30.69
C GLY A 1 -23.17 -2.98 -29.43
N ALA A 2 -22.42 -3.76 -28.67
CA ALA A 2 -22.91 -4.33 -27.43
C ALA A 2 -22.06 -3.85 -26.25
N LYS A 3 -22.45 -2.73 -25.66
CA LYS A 3 -21.76 -2.22 -24.50
C LYS A 3 -22.32 -2.85 -23.22
N GLY A 4 -21.68 -3.92 -22.79
CA GLY A 4 -22.12 -4.61 -21.59
C GLY A 4 -21.05 -4.60 -20.52
N ASP A 5 -21.40 -5.14 -19.36
CA ASP A 5 -20.46 -5.21 -18.25
C ASP A 5 -19.79 -6.58 -18.23
N LEU A 6 -18.56 -6.63 -18.70
CA LEU A 6 -17.83 -7.89 -18.75
C LEU A 6 -17.10 -8.15 -17.44
N VAL A 7 -17.03 -9.40 -17.05
CA VAL A 7 -16.34 -9.79 -15.83
C VAL A 7 -14.87 -10.07 -16.13
N SER A 8 -13.99 -9.27 -15.51
CA SER A 8 -12.56 -9.41 -15.74
C SER A 8 -11.99 -10.59 -14.97
N PHE A 9 -12.82 -11.17 -14.10
CA PHE A 9 -12.49 -12.33 -13.25
C PHE A 9 -11.18 -12.12 -12.49
N ARG A 10 -10.87 -10.86 -12.20
CA ARG A 10 -9.62 -10.54 -11.53
C ARG A 10 -9.65 -9.10 -11.02
N ILE A 11 -9.31 -8.93 -9.76
CA ILE A 11 -9.03 -7.62 -9.22
C ILE A 11 -7.57 -7.59 -8.77
N ASP A 12 -6.87 -6.50 -9.04
CA ASP A 12 -5.44 -6.42 -8.75
C ASP A 12 -5.17 -6.45 -7.25
N GLU A 13 -6.20 -6.13 -6.47
CA GLU A 13 -6.10 -6.14 -5.01
C GLU A 13 -6.07 -7.58 -4.47
N SER A 14 -6.22 -8.53 -5.38
CA SER A 14 -6.22 -9.94 -5.01
C SER A 14 -4.81 -10.42 -4.65
N GLY A 15 -3.81 -9.65 -5.06
CA GLY A 15 -2.45 -10.07 -4.84
C GLY A 15 -1.98 -10.98 -5.95
N ARG A 16 -2.04 -10.48 -7.17
CA ARG A 16 -1.67 -11.25 -8.34
C ARG A 16 -0.17 -11.16 -8.60
N ALA A 17 0.38 -12.27 -9.07
CA ALA A 17 1.83 -12.41 -9.30
C ALA A 17 2.35 -11.44 -10.35
N ALA A 18 1.45 -10.84 -11.12
CA ALA A 18 1.83 -9.99 -12.23
C ALA A 18 2.53 -8.71 -11.76
N CYS A 19 2.22 -8.27 -10.54
CA CYS A 19 2.89 -7.11 -9.96
C CYS A 19 2.98 -7.25 -8.44
N VAL A 20 4.17 -7.07 -7.91
CA VAL A 20 4.39 -7.17 -6.48
C VAL A 20 5.80 -6.67 -6.13
N ASN A 21 5.93 -5.99 -5.00
CA ASN A 21 7.23 -5.50 -4.57
C ASN A 21 7.66 -6.16 -3.27
N ALA A 22 6.75 -6.96 -2.73
CA ALA A 22 6.99 -7.67 -1.49
C ALA A 22 6.67 -9.15 -1.67
N VAL A 23 5.87 -9.71 -0.78
CA VAL A 23 5.48 -11.11 -0.86
C VAL A 23 3.97 -11.27 -0.71
N ARG A 24 3.55 -12.50 -0.47
CA ARG A 24 2.15 -12.88 -0.26
C ARG A 24 1.42 -12.00 0.75
N GLN A 25 2.18 -11.43 1.69
CA GLN A 25 1.59 -10.79 2.85
C GLN A 25 1.14 -9.37 2.54
N LYS A 26 -0.17 -9.17 2.45
CA LYS A 26 -0.73 -7.85 2.26
C LYS A 26 -1.48 -7.41 3.50
N LYS A 27 -0.94 -6.39 4.17
CA LYS A 27 -1.54 -5.84 5.38
C LYS A 27 -2.54 -4.76 5.01
N ARG A 28 -3.52 -4.54 5.86
CA ARG A 28 -4.50 -3.49 5.64
C ARG A 28 -4.57 -2.57 6.84
N ALA A 29 -4.61 -1.28 6.56
CA ALA A 29 -4.65 -0.25 7.60
C ALA A 29 -5.18 1.05 7.00
N THR A 30 -5.29 2.07 7.82
CA THR A 30 -5.79 3.35 7.36
C THR A 30 -4.63 4.34 7.23
N VAL A 31 -4.73 5.24 6.26
CA VAL A 31 -3.72 6.27 6.08
C VAL A 31 -3.75 7.26 7.23
N ASP A 32 -2.63 7.36 7.93
CA ASP A 32 -2.49 8.28 9.04
C ASP A 32 -2.39 9.72 8.55
N SER A 33 -1.63 9.90 7.47
CA SER A 33 -1.41 11.21 6.88
C SER A 33 -0.60 11.07 5.60
N ILE A 34 -0.60 12.11 4.79
CA ILE A 34 0.19 12.12 3.57
C ILE A 34 0.98 13.41 3.48
N LYS A 35 2.27 13.27 3.18
CA LYS A 35 3.19 14.38 3.16
C LYS A 35 3.84 14.47 1.79
N GLY A 36 3.18 15.18 0.88
CA GLY A 36 3.71 15.33 -0.46
C GLY A 36 3.62 14.04 -1.26
N GLN A 37 4.77 13.46 -1.58
CA GLN A 37 4.82 12.24 -2.37
C GLN A 37 4.85 11.01 -1.47
N PHE A 38 4.68 11.22 -0.17
CA PHE A 38 4.82 10.12 0.77
C PHE A 38 3.60 10.04 1.67
N GLY A 39 3.20 8.83 1.96
CA GLY A 39 2.08 8.61 2.84
C GLY A 39 2.47 7.74 4.01
N PHE A 40 1.72 7.84 5.08
CA PHE A 40 1.99 7.04 6.25
C PHE A 40 0.71 6.36 6.71
N LEU A 41 0.84 5.15 7.19
CA LEU A 41 -0.31 4.37 7.60
C LEU A 41 -0.20 4.06 9.09
N ASN A 42 -1.34 3.87 9.74
CA ASN A 42 -1.35 3.54 11.15
C ASN A 42 -0.91 2.09 11.34
N PHE A 43 0.38 1.87 11.18
CA PHE A 43 0.98 0.56 11.34
C PHE A 43 2.42 0.74 11.79
N GLU A 44 2.65 0.60 13.09
CA GLU A 44 3.97 0.80 13.67
C GLU A 44 4.74 -0.51 13.77
N VAL A 45 5.65 -0.69 12.82
CA VAL A 45 6.48 -1.89 12.74
C VAL A 45 7.58 -1.88 13.78
N GLU A 46 8.41 -0.86 13.72
CA GLU A 46 9.51 -0.68 14.60
C GLU A 46 9.14 0.44 15.56
N ASP A 47 10.04 0.78 16.49
CA ASP A 47 9.87 1.86 17.48
C ASP A 47 9.01 3.02 17.00
N GLY A 48 7.70 2.86 17.10
CA GLY A 48 6.80 3.96 16.82
C GLY A 48 6.85 4.36 15.37
N LYS A 49 7.40 3.49 14.54
CA LYS A 49 7.61 3.78 13.15
C LYS A 49 6.30 3.68 12.39
N LYS A 50 5.77 4.81 12.00
CA LYS A 50 4.56 4.85 11.21
C LYS A 50 4.90 4.43 9.79
N LEU A 51 4.25 3.39 9.30
CA LEU A 51 4.59 2.82 8.00
C LEU A 51 4.48 3.86 6.91
N PHE A 52 5.58 4.06 6.20
CA PHE A 52 5.63 5.04 5.13
C PHE A 52 5.51 4.34 3.79
N PHE A 53 5.02 5.07 2.81
CA PHE A 53 4.96 4.58 1.46
C PHE A 53 5.11 5.74 0.49
N HIS A 54 5.54 5.44 -0.72
CA HIS A 54 5.70 6.48 -1.73
C HIS A 54 4.49 6.47 -2.66
N MET A 55 4.14 7.64 -3.21
CA MET A 55 2.98 7.78 -4.11
C MET A 55 3.11 6.91 -5.36
N SER A 56 4.26 6.29 -5.55
CA SER A 56 4.49 5.45 -6.70
C SER A 56 3.83 4.07 -6.50
N GLU A 57 3.71 3.65 -5.24
CA GLU A 57 3.07 2.40 -4.91
C GLU A 57 1.56 2.58 -4.77
N VAL A 58 1.12 3.84 -4.88
CA VAL A 58 -0.28 4.22 -4.71
C VAL A 58 -1.16 3.72 -5.86
N GLN A 59 -2.41 3.43 -5.50
CA GLN A 59 -3.40 2.85 -6.41
C GLN A 59 -3.74 3.79 -7.56
N GLY A 60 -3.13 3.53 -8.71
CA GLY A 60 -3.46 4.26 -9.92
C GLY A 60 -2.98 5.69 -9.92
N ASN A 61 -3.81 6.58 -9.42
CA ASN A 61 -3.49 8.00 -9.40
C ASN A 61 -3.13 8.45 -8.00
N THR A 62 -2.29 9.45 -7.91
CA THR A 62 -1.86 10.01 -6.65
C THR A 62 -3.03 10.62 -5.87
N VAL A 63 -3.98 11.18 -6.62
CA VAL A 63 -5.13 11.84 -6.02
C VAL A 63 -6.26 10.83 -5.79
N ALA A 64 -5.97 9.55 -6.01
CA ALA A 64 -6.96 8.50 -5.81
C ALA A 64 -6.82 7.89 -4.42
N LEU A 65 -5.75 8.24 -3.74
CA LEU A 65 -5.51 7.74 -2.39
C LEU A 65 -5.41 8.94 -1.43
N HIS A 66 -6.24 8.92 -0.39
CA HIS A 66 -6.33 10.06 0.51
C HIS A 66 -6.04 9.64 1.95
N PRO A 67 -5.54 10.58 2.78
CA PRO A 67 -5.28 10.33 4.20
C PRO A 67 -6.58 10.18 4.99
N GLY A 68 -6.80 9.00 5.53
CA GLY A 68 -8.02 8.72 6.27
C GLY A 68 -8.81 7.60 5.66
N ASP A 69 -8.53 7.28 4.41
CA ASP A 69 -9.15 6.15 3.74
C ASP A 69 -8.41 4.87 4.10
N THR A 70 -9.10 3.74 4.00
CA THR A 70 -8.47 2.46 4.25
C THR A 70 -7.65 2.04 3.04
N VAL A 71 -6.50 1.42 3.28
CA VAL A 71 -5.64 0.99 2.21
C VAL A 71 -5.11 -0.39 2.51
N GLU A 72 -4.71 -1.05 1.45
CA GLU A 72 -4.03 -2.30 1.56
C GLU A 72 -2.63 -2.12 1.01
N PHE A 73 -1.69 -2.76 1.65
CA PHE A 73 -0.29 -2.58 1.34
C PHE A 73 0.46 -3.85 1.69
N SER A 74 1.75 -3.86 1.45
CA SER A 74 2.52 -5.05 1.77
C SER A 74 3.68 -4.67 2.66
N VAL A 75 3.81 -5.36 3.77
CA VAL A 75 4.84 -5.04 4.73
C VAL A 75 6.16 -5.75 4.38
N VAL A 76 7.04 -5.01 3.74
CA VAL A 76 8.35 -5.50 3.38
C VAL A 76 9.41 -4.82 4.23
N THR A 77 10.22 -5.60 4.91
CA THR A 77 11.24 -5.06 5.78
C THR A 77 12.47 -4.64 4.97
N ASN A 78 12.93 -3.42 5.18
CA ASN A 78 14.14 -2.96 4.53
C ASN A 78 15.33 -3.71 5.08
N GLN A 79 15.93 -4.55 4.25
CA GLN A 79 17.02 -5.42 4.68
C GLN A 79 18.22 -4.63 5.20
N ARG A 80 18.27 -3.35 4.85
CA ARG A 80 19.40 -2.52 5.24
C ARG A 80 19.12 -1.74 6.52
N ASN A 81 17.89 -1.26 6.70
CA ASN A 81 17.57 -0.36 7.81
C ASN A 81 16.61 -0.98 8.83
N GLY A 82 16.09 -2.16 8.53
CA GLY A 82 15.27 -2.88 9.49
C GLY A 82 13.85 -2.34 9.60
N LYS A 83 13.58 -1.21 8.98
CA LYS A 83 12.24 -0.62 9.02
C LYS A 83 11.50 -0.99 7.75
N SER A 84 10.17 -1.05 7.82
CA SER A 84 9.38 -1.54 6.70
C SER A 84 8.84 -0.39 5.85
N SER A 85 8.10 -0.75 4.81
CA SER A 85 7.51 0.20 3.88
C SER A 85 6.29 -0.43 3.25
N ALA A 86 5.30 0.39 2.88
CA ALA A 86 4.10 -0.11 2.26
C ALA A 86 4.28 -0.22 0.76
N CYS A 87 4.07 -1.41 0.25
CA CYS A 87 4.17 -1.67 -1.17
C CYS A 87 2.82 -2.12 -1.70
N ASN A 88 2.52 -1.72 -2.94
CA ASN A 88 1.23 -1.99 -3.54
C ASN A 88 0.11 -1.43 -2.67
N VAL A 89 -0.02 -0.11 -2.68
CA VAL A 89 -1.01 0.59 -1.88
C VAL A 89 -2.33 0.69 -2.62
N LEU A 90 -3.28 -0.12 -2.20
CA LEU A 90 -4.60 -0.17 -2.82
C LEU A 90 -5.61 0.58 -1.96
N LYS A 91 -6.61 1.16 -2.62
CA LYS A 91 -7.65 1.90 -1.91
C LYS A 91 -8.72 0.92 -1.43
N ILE A 92 -8.86 0.79 -0.13
CA ILE A 92 -9.74 -0.22 0.45
C ILE A 92 -10.98 0.40 1.07
N ASN A 93 -12.12 -0.24 0.84
CA ASN A 93 -13.34 0.11 1.54
C ASN A 93 -13.68 -1.01 2.52
N ASP A 94 -14.00 -0.63 3.73
CA ASP A 94 -14.25 -1.60 4.80
C ASP A 94 -15.72 -1.97 4.86
N GLY A 1 2.78 -5.37 -21.81
CA GLY A 1 3.33 -4.07 -22.13
C GLY A 1 2.29 -3.13 -22.70
N ALA A 2 2.33 -1.87 -22.26
CA ALA A 2 1.40 -0.83 -22.73
C ALA A 2 -0.04 -1.14 -22.30
N LYS A 3 -0.16 -2.00 -21.31
CA LYS A 3 -1.47 -2.39 -20.80
C LYS A 3 -1.70 -1.73 -19.44
N GLY A 4 -2.29 -0.54 -19.45
CA GLY A 4 -2.49 0.21 -18.22
C GLY A 4 -3.93 0.18 -17.74
N ASP A 5 -4.86 0.31 -18.67
CA ASP A 5 -6.28 0.30 -18.35
C ASP A 5 -6.73 -1.10 -17.93
N LEU A 6 -7.18 -1.21 -16.70
CA LEU A 6 -7.59 -2.49 -16.16
C LEU A 6 -9.01 -2.82 -16.58
N VAL A 7 -9.14 -3.93 -17.29
CA VAL A 7 -10.42 -4.44 -17.71
C VAL A 7 -10.95 -5.44 -16.67
N SER A 8 -10.45 -5.30 -15.44
CA SER A 8 -10.80 -6.19 -14.33
C SER A 8 -10.32 -7.62 -14.62
N PHE A 9 -9.30 -7.74 -15.47
CA PHE A 9 -8.73 -9.03 -15.81
C PHE A 9 -7.91 -9.54 -14.64
N ARG A 10 -7.35 -8.59 -13.90
CA ARG A 10 -6.53 -8.88 -12.75
C ARG A 10 -6.49 -7.69 -11.83
N ILE A 11 -6.52 -7.95 -10.54
CA ILE A 11 -6.43 -6.89 -9.56
C ILE A 11 -5.23 -7.14 -8.66
N ASP A 12 -4.52 -6.10 -8.30
CA ASP A 12 -3.31 -6.24 -7.48
C ASP A 12 -3.63 -6.68 -6.06
N GLU A 13 -4.82 -6.33 -5.57
CA GLU A 13 -5.25 -6.72 -4.22
C GLU A 13 -5.28 -8.24 -4.08
N SER A 14 -5.23 -8.92 -5.22
CA SER A 14 -5.30 -10.36 -5.28
C SER A 14 -4.02 -10.99 -4.73
N GLY A 15 -2.92 -10.26 -4.83
CA GLY A 15 -1.63 -10.80 -4.45
C GLY A 15 -0.97 -11.57 -5.57
N ARG A 16 -0.79 -10.90 -6.70
CA ARG A 16 -0.25 -11.51 -7.91
C ARG A 16 1.14 -12.12 -7.65
N ALA A 17 1.26 -13.41 -7.88
CA ALA A 17 2.51 -14.13 -7.63
C ALA A 17 3.49 -14.01 -8.79
N ALA A 18 2.98 -13.63 -9.96
CA ALA A 18 3.82 -13.52 -11.15
C ALA A 18 4.81 -12.37 -11.04
N CYS A 19 4.37 -11.28 -10.41
CA CYS A 19 5.24 -10.13 -10.19
C CYS A 19 4.78 -9.39 -8.95
N VAL A 20 5.74 -9.08 -8.08
CA VAL A 20 5.44 -8.46 -6.80
C VAL A 20 6.72 -7.96 -6.15
N ASN A 21 6.60 -6.94 -5.31
CA ASN A 21 7.77 -6.39 -4.62
C ASN A 21 8.09 -7.19 -3.36
N ALA A 22 7.09 -7.31 -2.49
CA ALA A 22 7.23 -8.04 -1.24
C ALA A 22 6.75 -9.47 -1.39
N VAL A 23 6.54 -10.14 -0.27
CA VAL A 23 6.05 -11.52 -0.30
C VAL A 23 4.52 -11.49 -0.19
N ARG A 24 3.92 -12.62 0.21
CA ARG A 24 2.47 -12.73 0.37
C ARG A 24 1.95 -11.95 1.58
N GLN A 25 2.79 -11.07 2.12
CA GLN A 25 2.46 -10.36 3.34
C GLN A 25 1.77 -9.03 3.02
N LYS A 26 0.48 -9.11 2.74
CA LYS A 26 -0.30 -7.93 2.40
C LYS A 26 -1.18 -7.51 3.57
N LYS A 27 -0.86 -6.36 4.14
CA LYS A 27 -1.56 -5.83 5.30
C LYS A 27 -2.57 -4.77 4.89
N ARG A 28 -3.57 -4.54 5.74
CA ARG A 28 -4.54 -3.48 5.51
C ARG A 28 -4.59 -2.56 6.72
N ALA A 29 -4.71 -1.27 6.45
CA ALA A 29 -4.78 -0.26 7.50
C ALA A 29 -5.25 1.06 6.93
N THR A 30 -5.39 2.06 7.79
CA THR A 30 -5.85 3.35 7.36
C THR A 30 -4.68 4.32 7.26
N VAL A 31 -4.76 5.22 6.29
CA VAL A 31 -3.71 6.23 6.11
C VAL A 31 -3.73 7.23 7.26
N ASP A 32 -2.63 7.30 7.97
CA ASP A 32 -2.48 8.24 9.08
C ASP A 32 -2.32 9.66 8.56
N SER A 33 -1.56 9.81 7.48
CA SER A 33 -1.31 11.12 6.90
C SER A 33 -0.60 10.97 5.56
N ILE A 34 -0.59 12.04 4.79
CA ILE A 34 0.11 12.07 3.51
C ILE A 34 0.85 13.39 3.38
N LYS A 35 2.12 13.29 3.02
CA LYS A 35 2.99 14.44 2.94
C LYS A 35 3.69 14.49 1.59
N GLY A 36 3.19 15.33 0.69
CA GLY A 36 3.79 15.46 -0.62
C GLY A 36 3.62 14.18 -1.44
N GLN A 37 4.72 13.44 -1.59
CA GLN A 37 4.74 12.22 -2.40
C GLN A 37 4.78 11.00 -1.48
N PHE A 38 4.65 11.23 -0.17
CA PHE A 38 4.81 10.15 0.77
C PHE A 38 3.60 10.04 1.67
N GLY A 39 3.21 8.83 1.96
CA GLY A 39 2.09 8.59 2.82
C GLY A 39 2.47 7.72 3.98
N PHE A 40 1.71 7.82 5.06
CA PHE A 40 1.99 7.04 6.25
C PHE A 40 0.72 6.36 6.71
N LEU A 41 0.86 5.15 7.24
CA LEU A 41 -0.28 4.40 7.69
C LEU A 41 -0.13 4.08 9.16
N ASN A 42 -1.24 3.92 9.86
CA ASN A 42 -1.20 3.59 11.27
C ASN A 42 -0.82 2.12 11.44
N PHE A 43 0.45 1.82 11.22
CA PHE A 43 0.96 0.48 11.35
C PHE A 43 2.36 0.51 11.94
N GLU A 44 2.44 0.28 13.24
CA GLU A 44 3.72 0.23 13.93
C GLU A 44 4.37 -1.12 13.71
N VAL A 45 5.34 -1.15 12.81
CA VAL A 45 6.04 -2.38 12.46
C VAL A 45 7.02 -2.76 13.56
N GLU A 46 7.73 -1.76 14.02
CA GLU A 46 8.62 -1.87 15.13
C GLU A 46 8.26 -0.73 16.09
N ASP A 47 8.97 -0.65 17.20
CA ASP A 47 8.78 0.37 18.25
C ASP A 47 8.29 1.73 17.72
N GLY A 48 6.99 1.84 17.53
CA GLY A 48 6.40 3.13 17.17
C GLY A 48 6.77 3.54 15.76
N LYS A 49 7.40 2.63 15.04
CA LYS A 49 7.90 2.93 13.71
C LYS A 49 6.74 2.99 12.74
N LYS A 50 6.46 4.19 12.26
CA LYS A 50 5.30 4.43 11.42
C LYS A 50 5.58 3.98 10.00
N LEU A 51 4.67 3.20 9.44
CA LEU A 51 4.80 2.73 8.08
C LEU A 51 4.66 3.87 7.09
N PHE A 52 5.64 4.00 6.21
CA PHE A 52 5.58 4.99 5.16
C PHE A 52 5.47 4.31 3.82
N PHE A 53 4.97 5.03 2.84
CA PHE A 53 4.90 4.53 1.49
C PHE A 53 5.08 5.68 0.52
N HIS A 54 5.59 5.37 -0.66
CA HIS A 54 5.78 6.37 -1.68
C HIS A 54 4.55 6.38 -2.60
N MET A 55 4.23 7.55 -3.12
CA MET A 55 3.05 7.75 -3.96
C MET A 55 3.14 6.97 -5.28
N SER A 56 4.22 6.21 -5.44
CA SER A 56 4.40 5.35 -6.61
C SER A 56 3.78 3.97 -6.37
N GLU A 57 3.58 3.62 -5.09
CA GLU A 57 2.93 2.37 -4.72
C GLU A 57 1.42 2.56 -4.72
N VAL A 58 1.02 3.82 -4.82
CA VAL A 58 -0.37 4.22 -4.71
C VAL A 58 -1.24 3.67 -5.85
N GLN A 59 -2.49 3.38 -5.51
CA GLN A 59 -3.44 2.71 -6.40
C GLN A 59 -3.76 3.56 -7.63
N GLY A 60 -3.10 3.24 -8.74
CA GLY A 60 -3.44 3.84 -10.01
C GLY A 60 -2.98 5.27 -10.16
N ASN A 61 -3.71 6.17 -9.54
CA ASN A 61 -3.42 7.59 -9.65
C ASN A 61 -3.13 8.16 -8.28
N THR A 62 -2.29 9.18 -8.25
CA THR A 62 -1.79 9.72 -7.03
C THR A 62 -2.86 10.46 -6.22
N VAL A 63 -3.93 10.87 -6.90
CA VAL A 63 -5.00 11.58 -6.24
C VAL A 63 -6.16 10.62 -5.93
N ALA A 64 -5.94 9.34 -6.20
CA ALA A 64 -6.96 8.33 -5.94
C ALA A 64 -6.88 7.85 -4.50
N LEU A 65 -5.70 7.98 -3.91
CA LEU A 65 -5.48 7.55 -2.55
C LEU A 65 -5.43 8.77 -1.62
N HIS A 66 -6.25 8.79 -0.59
CA HIS A 66 -6.35 9.93 0.31
C HIS A 66 -6.10 9.52 1.76
N PRO A 67 -5.64 10.46 2.61
CA PRO A 67 -5.43 10.20 4.03
C PRO A 67 -6.75 10.01 4.78
N GLY A 68 -6.73 9.13 5.77
CA GLY A 68 -7.94 8.82 6.51
C GLY A 68 -8.76 7.72 5.87
N ASP A 69 -8.41 7.38 4.64
CA ASP A 69 -9.08 6.30 3.93
C ASP A 69 -8.42 4.97 4.23
N THR A 70 -9.17 3.88 4.11
CA THR A 70 -8.62 2.56 4.30
C THR A 70 -7.82 2.16 3.06
N VAL A 71 -6.67 1.55 3.26
CA VAL A 71 -5.83 1.13 2.17
C VAL A 71 -5.28 -0.25 2.44
N GLU A 72 -4.79 -0.86 1.40
CA GLU A 72 -4.09 -2.10 1.53
C GLU A 72 -2.65 -1.90 1.07
N PHE A 73 -1.73 -2.64 1.66
CA PHE A 73 -0.32 -2.48 1.38
C PHE A 73 0.42 -3.74 1.69
N SER A 74 1.72 -3.74 1.44
CA SER A 74 2.54 -4.90 1.74
C SER A 74 3.67 -4.48 2.66
N VAL A 75 3.90 -5.23 3.70
CA VAL A 75 4.88 -4.85 4.69
C VAL A 75 6.21 -5.57 4.43
N VAL A 76 7.13 -4.85 3.78
CA VAL A 76 8.44 -5.38 3.48
C VAL A 76 9.50 -4.75 4.39
N THR A 77 10.26 -5.59 5.06
CA THR A 77 11.30 -5.13 5.99
C THR A 77 12.50 -4.57 5.25
N ASN A 78 12.96 -3.40 5.68
CA ASN A 78 14.18 -2.82 5.15
C ASN A 78 15.37 -3.56 5.73
N GLN A 79 16.13 -4.20 4.87
CA GLN A 79 17.25 -5.04 5.29
C GLN A 79 18.28 -4.24 6.12
N ARG A 80 18.37 -2.95 5.87
CA ARG A 80 19.36 -2.12 6.52
C ARG A 80 18.81 -1.44 7.77
N ASN A 81 17.68 -0.76 7.64
CA ASN A 81 17.13 0.04 8.73
C ASN A 81 16.37 -0.80 9.74
N GLY A 82 15.74 -1.86 9.28
CA GLY A 82 14.97 -2.71 10.16
C GLY A 82 13.48 -2.41 10.12
N LYS A 83 13.14 -1.19 9.68
CA LYS A 83 11.74 -0.80 9.56
C LYS A 83 11.20 -1.31 8.23
N SER A 84 9.89 -1.28 8.07
CA SER A 84 9.29 -1.79 6.86
C SER A 84 8.83 -0.65 5.95
N SER A 85 8.22 -1.01 4.84
CA SER A 85 7.69 -0.04 3.89
C SER A 85 6.45 -0.62 3.22
N ALA A 86 5.47 0.23 2.92
CA ALA A 86 4.25 -0.20 2.26
C ALA A 86 4.42 -0.24 0.76
N CYS A 87 4.24 -1.42 0.19
CA CYS A 87 4.31 -1.61 -1.25
C CYS A 87 2.97 -2.07 -1.77
N ASN A 88 2.63 -1.65 -2.98
CA ASN A 88 1.32 -1.93 -3.58
C ASN A 88 0.20 -1.41 -2.69
N VAL A 89 0.03 -0.09 -2.68
CA VAL A 89 -1.00 0.56 -1.89
C VAL A 89 -2.32 0.62 -2.65
N LEU A 90 -3.29 -0.15 -2.19
CA LEU A 90 -4.61 -0.20 -2.82
C LEU A 90 -5.62 0.63 -2.04
N LYS A 91 -6.59 1.18 -2.74
CA LYS A 91 -7.69 1.90 -2.10
C LYS A 91 -8.70 0.89 -1.58
N ILE A 92 -8.97 0.94 -0.29
CA ILE A 92 -9.88 -0.02 0.32
C ILE A 92 -11.10 0.69 0.93
N ASN A 93 -12.26 0.10 0.72
CA ASN A 93 -13.49 0.56 1.36
C ASN A 93 -13.98 -0.50 2.33
N ASP A 94 -14.53 -0.07 3.46
CA ASP A 94 -15.05 -1.01 4.46
C ASP A 94 -16.31 -1.70 3.94
N GLY A 1 -20.15 -14.68 14.45
CA GLY A 1 -19.77 -13.29 14.65
C GLY A 1 -19.31 -12.64 13.38
N ALA A 2 -19.86 -13.11 12.26
CA ALA A 2 -19.52 -12.57 10.95
C ALA A 2 -20.77 -12.06 10.25
N LYS A 3 -20.82 -10.75 10.04
CA LYS A 3 -21.94 -10.13 9.37
C LYS A 3 -21.46 -9.29 8.20
N GLY A 4 -22.25 -9.30 7.14
CA GLY A 4 -21.90 -8.54 5.96
C GLY A 4 -21.91 -9.38 4.72
N ASP A 5 -21.88 -8.73 3.57
CA ASP A 5 -21.88 -9.43 2.29
C ASP A 5 -21.14 -8.60 1.25
N LEU A 6 -20.28 -9.26 0.48
CA LEU A 6 -19.49 -8.59 -0.54
C LEU A 6 -20.14 -8.77 -1.90
N VAL A 7 -20.03 -7.74 -2.73
CA VAL A 7 -20.60 -7.79 -4.07
C VAL A 7 -19.86 -8.79 -4.94
N SER A 8 -18.54 -8.81 -4.79
CA SER A 8 -17.67 -9.70 -5.54
C SER A 8 -17.80 -9.48 -7.05
N PHE A 9 -18.19 -8.26 -7.42
CA PHE A 9 -18.39 -7.91 -8.82
C PHE A 9 -17.04 -7.71 -9.49
N ARG A 10 -16.11 -7.17 -8.73
CA ARG A 10 -14.77 -6.90 -9.23
C ARG A 10 -13.77 -7.01 -8.09
N ILE A 11 -12.69 -7.71 -8.31
CA ILE A 11 -11.63 -7.80 -7.32
C ILE A 11 -10.29 -7.49 -7.94
N ASP A 12 -9.73 -6.34 -7.58
CA ASP A 12 -8.44 -5.94 -8.08
C ASP A 12 -7.37 -6.04 -7.01
N GLU A 13 -7.79 -6.29 -5.77
CA GLU A 13 -6.87 -6.59 -4.69
C GLU A 13 -6.57 -8.10 -4.67
N SER A 14 -7.00 -8.77 -5.73
CA SER A 14 -6.96 -10.24 -5.81
C SER A 14 -5.57 -10.80 -5.55
N GLY A 15 -4.54 -10.10 -6.01
CA GLY A 15 -3.18 -10.58 -5.85
C GLY A 15 -2.97 -11.92 -6.54
N ARG A 16 -3.36 -11.99 -7.80
CA ARG A 16 -3.24 -13.21 -8.58
C ARG A 16 -1.76 -13.51 -8.82
N ALA A 17 -1.44 -14.78 -9.06
CA ALA A 17 -0.05 -15.25 -9.17
C ALA A 17 0.77 -14.47 -10.20
N ALA A 18 0.10 -13.73 -11.08
CA ALA A 18 0.78 -12.96 -12.11
C ALA A 18 1.56 -11.79 -11.50
N CYS A 19 1.20 -11.40 -10.27
CA CYS A 19 1.90 -10.33 -9.58
C CYS A 19 1.77 -10.49 -8.07
N VAL A 20 2.89 -10.37 -7.37
CA VAL A 20 2.90 -10.49 -5.91
C VAL A 20 4.22 -9.94 -5.35
N ASN A 21 4.14 -9.23 -4.23
CA ASN A 21 5.32 -8.65 -3.61
C ASN A 21 5.30 -8.90 -2.10
N ALA A 22 6.44 -8.71 -1.45
CA ALA A 22 6.56 -8.85 0.01
C ALA A 22 6.26 -10.28 0.46
N VAL A 23 6.39 -11.23 -0.46
CA VAL A 23 6.12 -12.65 -0.20
C VAL A 23 4.67 -12.85 0.25
N ARG A 24 3.77 -12.68 -0.73
CA ARG A 24 2.32 -12.88 -0.58
C ARG A 24 1.71 -12.19 0.65
N GLN A 25 2.39 -11.19 1.19
CA GLN A 25 1.94 -10.57 2.42
C GLN A 25 1.29 -9.22 2.18
N LYS A 26 -0.02 -9.15 2.42
CA LYS A 26 -0.71 -7.88 2.39
C LYS A 26 -1.17 -7.50 3.80
N LYS A 27 -0.95 -6.25 4.16
CA LYS A 27 -1.47 -5.71 5.40
C LYS A 27 -2.53 -4.66 5.07
N ARG A 28 -3.57 -4.56 5.91
CA ARG A 28 -4.61 -3.58 5.68
C ARG A 28 -4.74 -2.65 6.87
N ALA A 29 -4.69 -1.35 6.60
CA ALA A 29 -4.75 -0.33 7.63
C ALA A 29 -5.22 0.99 7.03
N THR A 30 -5.33 2.00 7.86
CA THR A 30 -5.80 3.29 7.41
C THR A 30 -4.64 4.25 7.19
N VAL A 31 -4.74 5.10 6.18
CA VAL A 31 -3.73 6.12 5.94
C VAL A 31 -3.73 7.12 7.09
N ASP A 32 -2.63 7.17 7.80
CA ASP A 32 -2.46 8.11 8.90
C ASP A 32 -2.35 9.53 8.36
N SER A 33 -1.49 9.70 7.36
CA SER A 33 -1.19 11.01 6.81
C SER A 33 -0.60 10.85 5.42
N ILE A 34 -0.64 11.92 4.65
CA ILE A 34 0.01 11.96 3.35
C ILE A 34 0.70 13.30 3.16
N LYS A 35 1.95 13.25 2.76
CA LYS A 35 2.78 14.44 2.65
C LYS A 35 3.46 14.49 1.29
N GLY A 36 2.84 15.20 0.35
CA GLY A 36 3.40 15.32 -0.97
C GLY A 36 3.40 14.01 -1.73
N GLN A 37 4.57 13.41 -1.87
CA GLN A 37 4.72 12.15 -2.61
C GLN A 37 4.80 10.98 -1.66
N PHE A 38 4.46 11.20 -0.39
CA PHE A 38 4.63 10.16 0.60
C PHE A 38 3.40 10.02 1.46
N GLY A 39 3.08 8.79 1.80
CA GLY A 39 1.97 8.52 2.65
C GLY A 39 2.38 7.68 3.83
N PHE A 40 1.60 7.75 4.89
CA PHE A 40 1.88 6.98 6.07
C PHE A 40 0.62 6.27 6.52
N LEU A 41 0.79 5.11 7.12
CA LEU A 41 -0.34 4.32 7.57
C LEU A 41 -0.19 4.05 9.05
N ASN A 42 -1.28 3.94 9.78
CA ASN A 42 -1.21 3.70 11.21
C ASN A 42 -0.89 2.24 11.48
N PHE A 43 0.36 1.89 11.22
CA PHE A 43 0.85 0.54 11.40
C PHE A 43 2.25 0.60 11.99
N GLU A 44 2.34 0.43 13.30
CA GLU A 44 3.60 0.54 14.00
C GLU A 44 4.36 -0.78 13.96
N VAL A 45 5.34 -0.82 13.07
CA VAL A 45 6.14 -2.03 12.83
C VAL A 45 7.24 -2.16 13.88
N GLU A 46 7.70 -1.01 14.32
CA GLU A 46 8.74 -0.90 15.30
C GLU A 46 8.25 0.13 16.30
N ASP A 47 9.03 0.39 17.34
CA ASP A 47 8.70 1.36 18.40
C ASP A 47 8.06 2.65 17.86
N GLY A 48 6.75 2.61 17.67
CA GLY A 48 6.01 3.80 17.29
C GLY A 48 6.27 4.18 15.85
N LYS A 49 6.95 3.29 15.14
CA LYS A 49 7.31 3.52 13.76
C LYS A 49 6.09 3.55 12.88
N LYS A 50 5.74 4.72 12.37
CA LYS A 50 4.59 4.85 11.49
C LYS A 50 5.00 4.40 10.09
N LEU A 51 4.27 3.43 9.55
CA LEU A 51 4.58 2.89 8.24
C LEU A 51 4.48 3.98 7.17
N PHE A 52 5.45 4.00 6.28
CA PHE A 52 5.46 4.97 5.20
C PHE A 52 5.41 4.27 3.85
N PHE A 53 5.00 5.02 2.84
CA PHE A 53 5.04 4.54 1.46
C PHE A 53 5.25 5.71 0.52
N HIS A 54 5.82 5.44 -0.63
CA HIS A 54 5.98 6.47 -1.64
C HIS A 54 4.77 6.42 -2.57
N MET A 55 4.38 7.58 -3.07
CA MET A 55 3.21 7.73 -3.93
C MET A 55 3.30 6.88 -5.20
N SER A 56 4.50 6.41 -5.51
CA SER A 56 4.70 5.55 -6.67
C SER A 56 3.94 4.23 -6.49
N GLU A 57 3.78 3.81 -5.23
CA GLU A 57 3.10 2.55 -4.91
C GLU A 57 1.60 2.78 -4.69
N VAL A 58 1.20 4.05 -4.73
CA VAL A 58 -0.20 4.43 -4.52
C VAL A 58 -1.11 3.84 -5.63
N GLN A 59 -2.37 3.61 -5.27
CA GLN A 59 -3.34 2.99 -6.18
C GLN A 59 -3.66 3.90 -7.36
N GLY A 60 -2.99 3.65 -8.48
CA GLY A 60 -3.29 4.35 -9.71
C GLY A 60 -3.14 5.85 -9.61
N ASN A 61 -4.27 6.54 -9.42
CA ASN A 61 -4.29 7.99 -9.36
C ASN A 61 -4.07 8.46 -7.94
N THR A 62 -3.30 9.51 -7.81
CA THR A 62 -2.90 10.03 -6.52
C THR A 62 -4.04 10.77 -5.84
N VAL A 63 -5.03 11.18 -6.63
CA VAL A 63 -6.19 11.88 -6.11
C VAL A 63 -7.28 10.87 -5.75
N ALA A 64 -6.93 9.59 -5.83
CA ALA A 64 -7.86 8.52 -5.47
C ALA A 64 -7.54 7.96 -4.09
N LEU A 65 -6.36 8.31 -3.59
CA LEU A 65 -5.90 7.79 -2.30
C LEU A 65 -5.61 8.98 -1.39
N HIS A 66 -6.25 9.00 -0.22
CA HIS A 66 -6.15 10.14 0.69
C HIS A 66 -5.95 9.69 2.12
N PRO A 67 -5.41 10.57 2.98
CA PRO A 67 -5.25 10.29 4.41
C PRO A 67 -6.60 10.11 5.10
N GLY A 68 -6.73 9.02 5.85
CA GLY A 68 -7.98 8.71 6.50
C GLY A 68 -8.74 7.62 5.77
N ASP A 69 -8.34 7.36 4.53
CA ASP A 69 -8.92 6.26 3.76
C ASP A 69 -8.29 4.95 4.19
N THR A 70 -9.06 3.89 4.15
CA THR A 70 -8.54 2.56 4.39
C THR A 70 -7.77 2.10 3.17
N VAL A 71 -6.63 1.49 3.36
CA VAL A 71 -5.83 1.01 2.25
C VAL A 71 -5.24 -0.34 2.56
N GLU A 72 -4.87 -1.06 1.53
CA GLU A 72 -4.13 -2.29 1.72
C GLU A 72 -2.76 -2.12 1.10
N PHE A 73 -1.78 -2.73 1.73
CA PHE A 73 -0.40 -2.55 1.36
C PHE A 73 0.36 -3.83 1.63
N SER A 74 1.63 -3.82 1.32
CA SER A 74 2.45 -5.00 1.55
C SER A 74 3.64 -4.60 2.39
N VAL A 75 3.83 -5.30 3.48
CA VAL A 75 4.83 -4.91 4.46
C VAL A 75 6.17 -5.56 4.15
N VAL A 76 7.05 -4.80 3.51
CA VAL A 76 8.36 -5.29 3.13
C VAL A 76 9.42 -4.67 4.04
N THR A 77 10.28 -5.51 4.57
CA THR A 77 11.31 -5.07 5.51
C THR A 77 12.47 -4.40 4.78
N ASN A 78 12.89 -3.25 5.28
CA ASN A 78 14.08 -2.57 4.76
C ASN A 78 15.32 -3.26 5.29
N GLN A 79 16.16 -3.73 4.38
CA GLN A 79 17.34 -4.51 4.76
C GLN A 79 18.40 -3.68 5.48
N ARG A 80 18.17 -2.38 5.57
CA ARG A 80 19.11 -1.49 6.24
C ARG A 80 18.77 -1.42 7.74
N ASN A 81 17.57 -0.94 8.05
CA ASN A 81 17.19 -0.68 9.44
C ASN A 81 16.41 -1.85 10.03
N GLY A 82 15.68 -2.54 9.19
CA GLY A 82 14.76 -3.54 9.67
C GLY A 82 13.36 -2.99 9.79
N LYS A 83 13.22 -1.70 9.50
CA LYS A 83 11.91 -1.05 9.47
C LYS A 83 11.22 -1.39 8.16
N SER A 84 9.92 -1.55 8.21
CA SER A 84 9.18 -1.98 7.03
C SER A 84 8.72 -0.80 6.19
N SER A 85 8.08 -1.13 5.07
CA SER A 85 7.50 -0.15 4.18
C SER A 85 6.27 -0.74 3.50
N ALA A 86 5.35 0.09 3.09
CA ALA A 86 4.16 -0.34 2.39
C ALA A 86 4.39 -0.25 0.89
N CYS A 87 4.25 -1.38 0.22
CA CYS A 87 4.33 -1.41 -1.23
C CYS A 87 3.00 -1.87 -1.77
N ASN A 88 2.72 -1.54 -3.02
CA ASN A 88 1.47 -1.94 -3.65
C ASN A 88 0.28 -1.47 -2.82
N VAL A 89 0.15 -0.15 -2.72
CA VAL A 89 -0.89 0.48 -1.90
C VAL A 89 -2.21 0.57 -2.66
N LEU A 90 -3.24 -0.09 -2.14
CA LEU A 90 -4.55 -0.12 -2.78
C LEU A 90 -5.58 0.62 -1.94
N LYS A 91 -6.56 1.22 -2.60
CA LYS A 91 -7.62 1.94 -1.91
C LYS A 91 -8.72 1.00 -1.46
N ILE A 92 -8.88 0.92 -0.15
CA ILE A 92 -9.87 0.05 0.45
C ILE A 92 -11.05 0.87 0.94
N ASN A 93 -12.20 0.65 0.34
CA ASN A 93 -13.38 1.43 0.65
C ASN A 93 -14.26 0.70 1.65
N ASP A 94 -14.26 1.21 2.88
CA ASP A 94 -14.99 0.58 3.97
C ASP A 94 -16.50 0.86 3.86
#